data_8GQN
#
_entry.id   8GQN
#
_cell.length_a   73.836
_cell.length_b   94.180
_cell.length_c   113.255
_cell.angle_alpha   90.000
_cell.angle_beta   107.470
_cell.angle_gamma   90.000
#
_symmetry.space_group_name_H-M   'P 1 21 1'
#
loop_
_entity.id
_entity.type
_entity.pdbx_description
1 polymer Thiolase
2 non-polymer 'COENZYME A'
3 water water
#
_entity_poly.entity_id   1
_entity_poly.type   'polypeptide(L)'
_entity_poly.pdbx_seq_one_letter_code
;MSDIVIVAGARTPMGGFQGSLAGVSAVDLGAVAIREAVQRAGIAAEDVQEVIMGCVLPAGLKQGPARQAALAAGLPAATG
CTTINKLCGSGMKAVMLAHDLLKAGTNQVMVAGGMESMSNAPYVLEKARSGLRMGHGEIKDHMFLDGLEDARTGRLMGSF
AQETADKYGVTREEMDAYAIESLKRAQAAIADGSLAAEIVPVTVTSRKGESVVKDDEQPLTANLEKIPSLRPAFRKDGTI
TAANASSISDGASALVLMTAEEAQRRGLKPLARIVGHATQSQDPSEFTLAPIGAMTNLFARTGWSKDDVDLFEINEAFAM
VTMLAMREHGLDHAKVNVYGGACAQGHPVGSTGSRIILTLINALRQKGGKRGVASLCIGGGEATAVALELLLEHHHHHH
;
_entity_poly.pdbx_strand_id   A,B,C,D
#
loop_
_chem_comp.id
_chem_comp.type
_chem_comp.name
_chem_comp.formula
COA non-polymer 'COENZYME A' 'C21 H36 N7 O16 P3 S'
#
# COMPACT_ATOMS: atom_id res chain seq x y z
N SER A 2 32.06 40.46 13.63
CA SER A 2 32.42 39.19 12.92
C SER A 2 31.89 39.23 11.48
N ASP A 3 32.73 39.54 10.49
CA ASP A 3 32.32 39.52 9.05
C ASP A 3 32.33 38.06 8.59
N ILE A 4 31.20 37.60 8.02
CA ILE A 4 30.94 36.16 7.69
C ILE A 4 31.26 35.92 6.21
N VAL A 5 32.13 34.93 5.94
CA VAL A 5 32.63 34.59 4.57
C VAL A 5 32.13 33.21 4.16
N ILE A 6 31.66 33.09 2.93
CA ILE A 6 31.63 31.79 2.19
C ILE A 6 33.08 31.52 1.80
N VAL A 7 33.56 30.27 1.96
CA VAL A 7 34.99 29.88 1.74
C VAL A 7 35.11 28.96 0.52
N ALA A 8 34.21 27.98 0.35
CA ALA A 8 34.04 27.26 -0.93
C ALA A 8 32.69 26.54 -0.96
N GLY A 9 32.36 26.01 -2.13
CA GLY A 9 31.02 25.44 -2.35
C GLY A 9 31.04 24.44 -3.48
N ALA A 10 30.02 23.61 -3.52
CA ALA A 10 29.96 22.47 -4.44
C ALA A 10 28.48 22.15 -4.67
N ARG A 11 28.14 21.67 -5.84
CA ARG A 11 26.73 21.32 -6.10
C ARG A 11 26.73 20.24 -7.16
N THR A 12 25.94 19.20 -6.97
CA THR A 12 25.86 18.08 -7.92
C THR A 12 25.13 18.56 -9.16
N PRO A 13 25.27 17.82 -10.29
CA PRO A 13 24.38 17.97 -11.43
C PRO A 13 22.95 17.76 -10.90
N MET A 14 22.02 18.44 -11.53
CA MET A 14 20.57 18.23 -11.30
C MET A 14 20.11 17.21 -12.35
N GLY A 15 19.60 16.07 -11.89
CA GLY A 15 19.01 15.04 -12.75
C GLY A 15 17.50 15.22 -12.87
N GLY A 16 16.94 14.86 -14.02
CA GLY A 16 15.48 14.91 -14.22
C GLY A 16 14.80 13.88 -13.33
N PHE A 17 13.50 14.01 -13.14
CA PHE A 17 12.62 12.97 -12.51
C PHE A 17 12.94 11.60 -13.16
N GLN A 18 13.53 10.70 -12.36
CA GLN A 18 13.74 9.26 -12.68
C GLN A 18 14.75 9.13 -13.82
N GLY A 19 15.88 9.82 -13.70
CA GLY A 19 16.97 9.80 -14.70
C GLY A 19 18.33 9.66 -14.04
N SER A 20 19.27 10.47 -14.51
CA SER A 20 20.74 10.33 -14.32
C SER A 20 21.16 10.32 -12.85
N LEU A 21 20.35 10.70 -11.87
CA LEU A 21 20.85 10.67 -10.47
C LEU A 21 19.90 9.89 -9.56
N ALA A 22 19.13 8.97 -10.17
CA ALA A 22 17.98 8.26 -9.58
C ALA A 22 18.47 7.06 -8.76
N GLY A 23 19.51 6.37 -9.23
CA GLY A 23 20.12 5.25 -8.51
C GLY A 23 20.61 5.75 -7.16
N VAL A 24 21.11 6.99 -7.13
CA VAL A 24 21.75 7.58 -5.93
C VAL A 24 20.64 8.13 -5.07
N SER A 25 20.79 7.95 -3.76
CA SER A 25 19.90 8.55 -2.73
C SER A 25 20.23 10.03 -2.61
N ALA A 26 19.46 10.73 -1.78
CA ALA A 26 19.59 12.17 -1.49
C ALA A 26 20.68 12.38 -0.41
N VAL A 27 20.67 11.53 0.61
CA VAL A 27 21.76 11.36 1.63
C VAL A 27 23.10 11.26 0.90
N ASP A 28 23.08 10.54 -0.21
CA ASP A 28 24.27 10.09 -0.98
C ASP A 28 24.70 11.20 -1.93
N LEU A 29 23.77 12.04 -2.36
CA LEU A 29 24.11 13.22 -3.22
C LEU A 29 24.61 14.32 -2.28
N GLY A 30 24.03 14.39 -1.08
CA GLY A 30 24.49 15.33 -0.02
C GLY A 30 25.94 15.10 0.37
N ALA A 31 26.41 13.86 0.25
CA ALA A 31 27.75 13.40 0.72
C ALA A 31 28.76 13.87 -0.31
N VAL A 32 28.53 13.51 -1.57
CA VAL A 32 29.38 13.92 -2.73
C VAL A 32 29.71 15.41 -2.55
N ALA A 33 28.65 16.23 -2.37
CA ALA A 33 28.67 17.70 -2.35
C ALA A 33 29.38 18.24 -1.09
N ILE A 34 29.11 17.69 0.10
CA ILE A 34 29.77 18.07 1.39
C ILE A 34 31.29 17.81 1.28
N ARG A 35 31.64 16.65 0.75
CA ARG A 35 33.04 16.19 0.60
C ARG A 35 33.79 17.23 -0.23
N GLU A 36 33.36 17.41 -1.49
CA GLU A 36 34.05 18.25 -2.52
C GLU A 36 34.07 19.73 -2.09
N ALA A 37 33.15 20.16 -1.22
CA ALA A 37 33.18 21.54 -0.66
C ALA A 37 34.30 21.62 0.37
N VAL A 38 34.22 20.81 1.42
CA VAL A 38 35.15 20.87 2.58
C VAL A 38 36.59 20.76 2.05
N GLN A 39 36.78 19.97 1.00
CA GLN A 39 38.10 19.76 0.34
C GLN A 39 38.57 21.10 -0.27
N ARG A 40 37.86 21.58 -1.31
CA ARG A 40 38.10 22.84 -2.05
C ARG A 40 38.37 24.02 -1.11
N ALA A 41 37.77 24.03 0.07
CA ALA A 41 37.98 25.07 1.10
C ALA A 41 39.41 24.99 1.65
N GLY A 42 40.13 23.91 1.32
CA GLY A 42 41.51 23.65 1.75
C GLY A 42 41.58 23.43 3.25
N ILE A 43 40.54 22.79 3.81
CA ILE A 43 40.41 22.40 5.25
C ILE A 43 40.28 20.87 5.36
N ALA A 44 40.27 20.36 6.59
CA ALA A 44 40.10 18.94 6.92
C ALA A 44 38.72 18.72 7.53
N ALA A 45 38.13 17.55 7.25
CA ALA A 45 36.89 17.00 7.85
C ALA A 45 36.82 17.38 9.33
N GLU A 46 37.76 16.90 10.15
CA GLU A 46 37.80 17.09 11.62
C GLU A 46 37.40 18.54 11.97
N ASP A 47 37.80 19.50 11.12
CA ASP A 47 37.71 20.97 11.34
C ASP A 47 36.26 21.50 11.30
N VAL A 48 35.31 20.73 10.76
CA VAL A 48 33.86 21.11 10.64
C VAL A 48 33.11 20.81 11.96
N GLN A 49 32.43 21.81 12.53
CA GLN A 49 31.90 21.74 13.91
C GLN A 49 30.41 21.46 13.84
N GLU A 50 29.66 22.17 13.00
CA GLU A 50 28.22 21.90 12.74
C GLU A 50 27.92 21.81 11.23
N VAL A 51 26.85 21.11 10.88
CA VAL A 51 26.29 20.94 9.50
C VAL A 51 24.80 21.31 9.57
N ILE A 52 24.28 22.03 8.57
CA ILE A 52 22.82 22.31 8.46
C ILE A 52 22.36 22.01 7.04
N MET A 53 21.66 20.90 6.85
CA MET A 53 21.25 20.40 5.51
C MET A 53 19.73 20.51 5.35
N GLY A 54 19.25 21.31 4.41
CA GLY A 54 17.82 21.34 4.05
C GLY A 54 17.38 20.00 3.48
N CYS A 55 16.06 19.78 3.34
CA CYS A 55 15.43 18.56 2.77
C CYS A 55 13.92 18.62 3.04
N VAL A 56 13.12 18.74 1.99
CA VAL A 56 11.64 18.87 2.12
C VAL A 56 11.03 17.46 2.20
N LEU A 57 11.64 16.47 1.53
CA LEU A 57 11.06 15.11 1.39
C LEU A 57 11.90 14.07 2.14
N PRO A 58 11.73 13.88 3.48
CA PRO A 58 12.52 12.91 4.25
C PRO A 58 11.91 11.51 4.44
N ALA A 59 10.71 11.25 3.91
CA ALA A 59 10.08 9.92 3.90
C ALA A 59 10.94 8.95 3.09
N GLY A 60 11.35 7.84 3.72
CA GLY A 60 12.17 6.77 3.12
C GLY A 60 13.68 7.02 3.19
N LEU A 61 14.11 8.12 3.84
CA LEU A 61 15.54 8.57 3.83
C LEU A 61 16.32 7.92 4.97
N LYS A 62 15.60 7.38 5.96
CA LYS A 62 16.14 6.77 7.22
C LYS A 62 16.67 7.87 8.16
N GLN A 63 16.77 7.54 9.44
CA GLN A 63 17.02 8.45 10.58
C GLN A 63 18.14 9.44 10.25
N GLY A 64 17.90 10.73 10.52
CA GLY A 64 18.83 11.87 10.40
C GLY A 64 19.39 12.06 8.99
N PRO A 65 18.59 12.50 7.98
CA PRO A 65 19.08 12.59 6.59
C PRO A 65 20.41 13.36 6.45
N ALA A 66 20.57 14.44 7.22
CA ALA A 66 21.81 15.25 7.34
C ALA A 66 22.93 14.46 8.05
N ARG A 67 22.63 13.62 9.04
CA ARG A 67 23.64 12.81 9.79
C ARG A 67 24.30 11.80 8.84
N GLN A 68 23.50 11.16 8.01
CA GLN A 68 23.94 10.22 6.94
C GLN A 68 24.72 10.98 5.85
N ALA A 69 24.21 12.09 5.33
CA ALA A 69 24.95 12.93 4.37
C ALA A 69 26.38 13.19 4.85
N ALA A 70 26.54 13.81 6.02
CA ALA A 70 27.83 14.21 6.64
C ALA A 70 28.73 12.98 6.86
N LEU A 71 28.26 11.96 7.61
CA LEU A 71 29.06 10.73 7.90
C LEU A 71 29.61 10.20 6.57
N ALA A 72 28.71 9.79 5.66
CA ALA A 72 29.04 9.21 4.34
C ALA A 72 30.11 10.06 3.68
N ALA A 73 29.94 11.39 3.64
CA ALA A 73 30.92 12.35 3.09
C ALA A 73 32.30 12.09 3.71
N GLY A 74 32.35 11.87 5.01
CA GLY A 74 33.61 11.55 5.71
C GLY A 74 33.82 12.43 6.93
N LEU A 75 32.96 13.43 7.14
CA LEU A 75 32.89 14.18 8.43
C LEU A 75 32.88 13.14 9.55
N PRO A 76 33.68 13.40 10.64
CA PRO A 76 33.70 12.54 11.82
C PRO A 76 32.39 12.72 12.60
N ALA A 77 31.99 11.74 13.39
CA ALA A 77 30.74 11.79 14.16
C ALA A 77 30.77 12.89 15.26
N ALA A 78 31.95 13.43 15.63
CA ALA A 78 32.11 14.59 16.57
C ALA A 78 31.45 15.88 16.03
N THR A 79 30.85 15.81 14.83
CA THR A 79 30.31 16.93 14.01
C THR A 79 28.78 16.94 14.08
N GLY A 80 28.19 17.93 14.75
CA GLY A 80 26.72 18.11 14.90
C GLY A 80 26.03 18.10 13.55
N CYS A 81 24.87 17.46 13.44
CA CYS A 81 24.08 17.39 12.17
C CYS A 81 22.61 17.73 12.43
N THR A 82 22.05 18.63 11.61
CA THR A 82 20.64 19.09 11.66
C THR A 82 20.04 19.03 10.24
N THR A 83 18.76 18.66 10.14
CA THR A 83 17.93 18.69 8.92
C THR A 83 16.85 19.74 9.13
N ILE A 84 16.77 20.75 8.26
CA ILE A 84 15.70 21.79 8.28
C ILE A 84 14.82 21.63 7.03
N ASN A 85 13.57 22.14 7.13
CA ASN A 85 12.53 22.20 6.05
C ASN A 85 11.85 23.56 6.11
N LYS A 86 12.35 24.46 5.26
CA LYS A 86 11.76 25.76 4.90
C LYS A 86 11.29 25.61 3.45
N LEU A 87 10.61 24.50 3.13
CA LEU A 87 10.19 24.11 1.76
C LEU A 87 11.33 24.42 0.80
N CYS A 88 11.03 25.09 -0.32
CA CYS A 88 11.99 25.24 -1.43
C CYS A 88 13.13 26.17 -0.99
N GLY A 89 13.10 26.74 0.22
CA GLY A 89 14.09 27.73 0.68
C GLY A 89 15.04 27.21 1.73
N SER A 90 14.94 25.91 2.04
CA SER A 90 15.71 25.23 3.12
C SER A 90 17.21 25.42 2.90
N GLY A 91 17.69 25.21 1.66
CA GLY A 91 19.08 25.51 1.24
C GLY A 91 19.54 26.87 1.70
N MET A 92 18.85 27.94 1.29
CA MET A 92 19.17 29.34 1.65
C MET A 92 19.06 29.55 3.17
N LYS A 93 17.97 29.05 3.78
CA LYS A 93 17.74 29.15 5.24
C LYS A 93 18.89 28.48 6.00
N ALA A 94 19.23 27.26 5.59
CA ALA A 94 20.37 26.49 6.13
C ALA A 94 21.61 27.37 6.21
N VAL A 95 21.92 28.08 5.10
CA VAL A 95 23.02 29.08 4.99
C VAL A 95 22.74 30.21 5.99
N MET A 96 21.52 30.77 5.90
CA MET A 96 21.07 31.89 6.74
C MET A 96 21.20 31.52 8.22
N LEU A 97 20.95 30.27 8.62
CA LEU A 97 21.09 29.87 10.05
C LEU A 97 22.58 29.78 10.39
N ALA A 98 23.33 29.04 9.57
CA ALA A 98 24.80 28.95 9.66
C ALA A 98 25.32 30.36 9.93
N HIS A 99 24.97 31.29 9.03
CA HIS A 99 25.34 32.73 9.11
C HIS A 99 25.17 33.26 10.55
N ASP A 100 23.94 33.27 11.08
CA ASP A 100 23.62 33.85 12.40
C ASP A 100 24.32 33.05 13.52
N LEU A 101 24.48 31.74 13.36
CA LEU A 101 25.19 30.93 14.38
C LEU A 101 26.67 31.33 14.41
N LEU A 102 27.28 31.53 13.23
CA LEU A 102 28.70 31.95 13.09
C LEU A 102 28.90 33.34 13.71
N LYS A 103 28.09 34.32 13.26
CA LYS A 103 27.87 35.57 14.02
C LYS A 103 27.78 35.22 15.51
N ALA A 104 26.77 34.46 15.93
CA ALA A 104 26.42 34.27 17.35
C ALA A 104 27.67 33.90 18.16
N GLY A 105 28.50 32.98 17.63
CA GLY A 105 29.72 32.48 18.31
C GLY A 105 29.65 31.01 18.70
N THR A 106 28.57 30.31 18.40
CA THR A 106 28.40 28.87 18.69
C THR A 106 29.46 28.05 17.93
N ASN A 107 29.89 28.52 16.77
CA ASN A 107 30.78 27.80 15.82
C ASN A 107 31.64 28.80 15.03
N GLN A 108 32.82 28.37 14.53
CA GLN A 108 33.65 29.14 13.56
C GLN A 108 33.64 28.44 12.19
N VAL A 109 33.53 27.12 12.13
CA VAL A 109 33.54 26.41 10.83
C VAL A 109 32.24 25.63 10.68
N MET A 110 31.51 25.90 9.61
CA MET A 110 30.24 25.19 9.33
C MET A 110 30.16 24.82 7.85
N VAL A 111 29.41 23.76 7.59
CA VAL A 111 28.94 23.37 6.24
C VAL A 111 27.43 23.55 6.32
N ALA A 112 26.85 24.24 5.34
CA ALA A 112 25.39 24.42 5.24
C ALA A 112 25.00 24.23 3.78
N GLY A 113 23.84 23.64 3.51
CA GLY A 113 23.42 23.34 2.13
C GLY A 113 22.16 22.50 2.17
N GLY A 114 21.89 21.72 1.12
CA GLY A 114 20.63 20.94 1.04
C GLY A 114 20.75 19.80 0.06
N MET A 115 19.84 18.82 0.16
CA MET A 115 19.84 17.59 -0.68
C MET A 115 18.41 17.10 -0.91
N GLU A 116 18.11 16.64 -2.12
CA GLU A 116 16.78 16.08 -2.44
C GLU A 116 16.89 15.11 -3.60
N SER A 117 16.17 13.98 -3.50
CA SER A 117 15.87 13.04 -4.61
C SER A 117 14.36 12.90 -4.71
N MET A 118 13.74 13.85 -5.40
CA MET A 118 12.32 13.80 -5.79
C MET A 118 12.02 12.46 -6.49
N SER A 119 12.99 11.84 -7.19
CA SER A 119 12.82 10.55 -7.90
C SER A 119 12.58 9.42 -6.89
N ASN A 120 13.11 9.50 -5.67
CA ASN A 120 13.04 8.40 -4.67
C ASN A 120 12.14 8.81 -3.50
N ALA A 121 11.27 9.81 -3.70
CA ALA A 121 10.19 10.16 -2.74
C ALA A 121 9.17 9.02 -2.74
N PRO A 122 8.90 8.41 -1.57
CA PRO A 122 8.01 7.24 -1.50
C PRO A 122 6.52 7.58 -1.70
N TYR A 123 5.63 6.71 -1.23
CA TYR A 123 4.16 6.91 -1.24
C TYR A 123 3.70 6.65 0.19
N VAL A 124 2.52 7.13 0.60
CA VAL A 124 2.03 6.92 2.00
C VAL A 124 0.55 6.48 2.00
N LEU A 125 0.26 5.47 2.83
CA LEU A 125 -1.06 5.11 3.36
C LEU A 125 -1.29 5.86 4.69
N GLU A 126 -2.42 6.58 4.80
CA GLU A 126 -2.75 7.46 5.96
C GLU A 126 -3.48 6.70 7.08
N LYS A 127 -4.10 5.54 6.81
CA LYS A 127 -4.96 4.85 7.81
C LYS A 127 -4.68 3.33 7.85
N ALA A 128 -3.62 2.87 7.17
CA ALA A 128 -3.10 1.48 7.19
C ALA A 128 -2.82 1.05 8.62
N ARG A 129 -2.44 2.01 9.48
CA ARG A 129 -1.99 1.77 10.89
C ARG A 129 -3.18 1.42 11.78
N SER A 130 -4.24 2.22 11.72
CA SER A 130 -5.43 2.18 12.61
C SER A 130 -6.51 1.29 12.00
N GLY A 131 -6.66 1.29 10.68
CA GLY A 131 -7.51 0.34 9.94
C GLY A 131 -8.46 1.06 9.00
N LEU A 132 -8.56 0.59 7.74
CA LEU A 132 -9.42 1.19 6.69
C LEU A 132 -10.89 0.73 6.84
N ARG A 133 -11.25 0.06 7.94
CA ARG A 133 -12.55 -0.64 8.18
C ARG A 133 -13.09 -1.25 6.86
N MET A 134 -13.62 -0.44 5.94
CA MET A 134 -14.35 -0.89 4.72
C MET A 134 -14.29 0.21 3.64
N GLY A 135 -14.58 -0.12 2.38
CA GLY A 135 -14.58 0.86 1.28
C GLY A 135 -13.18 1.24 0.86
N HIS A 136 -13.05 1.86 -0.32
CA HIS A 136 -11.77 2.24 -0.97
C HIS A 136 -11.04 3.30 -0.13
N GLY A 137 -9.70 3.29 -0.18
CA GLY A 137 -8.82 4.23 0.52
C GLY A 137 -7.93 5.00 -0.46
N GLU A 138 -7.00 5.80 0.08
CA GLU A 138 -6.09 6.66 -0.72
C GLU A 138 -4.66 6.14 -0.54
N ILE A 139 -3.82 6.24 -1.56
CA ILE A 139 -2.34 6.15 -1.38
C ILE A 139 -1.69 7.42 -1.97
N LYS A 140 -0.94 8.12 -1.09
CA LYS A 140 -0.52 9.52 -1.29
C LYS A 140 0.96 9.58 -1.71
N ASP A 141 1.20 10.12 -2.90
CA ASP A 141 2.50 10.61 -3.39
C ASP A 141 3.05 11.58 -2.34
N HIS A 142 4.12 11.21 -1.63
CA HIS A 142 4.69 11.97 -0.50
C HIS A 142 5.16 13.35 -1.01
N MET A 143 5.83 13.39 -2.15
CA MET A 143 6.31 14.63 -2.83
C MET A 143 5.18 15.68 -2.98
N PHE A 144 4.01 15.28 -3.49
CA PHE A 144 2.82 16.17 -3.65
C PHE A 144 2.27 16.53 -2.27
N LEU A 145 1.95 15.53 -1.44
CA LEU A 145 1.16 15.73 -0.18
C LEU A 145 1.96 16.64 0.76
N ASP A 146 3.29 16.47 0.83
CA ASP A 146 4.15 17.11 1.86
C ASP A 146 5.10 18.15 1.27
N GLY A 147 5.21 18.23 -0.06
CA GLY A 147 6.20 19.06 -0.76
C GLY A 147 5.58 20.08 -1.67
N LEU A 148 4.61 19.66 -2.51
CA LEU A 148 4.30 20.34 -3.80
C LEU A 148 2.85 20.89 -3.88
N GLU A 149 2.05 20.80 -2.82
CA GLU A 149 0.66 21.37 -2.84
C GLU A 149 0.39 22.06 -1.50
N ASP A 150 -0.34 23.19 -1.54
CA ASP A 150 -0.79 24.01 -0.38
C ASP A 150 -1.38 23.09 0.67
N ALA A 151 -0.99 23.24 1.94
CA ALA A 151 -1.57 22.53 3.11
C ALA A 151 -3.08 22.79 3.20
N ARG A 152 -3.47 24.07 3.22
CA ARG A 152 -4.87 24.50 3.45
C ARG A 152 -5.74 23.86 2.38
N THR A 153 -5.58 24.27 1.13
CA THR A 153 -6.51 23.97 0.01
C THR A 153 -6.24 22.56 -0.55
N GLY A 154 -4.97 22.16 -0.67
CA GLY A 154 -4.55 20.94 -1.40
C GLY A 154 -4.32 21.23 -2.87
N ARG A 155 -3.95 22.47 -3.19
CA ARG A 155 -3.70 22.91 -4.58
C ARG A 155 -2.20 23.02 -4.85
N LEU A 156 -1.76 22.57 -6.01
CA LEU A 156 -0.31 22.52 -6.38
C LEU A 156 0.19 23.94 -6.54
N MET A 157 1.38 24.23 -5.99
CA MET A 157 2.17 25.46 -6.29
C MET A 157 1.87 25.97 -7.71
N GLY A 158 1.94 25.12 -8.75
CA GLY A 158 1.74 25.52 -10.17
C GLY A 158 0.34 26.10 -10.44
N SER A 159 -0.67 25.68 -9.66
CA SER A 159 -2.08 26.16 -9.74
C SER A 159 -2.19 27.60 -9.22
N PHE A 160 -1.71 27.85 -8.00
CA PHE A 160 -1.53 29.21 -7.40
C PHE A 160 -0.71 30.12 -8.32
N ALA A 161 0.35 29.58 -8.91
CA ALA A 161 1.18 30.30 -9.90
C ALA A 161 0.31 30.67 -11.09
N GLN A 162 -0.48 29.71 -11.61
CA GLN A 162 -1.36 29.90 -12.79
C GLN A 162 -2.31 31.08 -12.57
N GLU A 163 -2.95 31.15 -11.40
CA GLU A 163 -3.96 32.16 -11.03
C GLU A 163 -3.32 33.56 -11.05
N THR A 164 -2.08 33.69 -10.60
CA THR A 164 -1.40 34.99 -10.39
C THR A 164 -0.83 35.49 -11.73
N ALA A 165 -0.25 34.59 -12.52
CA ALA A 165 0.05 34.84 -13.95
C ALA A 165 -1.15 35.54 -14.61
N ASP A 166 -2.35 34.96 -14.51
CA ASP A 166 -3.59 35.51 -15.11
C ASP A 166 -3.88 36.89 -14.52
N LYS A 167 -3.92 36.98 -13.18
CA LYS A 167 -4.20 38.23 -12.43
C LYS A 167 -3.22 39.33 -12.84
N TYR A 168 -1.90 39.05 -12.88
CA TYR A 168 -0.88 40.05 -13.32
C TYR A 168 -0.76 40.07 -14.84
N GLY A 169 -1.65 39.36 -15.56
CA GLY A 169 -1.79 39.42 -17.03
C GLY A 169 -0.52 39.00 -17.76
N VAL A 170 0.18 37.96 -17.27
CA VAL A 170 1.39 37.37 -17.90
C VAL A 170 0.99 36.36 -18.99
N THR A 171 1.22 36.72 -20.26
CA THR A 171 0.67 36.02 -21.45
C THR A 171 1.52 34.78 -21.75
N ARG A 172 0.92 33.81 -22.45
CA ARG A 172 1.57 32.56 -22.91
C ARG A 172 2.92 32.93 -23.53
N GLU A 173 2.90 33.93 -24.42
CA GLU A 173 4.03 34.38 -25.28
C GLU A 173 5.13 34.90 -24.39
N GLU A 174 4.80 35.87 -23.54
CA GLU A 174 5.72 36.56 -22.58
C GLU A 174 6.53 35.52 -21.78
N MET A 175 5.90 34.46 -21.28
CA MET A 175 6.56 33.48 -20.37
C MET A 175 7.53 32.58 -21.16
N ASP A 176 7.12 32.11 -22.34
CA ASP A 176 7.95 31.25 -23.24
C ASP A 176 9.26 31.99 -23.56
N ALA A 177 9.17 33.20 -24.11
CA ALA A 177 10.33 34.09 -24.39
C ALA A 177 11.31 34.09 -23.20
N TYR A 178 10.84 34.26 -21.95
CA TYR A 178 11.71 34.21 -20.74
C TYR A 178 12.45 32.88 -20.71
N ALA A 179 11.71 31.78 -20.96
CA ALA A 179 12.16 30.37 -20.92
C ALA A 179 12.98 30.00 -22.15
N ILE A 180 12.53 30.42 -23.35
CA ILE A 180 13.32 30.31 -24.62
C ILE A 180 14.68 30.98 -24.38
N GLU A 181 14.81 31.85 -23.36
CA GLU A 181 16.13 32.49 -23.03
C GLU A 181 16.86 31.70 -21.94
N SER A 182 16.19 31.18 -20.92
CA SER A 182 16.84 30.43 -19.78
C SER A 182 17.64 29.24 -20.34
N LEU A 183 17.03 28.50 -21.29
CA LEU A 183 17.56 27.27 -21.95
C LEU A 183 18.76 27.62 -22.82
N LYS A 184 18.67 28.73 -23.57
CA LYS A 184 19.77 29.26 -24.41
C LYS A 184 20.95 29.50 -23.47
N ARG A 185 20.74 30.25 -22.40
CA ARG A 185 21.75 30.53 -21.35
C ARG A 185 22.23 29.22 -20.70
N ALA A 186 21.32 28.29 -20.43
CA ALA A 186 21.59 26.97 -19.80
C ALA A 186 22.56 26.13 -20.64
N GLN A 187 22.29 25.97 -21.94
CA GLN A 187 23.14 25.17 -22.88
C GLN A 187 24.51 25.84 -23.12
N ALA A 188 24.55 27.18 -23.14
CA ALA A 188 25.78 27.99 -23.33
C ALA A 188 26.84 27.66 -22.25
N ALA A 189 26.43 27.53 -20.98
CA ALA A 189 27.30 27.29 -19.82
C ALA A 189 27.86 25.86 -19.89
N ILE A 190 27.01 24.87 -20.11
CA ILE A 190 27.41 23.45 -20.41
C ILE A 190 28.43 23.48 -21.56
N ALA A 191 28.01 23.98 -22.72
CA ALA A 191 28.79 24.17 -23.97
C ALA A 191 30.21 24.67 -23.67
N ASP A 192 30.35 25.74 -22.88
CA ASP A 192 31.65 26.44 -22.64
C ASP A 192 32.18 26.26 -21.21
N GLY A 193 31.54 25.46 -20.34
CA GLY A 193 32.08 25.06 -19.03
C GLY A 193 31.96 26.13 -17.95
N SER A 194 30.95 27.01 -18.07
CA SER A 194 30.71 28.17 -17.16
C SER A 194 30.34 27.68 -15.76
N LEU A 195 29.88 26.44 -15.62
CA LEU A 195 29.35 25.85 -14.35
C LEU A 195 30.30 24.76 -13.85
N ALA A 196 31.47 24.56 -14.49
CA ALA A 196 32.46 23.53 -14.10
C ALA A 196 32.99 23.82 -12.70
N ALA A 197 33.29 25.09 -12.40
CA ALA A 197 33.87 25.51 -11.10
C ALA A 197 33.04 24.98 -9.94
N GLU A 198 31.71 25.04 -10.06
CA GLU A 198 30.76 24.85 -8.92
C GLU A 198 30.32 23.38 -8.85
N ILE A 199 30.23 22.69 -10.01
CA ILE A 199 29.78 21.27 -10.11
C ILE A 199 30.90 20.35 -9.60
N VAL A 200 30.59 19.43 -8.66
CA VAL A 200 31.25 18.10 -8.46
C VAL A 200 30.57 17.13 -9.42
N PRO A 201 31.28 16.24 -10.12
CA PRO A 201 30.57 15.16 -10.80
C PRO A 201 30.12 14.09 -9.78
N VAL A 202 29.19 13.24 -10.20
CA VAL A 202 28.59 12.20 -9.32
C VAL A 202 28.55 10.91 -10.12
N THR A 203 29.08 9.85 -9.53
CA THR A 203 29.38 8.58 -10.23
C THR A 203 28.24 7.60 -9.94
N VAL A 204 27.71 7.03 -11.02
CA VAL A 204 26.43 6.27 -11.08
C VAL A 204 26.72 4.91 -11.71
N THR A 205 25.83 3.95 -11.44
CA THR A 205 25.79 2.58 -12.01
C THR A 205 24.70 2.52 -13.08
N SER A 206 25.05 2.25 -14.33
CA SER A 206 24.08 1.80 -15.36
C SER A 206 24.15 0.27 -15.45
N ARG A 207 23.52 -0.30 -16.48
CA ARG A 207 23.67 -1.73 -16.87
C ARG A 207 24.96 -1.92 -17.70
N LYS A 208 25.65 -0.83 -18.05
CA LYS A 208 26.85 -0.83 -18.92
C LYS A 208 28.10 -0.66 -18.04
N GLY A 209 27.94 -0.73 -16.72
CA GLY A 209 29.00 -0.44 -15.75
C GLY A 209 28.83 0.96 -15.17
N GLU A 210 29.94 1.56 -14.74
CA GLU A 210 29.97 2.83 -13.96
C GLU A 210 30.30 3.99 -14.89
N SER A 211 29.42 4.99 -15.00
CA SER A 211 29.62 6.26 -15.75
C SER A 211 29.59 7.43 -14.76
N VAL A 212 30.14 8.59 -15.16
CA VAL A 212 30.11 9.85 -14.37
C VAL A 212 29.07 10.79 -15.00
N VAL A 213 28.24 11.43 -14.16
CA VAL A 213 27.42 12.60 -14.56
C VAL A 213 28.12 13.88 -14.03
N LYS A 214 28.23 14.90 -14.90
CA LYS A 214 28.97 16.18 -14.68
C LYS A 214 28.14 17.41 -15.13
N ASP A 215 27.19 17.20 -16.04
CA ASP A 215 26.30 18.22 -16.62
C ASP A 215 24.90 18.05 -16.00
N ASP A 216 24.09 19.11 -15.98
CA ASP A 216 22.65 19.07 -15.62
C ASP A 216 21.88 18.33 -16.72
N GLU A 217 20.80 17.62 -16.37
CA GLU A 217 20.11 16.66 -17.26
C GLU A 217 19.15 17.40 -18.20
N GLN A 218 18.33 18.31 -17.66
CA GLN A 218 17.20 18.95 -18.39
C GLN A 218 17.74 19.72 -19.60
N PRO A 219 18.76 20.59 -19.45
CA PRO A 219 19.31 21.33 -20.59
C PRO A 219 19.60 20.48 -21.84
N LEU A 220 19.87 19.18 -21.63
CA LEU A 220 20.28 18.21 -22.68
C LEU A 220 19.02 17.57 -23.26
N THR A 221 18.16 17.02 -22.40
CA THR A 221 16.90 16.34 -22.78
C THR A 221 15.81 17.38 -23.11
N ALA A 222 16.18 18.64 -23.32
CA ALA A 222 15.24 19.78 -23.49
C ALA A 222 15.33 20.30 -24.92
N ASN A 223 14.22 20.19 -25.66
CA ASN A 223 14.08 20.59 -27.09
C ASN A 223 13.46 21.99 -27.16
N LEU A 224 14.24 22.95 -27.61
CA LEU A 224 13.95 24.41 -27.58
C LEU A 224 12.79 24.77 -28.53
N GLU A 225 12.62 24.05 -29.65
CA GLU A 225 11.62 24.35 -30.71
C GLU A 225 10.30 23.63 -30.42
N LYS A 226 10.12 23.15 -29.20
CA LYS A 226 8.87 22.51 -28.72
C LYS A 226 8.15 23.46 -27.76
N ILE A 227 8.87 24.40 -27.14
CA ILE A 227 8.42 25.26 -25.99
C ILE A 227 7.15 26.00 -26.38
N PRO A 228 7.00 26.50 -27.62
CA PRO A 228 5.74 27.13 -28.05
C PRO A 228 4.51 26.20 -28.20
N SER A 229 4.69 24.87 -28.27
CA SER A 229 3.57 23.92 -28.54
C SER A 229 3.37 22.89 -27.40
N LEU A 230 4.03 23.05 -26.24
CA LEU A 230 3.80 22.18 -25.05
C LEU A 230 2.41 22.45 -24.49
N ARG A 231 1.84 21.48 -23.78
CA ARG A 231 0.52 21.58 -23.12
C ARG A 231 0.67 22.33 -21.80
N PRO A 232 -0.46 22.85 -21.26
CA PRO A 232 -0.45 23.53 -19.97
C PRO A 232 -0.42 22.48 -18.86
N ALA A 233 0.08 22.84 -17.68
CA ALA A 233 0.43 21.89 -16.61
C ALA A 233 -0.53 21.96 -15.43
N PHE A 234 -1.23 23.08 -15.19
CA PHE A 234 -2.00 23.33 -13.95
C PHE A 234 -3.47 23.71 -14.24
N ARG A 235 -3.81 23.98 -15.50
CA ARG A 235 -5.16 24.42 -15.94
C ARG A 235 -5.32 24.01 -17.40
N LYS A 236 -6.41 23.33 -17.74
CA LYS A 236 -6.73 22.85 -19.12
C LYS A 236 -6.28 23.87 -20.17
N ASP A 237 -6.56 25.17 -19.97
CA ASP A 237 -6.27 26.22 -20.97
C ASP A 237 -5.27 27.24 -20.42
N GLY A 238 -4.41 26.80 -19.51
CA GLY A 238 -3.46 27.65 -18.77
C GLY A 238 -2.31 28.14 -19.63
N THR A 239 -1.45 28.93 -19.01
CA THR A 239 -0.31 29.66 -19.63
C THR A 239 0.99 28.93 -19.24
N ILE A 240 0.99 28.26 -18.08
CA ILE A 240 2.19 27.62 -17.47
C ILE A 240 2.31 26.16 -17.97
N THR A 241 3.40 25.89 -18.69
CA THR A 241 3.82 24.57 -19.23
C THR A 241 5.12 24.13 -18.54
N ALA A 242 5.52 22.88 -18.77
CA ALA A 242 6.82 22.31 -18.36
C ALA A 242 7.94 23.32 -18.54
N ALA A 243 7.96 24.02 -19.68
CA ALA A 243 9.08 24.87 -20.14
C ALA A 243 9.25 26.12 -19.24
N ASN A 244 8.15 26.69 -18.74
CA ASN A 244 8.13 27.92 -17.91
C ASN A 244 7.64 27.60 -16.48
N ALA A 245 7.62 26.31 -16.13
CA ALA A 245 7.56 25.76 -14.76
C ALA A 245 8.88 25.05 -14.49
N SER A 246 9.36 25.00 -13.24
CA SER A 246 10.62 24.28 -12.92
C SER A 246 10.33 22.78 -13.01
N SER A 247 11.30 21.99 -13.49
CA SER A 247 11.26 20.50 -13.52
C SER A 247 11.52 19.96 -12.11
N ILE A 248 11.00 18.75 -11.87
CA ILE A 248 11.15 17.94 -10.62
C ILE A 248 12.47 17.19 -10.75
N SER A 249 13.36 17.39 -9.78
CA SER A 249 14.82 17.16 -9.93
C SER A 249 15.38 16.51 -8.68
N ASP A 250 16.50 15.79 -8.84
CA ASP A 250 17.34 15.25 -7.75
C ASP A 250 18.67 16.01 -7.77
N GLY A 251 19.18 16.41 -6.60
CA GLY A 251 20.48 17.10 -6.48
C GLY A 251 20.83 17.42 -5.04
N ALA A 252 22.06 17.83 -4.77
CA ALA A 252 22.45 18.43 -3.47
C ALA A 252 23.48 19.55 -3.69
N SER A 253 23.77 20.30 -2.63
CA SER A 253 24.70 21.43 -2.67
C SER A 253 25.20 21.75 -1.27
N ALA A 254 26.47 22.08 -1.15
CA ALA A 254 27.09 22.37 0.16
C ALA A 254 28.01 23.57 0.01
N LEU A 255 27.99 24.45 1.00
CA LEU A 255 28.88 25.63 1.11
C LEU A 255 29.65 25.47 2.42
N VAL A 256 30.87 26.00 2.47
CA VAL A 256 31.64 26.02 3.74
C VAL A 256 31.64 27.46 4.23
N LEU A 257 31.08 27.70 5.42
CA LEU A 257 31.02 29.06 6.03
C LEU A 257 32.04 29.15 7.16
N MET A 258 32.52 30.36 7.40
CA MET A 258 33.47 30.70 8.48
C MET A 258 33.26 32.17 8.81
N THR A 259 33.70 32.57 10.01
CA THR A 259 34.06 33.96 10.36
C THR A 259 35.27 34.32 9.51
N ALA A 260 35.40 35.59 9.11
CA ALA A 260 36.46 36.07 8.19
C ALA A 260 37.82 35.86 8.85
N GLU A 261 37.88 35.97 10.19
CA GLU A 261 39.11 35.89 11.02
C GLU A 261 39.42 34.41 11.35
N GLU A 262 38.55 33.48 10.94
CA GLU A 262 38.86 32.03 10.88
C GLU A 262 39.50 31.67 9.54
N ALA A 263 39.03 32.23 8.43
CA ALA A 263 39.66 32.08 7.09
C ALA A 263 41.08 32.68 7.11
N GLN A 264 41.22 33.85 7.73
CA GLN A 264 42.50 34.58 7.94
C GLN A 264 43.45 33.71 8.77
N ARG A 265 43.07 33.37 10.00
CA ARG A 265 43.86 32.55 10.96
C ARG A 265 44.42 31.29 10.27
N ARG A 266 43.59 30.64 9.44
CA ARG A 266 43.93 29.36 8.74
C ARG A 266 44.70 29.63 7.43
N GLY A 267 44.99 30.89 7.11
CA GLY A 267 45.76 31.28 5.92
C GLY A 267 45.05 30.81 4.66
N LEU A 268 43.82 31.26 4.45
CA LEU A 268 42.89 30.84 3.36
C LEU A 268 42.35 32.09 2.64
N LYS A 269 41.97 31.97 1.37
CA LYS A 269 41.37 33.09 0.61
C LYS A 269 39.90 32.74 0.39
N PRO A 270 38.97 33.28 1.21
CA PRO A 270 37.55 33.04 0.98
C PRO A 270 37.14 33.48 -0.43
N LEU A 271 35.98 33.02 -0.90
CA LEU A 271 35.45 33.35 -2.25
C LEU A 271 34.71 34.69 -2.19
N ALA A 272 33.82 34.82 -1.21
CA ALA A 272 32.81 35.89 -1.11
C ALA A 272 32.48 36.15 0.36
N ARG A 273 31.70 37.23 0.62
CA ARG A 273 31.24 37.69 1.94
C ARG A 273 29.70 37.76 1.94
N ILE A 274 29.07 37.27 3.02
CA ILE A 274 27.61 37.46 3.23
C ILE A 274 27.42 38.85 3.80
N VAL A 275 26.82 39.75 3.03
CA VAL A 275 26.58 41.17 3.40
C VAL A 275 25.31 41.25 4.25
N GLY A 276 24.29 40.43 3.95
CA GLY A 276 23.03 40.36 4.71
C GLY A 276 22.01 39.41 4.10
N HIS A 277 21.02 39.02 4.89
CA HIS A 277 19.85 38.20 4.49
C HIS A 277 18.55 38.81 5.01
N ALA A 278 17.44 38.47 4.38
CA ALA A 278 16.08 38.84 4.83
C ALA A 278 15.08 37.80 4.35
N THR A 279 13.94 37.74 5.06
CA THR A 279 12.76 36.90 4.79
C THR A 279 11.56 37.80 4.42
N GLN A 280 10.55 37.21 3.77
CA GLN A 280 9.21 37.82 3.54
C GLN A 280 8.19 36.69 3.77
N SER A 281 7.04 36.99 4.39
CA SER A 281 5.92 36.05 4.66
C SER A 281 4.56 36.74 4.46
N GLN A 282 3.57 35.99 3.95
CA GLN A 282 2.25 36.50 3.48
C GLN A 282 1.39 35.32 3.04
N ASP A 283 0.15 35.59 2.61
CA ASP A 283 -0.85 34.55 2.26
C ASP A 283 -0.18 33.47 1.40
N PRO A 284 -0.26 32.20 1.85
CA PRO A 284 0.23 31.05 1.07
C PRO A 284 -0.20 30.95 -0.41
N SER A 285 -1.22 31.70 -0.82
CA SER A 285 -1.72 31.74 -2.21
C SER A 285 -0.87 32.69 -3.06
N GLU A 286 -0.26 33.68 -2.42
CA GLU A 286 0.57 34.75 -3.05
C GLU A 286 2.03 34.54 -2.63
N PHE A 287 2.64 33.40 -2.98
CA PHE A 287 4.05 33.06 -2.65
C PHE A 287 4.97 33.52 -3.80
N THR A 288 4.52 33.44 -5.06
CA THR A 288 5.35 33.84 -6.22
C THR A 288 5.73 35.33 -6.12
N LEU A 289 4.92 36.18 -5.45
CA LEU A 289 5.15 37.64 -5.24
C LEU A 289 5.99 37.94 -3.98
N ALA A 290 6.54 36.94 -3.26
CA ALA A 290 7.24 37.13 -1.96
C ALA A 290 8.70 37.56 -2.14
N PRO A 291 9.42 37.04 -3.17
CA PRO A 291 10.80 37.47 -3.46
C PRO A 291 10.97 38.99 -3.58
N ILE A 292 9.99 39.64 -4.23
CA ILE A 292 9.90 41.11 -4.35
C ILE A 292 10.06 41.74 -2.95
N GLY A 293 9.34 41.23 -1.94
CA GLY A 293 9.39 41.82 -0.57
C GLY A 293 10.72 41.50 0.11
N ALA A 294 11.06 40.22 0.13
CA ALA A 294 12.39 39.69 0.48
C ALA A 294 13.49 40.67 0.03
N MET A 295 13.62 40.92 -1.27
CA MET A 295 14.70 41.78 -1.82
C MET A 295 14.54 43.22 -1.32
N THR A 296 13.30 43.69 -1.17
CA THR A 296 12.98 44.99 -0.55
C THR A 296 13.53 45.01 0.88
N ASN A 297 13.24 43.94 1.64
CA ASN A 297 13.71 43.72 3.03
C ASN A 297 15.24 43.58 3.03
N LEU A 298 15.82 43.00 1.97
CA LEU A 298 17.28 42.87 1.86
C LEU A 298 17.87 44.27 1.69
N PHE A 299 17.33 45.03 0.73
CA PHE A 299 17.83 46.39 0.39
C PHE A 299 17.82 47.25 1.65
N ALA A 300 16.77 47.14 2.46
CA ALA A 300 16.58 47.94 3.70
C ALA A 300 17.65 47.58 4.72
N ARG A 301 17.75 46.29 5.06
CA ARG A 301 18.72 45.76 6.05
C ARG A 301 20.16 46.03 5.59
N THR A 302 20.46 46.07 4.28
CA THR A 302 21.86 46.22 3.77
C THR A 302 22.21 47.68 3.49
N GLY A 303 21.28 48.46 2.93
CA GLY A 303 21.53 49.82 2.43
C GLY A 303 21.83 49.80 0.94
N TRP A 304 21.87 48.61 0.36
CA TRP A 304 22.04 48.40 -1.10
C TRP A 304 20.78 48.89 -1.80
N SER A 305 20.95 49.34 -3.05
CA SER A 305 19.88 49.59 -4.05
C SER A 305 20.06 48.60 -5.21
N LYS A 306 19.13 48.57 -6.16
CA LYS A 306 19.16 47.65 -7.33
C LYS A 306 20.32 48.03 -8.26
N ASP A 307 20.88 49.23 -8.08
CA ASP A 307 22.00 49.73 -8.93
C ASP A 307 23.36 49.25 -8.40
N ASP A 308 23.50 49.11 -7.08
CA ASP A 308 24.76 48.66 -6.43
C ASP A 308 24.98 47.16 -6.66
N VAL A 309 24.05 46.48 -7.33
CA VAL A 309 24.01 45.00 -7.55
C VAL A 309 24.53 44.69 -8.95
N ASP A 310 25.67 43.99 -9.05
CA ASP A 310 26.29 43.59 -10.34
C ASP A 310 25.49 42.45 -10.97
N LEU A 311 25.22 41.37 -10.22
CA LEU A 311 24.42 40.21 -10.71
C LEU A 311 23.41 39.69 -9.66
N PHE A 312 22.34 39.08 -10.17
CA PHE A 312 21.14 38.59 -9.45
C PHE A 312 20.93 37.10 -9.68
N GLU A 313 20.57 36.37 -8.62
CA GLU A 313 20.02 34.99 -8.70
C GLU A 313 18.60 34.98 -8.12
N ILE A 314 17.60 34.73 -8.98
CA ILE A 314 16.17 34.72 -8.60
C ILE A 314 15.55 33.42 -9.13
N ASN A 315 15.26 32.50 -8.20
CA ASN A 315 14.96 31.09 -8.55
C ASN A 315 13.70 31.01 -9.40
N GLU A 316 13.81 30.40 -10.58
CA GLU A 316 12.76 30.36 -11.64
C GLU A 316 11.82 29.18 -11.41
N ALA A 317 11.33 28.96 -10.18
CA ALA A 317 10.23 27.99 -9.90
C ALA A 317 9.27 27.96 -11.10
N PHE A 318 8.88 29.15 -11.51
CA PHE A 318 8.08 29.42 -12.72
C PHE A 318 8.66 30.71 -13.33
N ALA A 319 8.87 30.78 -14.63
CA ALA A 319 9.30 31.98 -15.39
C ALA A 319 8.62 33.25 -14.84
N MET A 320 7.30 33.21 -14.64
CA MET A 320 6.51 34.31 -14.00
C MET A 320 7.11 34.76 -12.64
N VAL A 321 7.74 33.88 -11.85
CA VAL A 321 8.31 34.30 -10.53
C VAL A 321 9.39 35.35 -10.76
N THR A 322 10.38 35.03 -11.62
CA THR A 322 11.55 35.90 -11.91
C THR A 322 11.08 37.11 -12.73
N MET A 323 10.22 36.87 -13.73
CA MET A 323 9.68 37.95 -14.61
C MET A 323 9.07 39.05 -13.73
N LEU A 324 8.29 38.70 -12.70
CA LEU A 324 7.52 39.65 -11.87
C LEU A 324 8.42 40.32 -10.84
N ALA A 325 9.42 39.61 -10.31
CA ALA A 325 10.38 40.20 -9.34
C ALA A 325 11.22 41.25 -10.10
N MET A 326 11.53 40.95 -11.37
CA MET A 326 12.25 41.80 -12.35
C MET A 326 11.42 43.02 -12.74
N ARG A 327 10.13 42.84 -13.08
CA ARG A 327 9.22 43.95 -13.45
C ARG A 327 9.16 44.97 -12.30
N GLU A 328 8.67 44.58 -11.11
CA GLU A 328 8.48 45.47 -9.94
C GLU A 328 9.81 46.11 -9.54
N HIS A 329 10.88 45.33 -9.36
CA HIS A 329 12.20 45.86 -8.91
C HIS A 329 12.88 46.65 -10.03
N GLY A 330 12.37 46.53 -11.26
CA GLY A 330 12.92 47.15 -12.48
C GLY A 330 14.31 46.62 -12.78
N LEU A 331 14.52 45.31 -12.67
CA LEU A 331 15.84 44.66 -12.88
C LEU A 331 16.06 44.41 -14.37
N ASP A 332 17.34 44.27 -14.77
CA ASP A 332 17.76 44.12 -16.19
C ASP A 332 18.09 42.65 -16.51
N HIS A 333 17.32 42.03 -17.42
CA HIS A 333 17.35 40.56 -17.72
C HIS A 333 18.81 40.12 -17.85
N ALA A 334 19.62 40.89 -18.56
CA ALA A 334 21.02 40.54 -18.89
C ALA A 334 21.87 40.45 -17.62
N LYS A 335 21.37 40.90 -16.47
CA LYS A 335 22.11 40.90 -15.16
C LYS A 335 21.32 40.07 -14.14
N VAL A 336 20.54 39.10 -14.62
CA VAL A 336 19.67 38.25 -13.76
C VAL A 336 19.72 36.82 -14.31
N ASN A 337 19.97 35.82 -13.44
CA ASN A 337 20.13 34.41 -13.84
C ASN A 337 20.82 34.36 -15.22
N VAL A 338 22.12 34.68 -15.21
CA VAL A 338 22.98 34.91 -16.44
C VAL A 338 23.18 33.60 -17.21
N TYR A 339 23.21 32.46 -16.50
CA TYR A 339 23.60 31.10 -16.96
C TYR A 339 22.37 30.19 -17.07
N GLY A 340 21.17 30.75 -16.86
CA GLY A 340 19.87 30.05 -16.88
C GLY A 340 19.43 29.65 -15.47
N GLY A 341 18.16 29.25 -15.29
CA GLY A 341 17.61 28.88 -13.98
C GLY A 341 16.79 27.60 -14.01
N ALA A 342 16.10 27.33 -12.89
CA ALA A 342 15.28 26.12 -12.58
C ALA A 342 14.31 25.71 -13.72
N CYS A 343 13.96 26.57 -14.68
CA CYS A 343 13.01 26.23 -15.79
C CYS A 343 13.73 25.37 -16.84
N ALA A 344 15.02 25.64 -17.02
CA ALA A 344 15.92 24.91 -17.93
C ALA A 344 16.77 23.88 -17.12
N GLN A 345 17.35 24.25 -15.97
CA GLN A 345 18.38 23.41 -15.28
C GLN A 345 17.80 22.46 -14.23
N GLY A 346 16.59 22.69 -13.70
CA GLY A 346 15.92 21.81 -12.74
C GLY A 346 15.95 22.38 -11.33
N HIS A 347 15.05 21.85 -10.47
CA HIS A 347 14.70 22.38 -9.13
C HIS A 347 14.61 21.22 -8.13
N PRO A 348 15.77 20.75 -7.59
CA PRO A 348 15.80 19.89 -6.42
C PRO A 348 15.51 20.68 -5.15
N VAL A 349 14.22 20.72 -4.79
CA VAL A 349 13.56 21.60 -3.78
C VAL A 349 14.41 21.79 -2.52
N GLY A 350 14.86 20.73 -1.86
CA GLY A 350 15.73 20.86 -0.67
C GLY A 350 17.01 21.63 -0.94
N SER A 351 17.46 21.69 -2.20
CA SER A 351 18.85 22.08 -2.59
C SER A 351 18.91 23.49 -3.18
N THR A 352 17.93 23.88 -3.99
CA THR A 352 18.06 24.99 -4.96
C THR A 352 18.32 26.31 -4.23
N GLY A 353 18.26 26.35 -2.90
CA GLY A 353 18.42 27.60 -2.14
C GLY A 353 19.87 27.96 -1.87
N SER A 354 20.75 26.97 -1.77
CA SER A 354 22.21 27.14 -1.51
C SER A 354 23.02 26.99 -2.80
N ARG A 355 22.49 26.26 -3.80
CA ARG A 355 23.08 26.18 -5.17
C ARG A 355 23.12 27.55 -5.85
N ILE A 356 22.02 28.30 -5.81
CA ILE A 356 21.94 29.63 -6.47
C ILE A 356 22.91 30.55 -5.75
N ILE A 357 22.97 30.56 -4.42
CA ILE A 357 24.00 31.37 -3.69
C ILE A 357 25.32 31.17 -4.44
N LEU A 358 25.57 29.93 -4.90
CA LEU A 358 26.89 29.42 -5.35
C LEU A 358 27.07 29.61 -6.87
N THR A 359 26.01 29.61 -7.68
CA THR A 359 26.07 29.98 -9.13
C THR A 359 26.43 31.46 -9.21
N LEU A 360 25.76 32.27 -8.38
CA LEU A 360 26.05 33.71 -8.17
C LEU A 360 27.55 33.91 -7.89
N ILE A 361 28.11 33.26 -6.88
CA ILE A 361 29.56 33.43 -6.55
C ILE A 361 30.38 33.03 -7.78
N ASN A 362 29.88 32.12 -8.60
CA ASN A 362 30.55 31.62 -9.82
C ASN A 362 30.54 32.72 -10.90
N ALA A 363 29.35 33.20 -11.28
CA ALA A 363 29.11 34.23 -12.33
C ALA A 363 29.84 35.53 -11.99
N LEU A 364 29.74 35.98 -10.74
CA LEU A 364 30.37 37.22 -10.24
C LEU A 364 31.86 37.19 -10.56
N ARG A 365 32.53 36.09 -10.29
CA ARG A 365 33.97 35.90 -10.56
C ARG A 365 34.23 35.79 -12.07
N GLN A 366 33.44 34.99 -12.79
CA GLN A 366 33.66 34.69 -14.23
C GLN A 366 33.27 35.89 -15.13
N LYS A 367 32.15 36.58 -14.89
CA LYS A 367 31.67 37.76 -15.68
C LYS A 367 32.30 39.06 -15.18
N GLY A 368 33.03 39.03 -14.05
CA GLY A 368 33.77 40.17 -13.49
C GLY A 368 32.83 41.16 -12.85
N GLY A 369 32.05 40.71 -11.87
CA GLY A 369 31.27 41.55 -10.93
C GLY A 369 31.90 41.54 -9.55
N LYS A 370 31.31 42.22 -8.58
CA LYS A 370 31.66 42.13 -7.13
C LYS A 370 30.41 41.82 -6.29
N ARG A 371 29.34 42.61 -6.46
CA ARG A 371 28.10 42.56 -5.63
C ARG A 371 27.00 41.72 -6.30
N GLY A 372 26.40 40.85 -5.50
CA GLY A 372 25.37 39.87 -5.92
C GLY A 372 24.23 39.75 -4.94
N VAL A 373 23.04 39.49 -5.47
CA VAL A 373 21.79 39.30 -4.69
C VAL A 373 21.21 37.96 -5.14
N ALA A 374 20.84 37.12 -4.19
CA ALA A 374 20.21 35.80 -4.44
C ALA A 374 18.92 35.72 -3.63
N SER A 375 17.82 35.29 -4.28
CA SER A 375 16.49 35.15 -3.63
C SER A 375 15.58 34.17 -4.38
N LEU A 376 14.65 33.55 -3.62
CA LEU A 376 13.66 32.55 -4.13
C LEU A 376 12.38 32.51 -3.27
N CYS A 377 11.25 32.29 -3.96
CA CYS A 377 9.88 32.11 -3.44
C CYS A 377 9.79 30.73 -2.78
N ILE A 378 8.83 30.56 -1.90
CA ILE A 378 8.72 29.40 -0.96
C ILE A 378 7.23 29.13 -0.79
N GLY A 379 6.80 27.86 -0.87
CA GLY A 379 5.40 27.47 -0.63
C GLY A 379 5.08 27.69 0.83
N GLY A 380 3.85 28.13 1.11
CA GLY A 380 3.41 28.62 2.44
C GLY A 380 3.27 30.14 2.46
N GLY A 381 3.67 30.81 1.38
CA GLY A 381 3.60 32.27 1.18
C GLY A 381 4.83 32.99 1.70
N GLU A 382 6.02 32.62 1.20
CA GLU A 382 7.32 33.07 1.76
C GLU A 382 8.38 33.19 0.66
N ALA A 383 9.50 33.82 1.04
CA ALA A 383 10.76 33.84 0.28
C ALA A 383 11.91 34.25 1.21
N THR A 384 13.14 33.88 0.83
CA THR A 384 14.42 34.30 1.44
C THR A 384 15.23 35.08 0.39
N ALA A 385 16.02 36.06 0.88
CA ALA A 385 17.00 36.83 0.10
C ALA A 385 18.34 36.83 0.84
N VAL A 386 19.44 36.81 0.10
CA VAL A 386 20.83 36.87 0.65
C VAL A 386 21.68 37.73 -0.31
N ALA A 387 22.48 38.63 0.27
CA ALA A 387 23.33 39.62 -0.43
C ALA A 387 24.79 39.32 -0.10
N LEU A 388 25.67 39.26 -1.12
CA LEU A 388 27.10 38.86 -0.96
C LEU A 388 27.99 39.61 -1.95
N GLU A 389 29.26 39.79 -1.53
CA GLU A 389 30.36 40.51 -2.22
C GLU A 389 31.60 39.59 -2.30
N LEU A 390 32.16 39.41 -3.50
CA LEU A 390 33.50 38.80 -3.73
C LEU A 390 34.58 39.52 -2.90
N LEU A 391 35.59 38.76 -2.46
CA LEU A 391 36.81 39.26 -1.80
C LEU A 391 37.97 39.14 -2.81
N SER B 2 -25.07 -39.32 -23.94
CA SER B 2 -24.78 -38.05 -24.70
C SER B 2 -23.29 -37.99 -25.10
N ASP B 3 -23.01 -37.87 -26.40
CA ASP B 3 -21.65 -37.57 -26.96
C ASP B 3 -21.39 -36.06 -26.91
N ILE B 4 -20.16 -35.65 -26.58
CA ILE B 4 -19.74 -34.22 -26.48
C ILE B 4 -18.80 -33.92 -27.65
N VAL B 5 -19.01 -32.82 -28.38
CA VAL B 5 -18.12 -32.40 -29.51
C VAL B 5 -17.57 -30.98 -29.26
N ILE B 6 -16.34 -30.70 -29.73
CA ILE B 6 -15.80 -29.31 -29.85
C ILE B 6 -16.06 -28.87 -31.30
N VAL B 7 -16.76 -27.74 -31.49
CA VAL B 7 -17.27 -27.26 -32.81
C VAL B 7 -16.31 -26.21 -33.35
N ALA B 8 -15.77 -25.38 -32.45
CA ALA B 8 -14.63 -24.48 -32.74
C ALA B 8 -13.94 -24.02 -31.45
N GLY B 9 -12.80 -23.37 -31.66
CA GLY B 9 -12.17 -22.57 -30.61
C GLY B 9 -11.37 -21.45 -31.21
N ALA B 10 -10.93 -20.52 -30.37
CA ALA B 10 -9.82 -19.61 -30.70
C ALA B 10 -9.10 -19.25 -29.41
N ARG B 11 -7.95 -18.62 -29.58
CA ARG B 11 -6.98 -18.35 -28.51
C ARG B 11 -6.23 -17.08 -28.91
N THR B 12 -6.07 -16.17 -27.95
CA THR B 12 -5.24 -14.97 -28.11
C THR B 12 -3.79 -15.43 -28.26
N PRO B 13 -2.92 -14.65 -28.94
CA PRO B 13 -1.48 -14.83 -28.80
C PRO B 13 -1.13 -14.64 -27.32
N MET B 14 -0.07 -15.29 -26.85
CA MET B 14 0.28 -15.26 -25.42
C MET B 14 1.23 -14.09 -25.23
N GLY B 15 0.90 -13.16 -24.36
CA GLY B 15 1.78 -12.00 -24.06
C GLY B 15 2.84 -12.33 -23.04
N GLY B 16 3.97 -11.65 -23.10
CA GLY B 16 5.01 -11.75 -22.07
C GLY B 16 4.71 -10.85 -20.90
N PHE B 17 5.31 -11.13 -19.76
CA PHE B 17 5.07 -10.40 -18.48
C PHE B 17 5.47 -8.93 -18.61
N GLN B 18 4.50 -8.02 -18.50
CA GLN B 18 4.55 -6.56 -18.82
C GLN B 18 4.86 -6.34 -20.32
N GLY B 19 4.49 -7.30 -21.16
CA GLY B 19 4.81 -7.31 -22.61
C GLY B 19 3.70 -6.70 -23.44
N SER B 20 3.35 -7.35 -24.55
CA SER B 20 2.55 -6.76 -25.67
C SER B 20 1.03 -6.93 -25.48
N LEU B 21 0.55 -7.46 -24.34
CA LEU B 21 -0.89 -7.44 -23.99
C LEU B 21 -1.05 -7.03 -22.51
N ALA B 22 -0.15 -6.17 -22.00
CA ALA B 22 -0.22 -5.62 -20.63
C ALA B 22 -1.28 -4.52 -20.59
N GLY B 23 -1.76 -4.10 -21.76
CA GLY B 23 -2.70 -2.96 -21.92
C GLY B 23 -4.13 -3.44 -22.15
N VAL B 24 -4.34 -4.75 -22.22
CA VAL B 24 -5.70 -5.37 -22.25
C VAL B 24 -5.89 -6.12 -20.92
N SER B 25 -7.08 -6.04 -20.32
CA SER B 25 -7.44 -6.79 -19.11
C SER B 25 -7.63 -8.26 -19.47
N ALA B 26 -7.56 -9.12 -18.44
CA ALA B 26 -7.91 -10.56 -18.50
C ALA B 26 -9.26 -10.71 -19.21
N VAL B 27 -10.22 -9.84 -18.84
CA VAL B 27 -11.63 -9.87 -19.31
C VAL B 27 -11.67 -9.62 -20.84
N ASP B 28 -11.05 -8.53 -21.30
CA ASP B 28 -11.11 -8.13 -22.73
C ASP B 28 -10.40 -9.20 -23.59
N LEU B 29 -9.53 -10.02 -23.01
CA LEU B 29 -8.84 -11.11 -23.75
C LEU B 29 -9.79 -12.31 -23.92
N GLY B 30 -10.42 -12.77 -22.82
CA GLY B 30 -11.51 -13.76 -22.86
C GLY B 30 -12.62 -13.31 -23.80
N ALA B 31 -12.94 -12.01 -23.75
CA ALA B 31 -13.93 -11.37 -24.64
C ALA B 31 -13.55 -11.67 -26.11
N VAL B 32 -12.29 -11.44 -26.47
CA VAL B 32 -11.81 -11.52 -27.88
C VAL B 32 -11.92 -12.98 -28.31
N ALA B 33 -11.57 -13.86 -27.37
CA ALA B 33 -11.60 -15.33 -27.49
C ALA B 33 -13.06 -15.79 -27.71
N ILE B 34 -13.93 -15.56 -26.74
CA ILE B 34 -15.32 -16.09 -26.79
C ILE B 34 -15.91 -15.70 -28.16
N ARG B 35 -15.77 -14.43 -28.57
CA ARG B 35 -16.46 -13.83 -29.74
C ARG B 35 -16.08 -14.62 -31.00
N GLU B 36 -14.77 -14.78 -31.19
CA GLU B 36 -14.19 -15.47 -32.38
C GLU B 36 -14.59 -16.94 -32.31
N ALA B 37 -14.59 -17.52 -31.11
CA ALA B 37 -15.00 -18.92 -30.89
C ALA B 37 -16.40 -19.09 -31.47
N VAL B 38 -17.33 -18.26 -31.00
CA VAL B 38 -18.76 -18.25 -31.40
C VAL B 38 -18.85 -17.99 -32.91
N GLN B 39 -18.11 -17.00 -33.43
CA GLN B 39 -18.10 -16.68 -34.88
C GLN B 39 -17.73 -17.95 -35.66
N ARG B 40 -16.55 -18.53 -35.38
CA ARG B 40 -16.02 -19.75 -36.06
C ARG B 40 -17.01 -20.91 -35.92
N ALA B 41 -17.80 -20.95 -34.84
CA ALA B 41 -18.80 -22.01 -34.52
C ALA B 41 -19.96 -22.07 -35.55
N GLY B 42 -20.23 -20.99 -36.31
CA GLY B 42 -21.37 -20.92 -37.25
C GLY B 42 -22.68 -20.48 -36.57
N ILE B 43 -22.67 -20.29 -35.24
CA ILE B 43 -23.89 -20.04 -34.40
C ILE B 43 -24.02 -18.54 -34.05
N ALA B 44 -25.10 -18.18 -33.35
CA ALA B 44 -25.49 -16.82 -32.94
C ALA B 44 -25.31 -16.69 -31.43
N ALA B 45 -24.75 -15.58 -30.95
CA ALA B 45 -24.31 -15.38 -29.55
C ALA B 45 -25.39 -15.90 -28.59
N GLU B 46 -26.66 -15.69 -28.95
CA GLU B 46 -27.88 -16.14 -28.21
C GLU B 46 -27.79 -17.64 -27.95
N ASP B 47 -27.42 -18.42 -28.96
CA ASP B 47 -27.50 -19.92 -28.95
C ASP B 47 -26.62 -20.51 -27.85
N VAL B 48 -25.68 -19.72 -27.30
CA VAL B 48 -24.82 -20.04 -26.11
C VAL B 48 -25.66 -19.95 -24.85
N GLN B 49 -25.88 -21.06 -24.13
CA GLN B 49 -26.75 -21.08 -22.92
C GLN B 49 -25.95 -20.82 -21.64
N GLU B 50 -24.73 -21.35 -21.50
CA GLU B 50 -23.94 -21.20 -20.25
C GLU B 50 -22.46 -21.03 -20.63
N VAL B 51 -21.72 -20.29 -19.82
CA VAL B 51 -20.27 -19.95 -20.04
C VAL B 51 -19.48 -20.28 -18.77
N ILE B 52 -18.46 -21.13 -18.89
CA ILE B 52 -17.52 -21.42 -17.77
C ILE B 52 -16.13 -20.94 -18.22
N MET B 53 -15.51 -20.05 -17.43
CA MET B 53 -14.16 -19.50 -17.72
C MET B 53 -13.26 -19.65 -16.50
N GLY B 54 -12.11 -20.29 -16.69
CA GLY B 54 -11.08 -20.39 -15.65
C GLY B 54 -10.33 -19.09 -15.52
N CYS B 55 -10.13 -18.65 -14.27
CA CYS B 55 -9.26 -17.50 -13.91
C CYS B 55 -8.79 -17.64 -12.46
N VAL B 56 -7.47 -17.86 -12.31
CA VAL B 56 -6.71 -18.15 -11.05
C VAL B 56 -6.47 -16.86 -10.26
N LEU B 57 -6.16 -15.77 -10.96
CA LEU B 57 -5.86 -14.44 -10.41
C LEU B 57 -6.96 -13.45 -10.76
N PRO B 58 -8.15 -13.49 -10.10
CA PRO B 58 -9.22 -12.50 -10.33
C PRO B 58 -9.11 -11.18 -9.56
N ALA B 59 -8.56 -11.16 -8.34
CA ALA B 59 -8.32 -9.92 -7.56
C ALA B 59 -8.08 -8.75 -8.53
N GLY B 60 -8.89 -7.69 -8.43
CA GLY B 60 -8.79 -6.50 -9.27
C GLY B 60 -9.49 -6.62 -10.63
N LEU B 61 -9.95 -7.80 -11.05
CA LEU B 61 -10.62 -8.03 -12.37
C LEU B 61 -12.07 -7.51 -12.39
N LYS B 62 -12.65 -7.26 -11.22
CA LYS B 62 -14.04 -6.81 -10.99
C LYS B 62 -14.93 -8.01 -10.62
N GLN B 63 -16.17 -7.73 -10.28
CA GLN B 63 -17.20 -8.75 -9.97
C GLN B 63 -17.50 -9.58 -11.22
N GLY B 64 -17.52 -10.91 -11.10
CA GLY B 64 -17.97 -11.83 -12.15
C GLY B 64 -17.12 -11.70 -13.41
N PRO B 65 -15.78 -11.89 -13.28
CA PRO B 65 -14.87 -11.84 -14.42
C PRO B 65 -15.45 -12.49 -15.68
N ALA B 66 -16.03 -13.69 -15.54
CA ALA B 66 -16.58 -14.50 -16.65
C ALA B 66 -17.76 -13.76 -17.28
N ARG B 67 -18.76 -13.39 -16.46
CA ARG B 67 -19.89 -12.53 -16.89
C ARG B 67 -19.32 -11.37 -17.74
N GLN B 68 -18.48 -10.53 -17.13
CA GLN B 68 -17.94 -9.33 -17.81
C GLN B 68 -17.53 -9.72 -19.23
N ALA B 69 -16.78 -10.83 -19.36
CA ALA B 69 -16.18 -11.33 -20.63
C ALA B 69 -17.28 -11.84 -21.59
N ALA B 70 -18.11 -12.74 -21.08
CA ALA B 70 -19.31 -13.24 -21.80
C ALA B 70 -20.06 -12.06 -22.45
N LEU B 71 -20.28 -10.96 -21.72
CA LEU B 71 -21.09 -9.84 -22.25
C LEU B 71 -20.27 -9.11 -23.32
N ALA B 72 -19.03 -8.74 -23.00
CA ALA B 72 -18.12 -7.95 -23.85
C ALA B 72 -17.85 -8.71 -25.14
N ALA B 73 -18.02 -10.02 -25.12
CA ALA B 73 -17.90 -10.85 -26.35
C ALA B 73 -19.12 -10.64 -27.24
N GLY B 74 -20.26 -10.23 -26.68
CA GLY B 74 -21.51 -9.97 -27.43
C GLY B 74 -22.56 -11.05 -27.18
N LEU B 75 -22.27 -11.97 -26.26
CA LEU B 75 -23.27 -12.90 -25.66
C LEU B 75 -24.26 -12.10 -24.83
N PRO B 76 -25.58 -12.31 -25.04
CA PRO B 76 -26.60 -11.58 -24.29
C PRO B 76 -26.51 -11.81 -22.78
N ALA B 77 -27.41 -11.16 -22.03
CA ALA B 77 -27.51 -11.23 -20.54
C ALA B 77 -28.17 -12.56 -20.12
N ALA B 78 -28.93 -13.19 -21.03
CA ALA B 78 -29.66 -14.47 -20.80
C ALA B 78 -28.67 -15.65 -20.71
N THR B 79 -27.55 -15.55 -21.41
CA THR B 79 -26.41 -16.51 -21.46
C THR B 79 -25.60 -16.39 -20.16
N GLY B 80 -26.00 -17.11 -19.11
CA GLY B 80 -25.47 -16.97 -17.74
C GLY B 80 -24.06 -17.50 -17.62
N CYS B 81 -23.31 -17.06 -16.62
CA CYS B 81 -21.83 -17.15 -16.57
C CYS B 81 -21.37 -17.60 -15.19
N THR B 82 -20.18 -18.24 -15.11
CA THR B 82 -19.48 -18.68 -13.88
C THR B 82 -17.95 -18.65 -14.11
N THR B 83 -17.19 -18.24 -13.08
CA THR B 83 -15.71 -18.27 -13.04
C THR B 83 -15.28 -19.38 -12.08
N ILE B 84 -14.32 -20.23 -12.48
CA ILE B 84 -13.79 -21.41 -11.71
C ILE B 84 -12.28 -21.24 -11.54
N ASN B 85 -11.60 -22.11 -10.79
CA ASN B 85 -10.17 -21.95 -10.39
C ASN B 85 -9.62 -23.30 -9.95
N LYS B 86 -8.99 -24.05 -10.85
CA LYS B 86 -8.20 -25.28 -10.55
C LYS B 86 -6.73 -24.98 -10.90
N LEU B 87 -6.20 -23.90 -10.34
CA LEU B 87 -4.87 -23.32 -10.68
C LEU B 87 -4.57 -23.52 -12.17
N CYS B 88 -3.45 -24.13 -12.52
CA CYS B 88 -2.85 -24.09 -13.88
C CYS B 88 -3.67 -24.95 -14.88
N GLY B 89 -4.63 -25.73 -14.38
CA GLY B 89 -5.57 -26.53 -15.20
C GLY B 89 -7.02 -26.06 -15.12
N SER B 90 -7.30 -24.92 -14.50
CA SER B 90 -8.61 -24.21 -14.55
C SER B 90 -9.21 -24.34 -15.96
N GLY B 91 -8.45 -24.03 -17.00
CA GLY B 91 -8.99 -23.88 -18.36
C GLY B 91 -9.44 -25.22 -18.92
N MET B 92 -8.72 -26.29 -18.59
CA MET B 92 -9.12 -27.68 -18.92
C MET B 92 -10.35 -27.96 -18.08
N LYS B 93 -10.24 -27.74 -16.77
CA LYS B 93 -11.32 -28.07 -15.80
C LYS B 93 -12.65 -27.60 -16.38
N ALA B 94 -12.69 -26.36 -16.89
CA ALA B 94 -13.91 -25.68 -17.39
C ALA B 94 -14.50 -26.49 -18.55
N VAL B 95 -13.65 -27.11 -19.38
CA VAL B 95 -14.09 -27.91 -20.56
C VAL B 95 -14.73 -29.20 -20.03
N MET B 96 -14.10 -29.82 -19.03
CA MET B 96 -14.55 -31.06 -18.34
C MET B 96 -15.95 -30.76 -17.75
N LEU B 97 -16.11 -29.70 -16.96
CA LEU B 97 -17.42 -29.28 -16.38
C LEU B 97 -18.46 -29.06 -17.50
N ALA B 98 -18.04 -28.55 -18.66
CA ALA B 98 -18.91 -28.22 -19.80
C ALA B 98 -19.39 -29.54 -20.43
N HIS B 99 -18.44 -30.46 -20.65
CA HIS B 99 -18.64 -31.88 -21.09
C HIS B 99 -19.67 -32.56 -20.18
N ASP B 100 -19.41 -32.58 -18.87
CA ASP B 100 -20.30 -33.18 -17.83
C ASP B 100 -21.68 -32.51 -17.89
N LEU B 101 -21.71 -31.18 -17.90
CA LEU B 101 -22.99 -30.46 -17.82
C LEU B 101 -23.82 -30.84 -19.04
N LEU B 102 -23.28 -30.69 -20.26
CA LEU B 102 -23.87 -31.15 -21.54
C LEU B 102 -24.36 -32.59 -21.37
N LYS B 103 -23.46 -33.52 -21.04
CA LYS B 103 -23.81 -34.95 -20.80
C LYS B 103 -25.12 -35.03 -20.01
N ALA B 104 -25.16 -34.37 -18.84
CA ALA B 104 -26.23 -34.49 -17.82
C ALA B 104 -27.59 -33.96 -18.31
N GLY B 105 -27.66 -33.13 -19.37
CA GLY B 105 -28.92 -32.59 -19.95
C GLY B 105 -29.12 -31.09 -19.71
N THR B 106 -28.26 -30.46 -18.90
CA THR B 106 -28.42 -29.11 -18.28
C THR B 106 -28.41 -28.01 -19.33
N ASN B 107 -27.61 -28.11 -20.40
CA ASN B 107 -27.62 -27.11 -21.52
C ASN B 107 -27.65 -27.83 -22.85
N GLN B 108 -27.51 -27.11 -23.96
CA GLN B 108 -27.32 -27.70 -25.32
C GLN B 108 -26.03 -27.15 -25.95
N VAL B 109 -25.79 -25.85 -25.84
CA VAL B 109 -24.53 -25.22 -26.33
C VAL B 109 -23.89 -24.44 -25.18
N MET B 110 -22.63 -24.78 -24.89
CA MET B 110 -21.83 -24.19 -23.81
C MET B 110 -20.58 -23.57 -24.40
N VAL B 111 -19.98 -22.65 -23.67
CA VAL B 111 -18.62 -22.13 -23.98
C VAL B 111 -17.79 -22.30 -22.72
N ALA B 112 -16.66 -22.98 -22.88
CA ALA B 112 -15.64 -23.18 -21.86
C ALA B 112 -14.32 -22.64 -22.38
N GLY B 113 -13.50 -22.14 -21.45
CA GLY B 113 -12.18 -21.52 -21.69
C GLY B 113 -11.64 -20.90 -20.42
N GLY B 114 -10.68 -20.01 -20.57
CA GLY B 114 -10.07 -19.32 -19.43
C GLY B 114 -9.35 -18.09 -19.90
N MET B 115 -8.83 -17.34 -18.94
CA MET B 115 -8.17 -16.06 -19.26
C MET B 115 -7.37 -15.66 -18.03
N GLU B 116 -6.15 -15.21 -18.26
CA GLU B 116 -5.30 -14.63 -17.23
C GLU B 116 -4.54 -13.47 -17.84
N SER B 117 -4.23 -12.50 -16.99
CA SER B 117 -3.30 -11.39 -17.29
C SER B 117 -2.48 -11.28 -16.02
N MET B 118 -1.40 -12.05 -15.94
CA MET B 118 -0.52 -12.06 -14.74
C MET B 118 0.18 -10.70 -14.68
N SER B 119 0.37 -10.07 -15.84
CA SER B 119 0.86 -8.67 -16.01
C SER B 119 0.09 -7.73 -15.07
N ASN B 120 -1.23 -7.71 -15.22
CA ASN B 120 -2.19 -6.78 -14.57
C ASN B 120 -2.70 -7.36 -13.24
N ALA B 121 -2.00 -8.30 -12.63
CA ALA B 121 -2.35 -8.86 -11.31
C ALA B 121 -1.96 -7.86 -10.22
N PRO B 122 -2.87 -7.56 -9.27
CA PRO B 122 -2.63 -6.52 -8.28
C PRO B 122 -1.67 -6.95 -7.18
N TYR B 123 -1.34 -6.04 -6.28
CA TYR B 123 -0.62 -6.32 -5.01
C TYR B 123 -1.65 -6.22 -3.89
N VAL B 124 -1.48 -6.98 -2.79
CA VAL B 124 -2.48 -7.09 -1.67
C VAL B 124 -1.85 -6.63 -0.34
N LEU B 125 -2.64 -6.01 0.53
CA LEU B 125 -2.30 -5.76 1.96
C LEU B 125 -3.29 -6.51 2.84
N GLU B 126 -2.83 -7.52 3.55
CA GLU B 126 -3.68 -8.46 4.32
C GLU B 126 -4.10 -7.84 5.67
N LYS B 127 -3.28 -6.95 6.22
CA LYS B 127 -3.45 -6.42 7.61
C LYS B 127 -3.94 -4.97 7.59
N ALA B 128 -4.36 -4.43 6.42
CA ALA B 128 -4.81 -3.03 6.27
C ALA B 128 -6.13 -2.82 7.03
N ARG B 129 -7.14 -3.64 6.74
CA ARG B 129 -8.54 -3.46 7.23
C ARG B 129 -8.57 -3.28 8.75
N SER B 130 -7.95 -4.19 9.51
CA SER B 130 -7.87 -4.15 11.00
C SER B 130 -6.91 -3.04 11.45
N GLY B 131 -5.83 -2.84 10.69
CA GLY B 131 -4.69 -1.97 11.03
C GLY B 131 -3.41 -2.77 11.18
N LEU B 132 -2.28 -2.17 10.80
CA LEU B 132 -0.90 -2.69 11.05
C LEU B 132 -0.47 -2.38 12.49
N ARG B 133 -1.16 -1.47 13.20
CA ARG B 133 -0.82 -1.02 14.57
C ARG B 133 0.62 -0.48 14.63
N MET B 134 1.64 -1.32 14.46
CA MET B 134 3.06 -0.92 14.68
C MET B 134 4.00 -1.90 13.95
N GLY B 135 5.17 -1.42 13.53
CA GLY B 135 6.21 -2.26 12.92
C GLY B 135 5.91 -2.52 11.45
N HIS B 136 6.94 -2.93 10.71
CA HIS B 136 6.90 -3.02 9.23
C HIS B 136 6.02 -4.21 8.85
N GLY B 137 5.41 -4.12 7.67
CA GLY B 137 4.46 -5.13 7.17
C GLY B 137 4.97 -5.67 5.86
N GLU B 138 4.15 -6.44 5.16
CA GLU B 138 4.45 -7.03 3.83
C GLU B 138 3.40 -6.49 2.86
N ILE B 139 3.74 -6.36 1.58
CA ILE B 139 2.74 -6.15 0.49
C ILE B 139 2.91 -7.29 -0.53
N LYS B 140 1.90 -8.14 -0.68
CA LYS B 140 2.07 -9.52 -1.19
C LYS B 140 1.59 -9.65 -2.64
N ASP B 141 2.48 -10.06 -3.52
CA ASP B 141 2.16 -10.35 -4.94
C ASP B 141 1.10 -11.45 -4.99
N HIS B 142 -0.09 -11.09 -5.48
CA HIS B 142 -1.28 -11.97 -5.68
C HIS B 142 -1.00 -13.00 -6.81
N MET B 143 0.01 -12.80 -7.65
CA MET B 143 0.41 -13.84 -8.63
C MET B 143 1.17 -14.94 -7.89
N PHE B 144 1.98 -14.58 -6.89
CA PHE B 144 2.81 -15.52 -6.08
C PHE B 144 1.93 -16.14 -4.98
N LEU B 145 1.31 -15.32 -4.15
CA LEU B 145 0.53 -15.76 -2.95
C LEU B 145 -0.55 -16.77 -3.34
N ASP B 146 -1.46 -16.37 -4.22
CA ASP B 146 -2.69 -17.14 -4.56
C ASP B 146 -2.47 -17.97 -5.82
N GLY B 147 -1.29 -17.92 -6.45
CA GLY B 147 -1.08 -18.50 -7.79
C GLY B 147 0.10 -19.47 -7.90
N LEU B 148 1.30 -19.03 -7.49
CA LEU B 148 2.59 -19.70 -7.83
C LEU B 148 3.27 -20.26 -6.57
N GLU B 149 2.77 -20.00 -5.36
CA GLU B 149 3.37 -20.57 -4.13
C GLU B 149 2.34 -21.43 -3.38
N ASP B 150 2.70 -22.69 -3.15
CA ASP B 150 1.94 -23.71 -2.37
C ASP B 150 1.58 -23.12 -1.00
N ALA B 151 0.34 -23.39 -0.55
CA ALA B 151 -0.28 -22.84 0.67
C ALA B 151 0.51 -23.23 1.92
N ARG B 152 0.84 -24.51 2.05
CA ARG B 152 1.46 -25.11 3.26
C ARG B 152 2.81 -24.42 3.57
N THR B 153 3.69 -24.33 2.56
CA THR B 153 5.14 -24.00 2.69
C THR B 153 5.45 -22.57 2.20
N GLY B 154 4.78 -22.14 1.13
CA GLY B 154 5.05 -20.83 0.50
C GLY B 154 6.16 -20.93 -0.55
N ARG B 155 6.65 -22.15 -0.78
CA ARG B 155 7.70 -22.47 -1.79
C ARG B 155 7.11 -22.24 -3.18
N LEU B 156 7.94 -21.84 -4.16
CA LEU B 156 7.46 -21.66 -5.56
C LEU B 156 7.38 -23.00 -6.29
N MET B 157 6.31 -23.22 -7.05
CA MET B 157 6.18 -24.36 -8.00
C MET B 157 7.57 -24.74 -8.55
N GLY B 158 8.35 -23.78 -9.04
CA GLY B 158 9.78 -23.95 -9.36
C GLY B 158 10.54 -24.74 -8.29
N SER B 159 10.61 -24.24 -7.04
CA SER B 159 11.34 -24.83 -5.87
C SER B 159 10.97 -26.30 -5.68
N PHE B 160 9.69 -26.62 -5.75
CA PHE B 160 9.23 -28.03 -5.80
C PHE B 160 9.80 -28.72 -7.06
N ALA B 161 9.73 -28.10 -8.24
CA ALA B 161 10.14 -28.68 -9.54
C ALA B 161 11.64 -28.97 -9.56
N GLN B 162 12.43 -28.08 -8.95
CA GLN B 162 13.92 -28.15 -8.81
C GLN B 162 14.32 -29.31 -7.90
N GLU B 163 13.60 -29.48 -6.78
CA GLU B 163 13.84 -30.54 -5.77
C GLU B 163 13.43 -31.90 -6.36
N THR B 164 12.30 -31.97 -7.08
CA THR B 164 11.84 -33.16 -7.88
C THR B 164 12.91 -33.53 -8.91
N ALA B 165 13.44 -32.55 -9.65
CA ALA B 165 14.42 -32.72 -10.76
C ALA B 165 15.76 -33.27 -10.29
N ASP B 166 16.20 -32.90 -9.08
CA ASP B 166 17.38 -33.51 -8.40
C ASP B 166 17.09 -34.99 -8.05
N LYS B 167 15.91 -35.29 -7.49
CA LYS B 167 15.63 -36.64 -6.92
C LYS B 167 15.54 -37.65 -8.07
N TYR B 168 14.80 -37.31 -9.13
CA TYR B 168 14.59 -38.19 -10.31
C TYR B 168 15.70 -37.91 -11.33
N GLY B 169 16.74 -37.19 -10.90
CA GLY B 169 18.06 -37.15 -11.55
C GLY B 169 17.99 -36.66 -12.99
N VAL B 170 17.53 -35.42 -13.19
CA VAL B 170 17.52 -34.74 -14.50
C VAL B 170 18.57 -33.65 -14.43
N THR B 171 19.54 -33.72 -15.34
CA THR B 171 20.68 -32.79 -15.46
C THR B 171 20.24 -31.54 -16.24
N ARG B 172 20.71 -30.37 -15.81
CA ARG B 172 20.62 -29.07 -16.52
C ARG B 172 20.74 -29.30 -18.04
N GLU B 173 21.72 -30.09 -18.48
CA GLU B 173 22.06 -30.26 -19.92
C GLU B 173 20.91 -30.99 -20.64
N GLU B 174 20.17 -31.84 -19.92
CA GLU B 174 19.04 -32.63 -20.47
C GLU B 174 17.85 -31.69 -20.67
N MET B 175 17.62 -30.80 -19.70
CA MET B 175 16.46 -29.85 -19.69
C MET B 175 16.73 -28.75 -20.70
N ASP B 176 18.00 -28.45 -20.96
CA ASP B 176 18.40 -27.42 -21.94
C ASP B 176 18.27 -27.99 -23.36
N ALA B 177 18.53 -29.28 -23.55
CA ALA B 177 18.35 -29.93 -24.87
C ALA B 177 16.85 -29.91 -25.19
N TYR B 178 16.01 -30.18 -24.18
CA TYR B 178 14.53 -30.19 -24.29
C TYR B 178 14.03 -28.79 -24.67
N ALA B 179 14.42 -27.79 -23.87
CA ALA B 179 14.12 -26.35 -24.06
C ALA B 179 14.50 -25.90 -25.49
N ILE B 180 15.68 -26.30 -25.95
CA ILE B 180 16.28 -25.93 -27.28
C ILE B 180 15.40 -26.48 -28.42
N GLU B 181 14.86 -27.70 -28.29
CA GLU B 181 13.95 -28.26 -29.33
C GLU B 181 12.57 -27.60 -29.18
N SER B 182 12.14 -27.21 -27.97
CA SER B 182 10.85 -26.53 -27.78
C SER B 182 10.82 -25.25 -28.64
N LEU B 183 11.86 -24.43 -28.48
CA LEU B 183 11.95 -23.03 -28.98
C LEU B 183 12.13 -23.01 -30.50
N LYS B 184 12.93 -23.93 -31.07
CA LYS B 184 13.10 -24.11 -32.54
C LYS B 184 11.77 -24.48 -33.19
N ARG B 185 10.97 -25.27 -32.49
CA ARG B 185 9.62 -25.72 -32.90
C ARG B 185 8.66 -24.53 -32.90
N ALA B 186 8.77 -23.68 -31.87
CA ALA B 186 7.96 -22.46 -31.69
C ALA B 186 8.28 -21.50 -32.83
N GLN B 187 9.56 -21.35 -33.15
CA GLN B 187 10.06 -20.33 -34.12
C GLN B 187 9.67 -20.80 -35.52
N ALA B 188 9.97 -22.06 -35.84
CA ALA B 188 9.51 -22.71 -37.09
C ALA B 188 8.00 -22.49 -37.23
N ALA B 189 7.25 -22.64 -36.12
CA ALA B 189 5.76 -22.63 -36.08
C ALA B 189 5.21 -21.21 -36.31
N ILE B 190 5.78 -20.21 -35.61
CA ILE B 190 5.46 -18.75 -35.75
C ILE B 190 5.60 -18.32 -37.21
N ALA B 191 6.66 -18.79 -37.89
CA ALA B 191 7.13 -18.30 -39.21
C ALA B 191 6.43 -19.04 -40.35
N ASP B 192 6.25 -20.37 -40.24
CA ASP B 192 5.62 -21.17 -41.32
C ASP B 192 4.11 -20.90 -41.34
N GLY B 193 3.58 -20.25 -40.28
CA GLY B 193 2.17 -19.81 -40.16
C GLY B 193 1.28 -20.82 -39.43
N SER B 194 1.84 -21.96 -39.01
CA SER B 194 1.13 -23.12 -38.40
C SER B 194 -0.01 -22.68 -37.49
N LEU B 195 0.25 -21.82 -36.49
CA LEU B 195 -0.65 -21.58 -35.34
C LEU B 195 -1.82 -20.66 -35.73
N ALA B 196 -1.90 -20.23 -37.00
CA ALA B 196 -2.80 -19.14 -37.43
C ALA B 196 -4.26 -19.61 -37.39
N ALA B 197 -4.52 -20.90 -37.63
CA ALA B 197 -5.88 -21.48 -37.66
C ALA B 197 -6.51 -21.49 -36.25
N GLU B 198 -5.67 -21.52 -35.21
CA GLU B 198 -6.08 -21.60 -33.79
C GLU B 198 -5.97 -20.23 -33.13
N ILE B 199 -5.03 -19.38 -33.56
CA ILE B 199 -4.83 -18.01 -32.97
C ILE B 199 -5.87 -17.06 -33.57
N VAL B 200 -6.35 -16.15 -32.73
CA VAL B 200 -7.20 -14.97 -33.11
C VAL B 200 -6.38 -13.72 -32.79
N PRO B 201 -6.09 -12.84 -33.79
CA PRO B 201 -5.27 -11.65 -33.54
C PRO B 201 -5.96 -10.70 -32.56
N VAL B 202 -5.18 -9.90 -31.82
CA VAL B 202 -5.67 -9.02 -30.71
C VAL B 202 -5.24 -7.58 -31.01
N THR B 203 -6.18 -6.63 -30.97
CA THR B 203 -6.00 -5.19 -31.33
C THR B 203 -5.89 -4.36 -30.06
N VAL B 204 -4.81 -3.58 -29.91
CA VAL B 204 -4.51 -2.78 -28.69
C VAL B 204 -4.27 -1.30 -29.05
N THR B 205 -4.07 -0.48 -28.02
CA THR B 205 -3.61 0.93 -28.09
C THR B 205 -2.36 1.08 -27.21
N SER B 206 -1.78 2.28 -27.17
CA SER B 206 -0.60 2.62 -26.33
C SER B 206 -0.39 4.14 -26.38
N ARG B 207 0.67 4.61 -27.04
CA ARG B 207 0.92 6.04 -27.37
C ARG B 207 0.47 6.28 -28.82
N LYS B 208 1.21 5.67 -29.76
CA LYS B 208 1.20 5.96 -31.21
C LYS B 208 -0.23 5.85 -31.74
N GLY B 209 -0.91 4.72 -31.49
CA GLY B 209 -2.30 4.47 -31.90
C GLY B 209 -2.70 3.01 -31.76
N GLU B 210 -2.95 2.33 -32.89
CA GLU B 210 -3.39 0.91 -32.97
C GLU B 210 -2.17 0.02 -33.20
N SER B 211 -2.19 -1.19 -32.61
CA SER B 211 -1.29 -2.35 -32.92
C SER B 211 -2.14 -3.60 -33.15
N VAL B 212 -1.71 -4.50 -34.02
CA VAL B 212 -2.23 -5.90 -34.13
C VAL B 212 -1.14 -6.87 -33.66
N VAL B 213 -1.34 -7.48 -32.49
CA VAL B 213 -0.54 -8.63 -31.97
C VAL B 213 -1.16 -9.91 -32.52
N LYS B 214 -0.40 -10.73 -33.26
CA LYS B 214 -0.89 -12.01 -33.89
C LYS B 214 0.15 -13.15 -33.74
N ASP B 215 1.16 -12.96 -32.88
CA ASP B 215 2.28 -13.92 -32.66
C ASP B 215 2.55 -14.00 -31.15
N ASP B 216 2.69 -15.24 -30.66
CA ASP B 216 3.25 -15.55 -29.32
C ASP B 216 4.55 -14.75 -29.16
N GLU B 217 4.77 -14.15 -27.99
CA GLU B 217 5.82 -13.13 -27.73
C GLU B 217 7.18 -13.78 -27.38
N GLN B 218 7.22 -14.78 -26.48
CA GLN B 218 8.49 -15.38 -25.96
C GLN B 218 9.32 -15.93 -27.12
N PRO B 219 8.75 -16.68 -28.10
CA PRO B 219 9.53 -17.23 -29.22
C PRO B 219 10.25 -16.18 -30.08
N LEU B 220 9.70 -14.95 -30.14
CA LEU B 220 10.23 -13.78 -30.89
C LEU B 220 11.23 -12.97 -30.05
N THR B 221 11.24 -13.06 -28.71
CA THR B 221 12.20 -12.31 -27.85
C THR B 221 13.28 -13.24 -27.31
N ALA B 222 13.24 -14.53 -27.71
CA ALA B 222 14.07 -15.63 -27.14
C ALA B 222 15.32 -15.83 -27.98
N ASN B 223 16.45 -16.05 -27.32
CA ASN B 223 17.78 -16.23 -27.97
C ASN B 223 18.32 -17.63 -27.63
N LEU B 224 18.18 -18.55 -28.58
CA LEU B 224 18.56 -19.99 -28.49
C LEU B 224 19.90 -20.15 -27.77
N GLU B 225 20.89 -19.32 -28.11
CA GLU B 225 22.29 -19.36 -27.60
C GLU B 225 22.34 -19.15 -26.07
N LYS B 226 21.47 -18.31 -25.49
CA LYS B 226 21.58 -17.91 -24.07
C LYS B 226 21.19 -19.08 -23.17
N ILE B 227 20.38 -20.01 -23.69
CA ILE B 227 19.77 -21.16 -22.95
C ILE B 227 20.79 -21.70 -21.94
N PRO B 228 21.99 -22.15 -22.35
CA PRO B 228 22.95 -22.76 -21.43
C PRO B 228 23.84 -21.82 -20.60
N SER B 229 23.72 -20.50 -20.79
CA SER B 229 24.42 -19.45 -20.00
C SER B 229 23.50 -18.89 -18.92
N LEU B 230 22.18 -19.07 -19.03
CA LEU B 230 21.18 -18.49 -18.09
C LEU B 230 21.51 -18.87 -16.64
N ARG B 231 21.26 -17.97 -15.70
CA ARG B 231 21.41 -18.21 -14.24
C ARG B 231 20.39 -19.24 -13.76
N PRO B 232 20.55 -19.83 -12.54
CA PRO B 232 19.58 -20.77 -12.02
C PRO B 232 18.40 -19.99 -11.43
N ALA B 233 17.18 -20.31 -11.83
CA ALA B 233 15.98 -19.49 -11.54
C ALA B 233 15.53 -19.63 -10.08
N PHE B 234 15.61 -20.83 -9.46
CA PHE B 234 14.82 -21.22 -8.26
C PHE B 234 15.65 -21.70 -7.07
N ARG B 235 16.84 -22.28 -7.24
CA ARG B 235 17.79 -22.59 -6.13
C ARG B 235 19.14 -21.93 -6.45
N LYS B 236 20.02 -21.78 -5.44
CA LYS B 236 21.31 -21.04 -5.54
C LYS B 236 22.13 -21.53 -6.74
N ASP B 237 22.45 -22.84 -6.77
CA ASP B 237 23.28 -23.49 -7.83
C ASP B 237 22.43 -24.57 -8.52
N GLY B 238 21.16 -24.25 -8.78
CA GLY B 238 20.18 -25.24 -9.27
C GLY B 238 20.42 -25.58 -10.73
N THR B 239 19.44 -26.23 -11.36
CA THR B 239 19.46 -26.62 -12.79
C THR B 239 18.29 -26.01 -13.58
N ILE B 240 17.33 -25.35 -12.92
CA ILE B 240 16.09 -24.87 -13.62
C ILE B 240 16.25 -23.37 -13.87
N THR B 241 16.26 -22.99 -15.15
CA THR B 241 16.47 -21.60 -15.64
C THR B 241 15.15 -21.11 -16.25
N ALA B 242 15.12 -19.88 -16.75
CA ALA B 242 13.95 -19.29 -17.44
C ALA B 242 13.62 -20.11 -18.69
N ALA B 243 14.62 -20.59 -19.44
CA ALA B 243 14.42 -21.23 -20.76
C ALA B 243 13.75 -22.60 -20.64
N ASN B 244 13.79 -23.23 -19.45
CA ASN B 244 13.17 -24.54 -19.13
C ASN B 244 12.29 -24.39 -17.88
N ALA B 245 11.71 -23.21 -17.72
CA ALA B 245 10.48 -22.94 -16.93
C ALA B 245 9.49 -22.22 -17.84
N SER B 246 8.20 -22.60 -17.78
CA SER B 246 7.09 -21.88 -18.45
C SER B 246 7.18 -20.40 -18.07
N SER B 247 7.14 -19.50 -19.04
CA SER B 247 7.19 -18.03 -18.82
C SER B 247 5.88 -17.56 -18.17
N ILE B 248 5.97 -16.53 -17.33
CA ILE B 248 4.81 -15.73 -16.85
C ILE B 248 4.24 -15.00 -18.06
N SER B 249 2.93 -15.10 -18.32
CA SER B 249 2.31 -14.61 -19.58
C SER B 249 0.85 -14.16 -19.37
N ASP B 250 0.31 -13.51 -20.40
CA ASP B 250 -1.12 -13.16 -20.55
C ASP B 250 -1.69 -13.87 -21.78
N GLY B 251 -2.97 -14.23 -21.71
CA GLY B 251 -3.74 -14.63 -22.89
C GLY B 251 -5.09 -15.16 -22.47
N ALA B 252 -5.82 -15.69 -23.45
CA ALA B 252 -7.06 -16.42 -23.19
C ALA B 252 -7.38 -17.32 -24.39
N SER B 253 -8.32 -18.22 -24.12
CA SER B 253 -8.76 -19.29 -25.04
C SER B 253 -10.25 -19.52 -24.79
N ALA B 254 -10.95 -20.08 -25.77
CA ALA B 254 -12.37 -20.46 -25.64
C ALA B 254 -12.70 -21.54 -26.66
N LEU B 255 -13.44 -22.52 -26.19
CA LEU B 255 -14.02 -23.61 -27.02
C LEU B 255 -15.55 -23.43 -27.00
N VAL B 256 -16.19 -23.69 -28.14
CA VAL B 256 -17.68 -23.83 -28.24
C VAL B 256 -17.97 -25.34 -28.25
N LEU B 257 -18.51 -25.89 -27.14
CA LEU B 257 -18.91 -27.31 -26.98
C LEU B 257 -20.42 -27.49 -27.21
N MET B 258 -20.80 -28.65 -27.73
CA MET B 258 -22.21 -29.14 -27.79
C MET B 258 -22.20 -30.64 -27.49
N THR B 259 -23.39 -31.21 -27.30
CA THR B 259 -23.65 -32.65 -27.49
C THR B 259 -23.61 -32.89 -29.01
N ALA B 260 -23.41 -34.14 -29.42
CA ALA B 260 -23.21 -34.58 -30.82
C ALA B 260 -24.48 -34.32 -31.65
N GLU B 261 -25.66 -34.60 -31.09
CA GLU B 261 -26.98 -34.46 -31.77
C GLU B 261 -27.34 -32.98 -31.95
N GLU B 262 -26.97 -32.13 -30.99
CA GLU B 262 -27.24 -30.66 -31.00
C GLU B 262 -26.44 -29.99 -32.14
N ALA B 263 -25.24 -30.50 -32.45
CA ALA B 263 -24.35 -29.97 -33.50
C ALA B 263 -24.88 -30.40 -34.88
N GLN B 264 -25.45 -31.62 -34.96
CA GLN B 264 -26.09 -32.16 -36.19
C GLN B 264 -27.41 -31.42 -36.43
N ARG B 265 -28.18 -31.17 -35.37
CA ARG B 265 -29.50 -30.48 -35.44
C ARG B 265 -29.33 -29.11 -36.12
N ARG B 266 -28.19 -28.44 -35.94
CA ARG B 266 -27.85 -27.15 -36.60
C ARG B 266 -26.96 -27.40 -37.83
N GLY B 267 -26.71 -28.67 -38.17
CA GLY B 267 -26.01 -29.09 -39.40
C GLY B 267 -24.60 -28.53 -39.48
N LEU B 268 -23.83 -28.71 -38.41
CA LEU B 268 -22.41 -28.27 -38.28
C LEU B 268 -21.48 -29.49 -38.26
N LYS B 269 -20.39 -29.43 -39.03
CA LYS B 269 -19.25 -30.39 -38.96
C LYS B 269 -18.37 -29.97 -37.79
N PRO B 270 -18.37 -30.72 -36.64
CA PRO B 270 -17.47 -30.40 -35.54
C PRO B 270 -16.04 -30.90 -35.83
N LEU B 271 -15.07 -30.32 -35.10
CA LEU B 271 -13.61 -30.57 -35.24
C LEU B 271 -13.24 -31.94 -34.68
N ALA B 272 -13.72 -32.25 -33.47
CA ALA B 272 -13.31 -33.44 -32.68
C ALA B 272 -14.38 -33.78 -31.65
N ARG B 273 -14.40 -35.03 -31.21
CA ARG B 273 -15.28 -35.53 -30.11
C ARG B 273 -14.45 -35.65 -28.85
N ILE B 274 -14.90 -35.10 -27.71
CA ILE B 274 -14.24 -35.44 -26.40
C ILE B 274 -14.61 -36.89 -26.10
N VAL B 275 -13.61 -37.72 -25.77
CA VAL B 275 -13.73 -39.20 -25.58
C VAL B 275 -13.69 -39.50 -24.07
N GLY B 276 -12.81 -38.85 -23.32
CA GLY B 276 -12.86 -38.87 -21.86
C GLY B 276 -12.00 -37.78 -21.25
N HIS B 277 -12.09 -37.62 -19.95
CA HIS B 277 -11.19 -36.77 -19.13
C HIS B 277 -10.83 -37.56 -17.89
N ALA B 278 -9.66 -37.31 -17.31
CA ALA B 278 -9.23 -37.92 -16.03
C ALA B 278 -8.68 -36.86 -15.10
N THR B 279 -8.75 -37.14 -13.81
CA THR B 279 -8.25 -36.27 -12.72
C THR B 279 -7.31 -37.11 -11.86
N GLN B 280 -6.13 -36.57 -11.56
CA GLN B 280 -5.15 -37.14 -10.61
C GLN B 280 -4.91 -36.08 -9.53
N SER B 281 -4.61 -36.53 -8.32
CA SER B 281 -4.53 -35.68 -7.12
C SER B 281 -3.61 -36.37 -6.12
N GLN B 282 -2.54 -35.71 -5.66
CA GLN B 282 -1.55 -36.30 -4.75
C GLN B 282 -0.97 -35.20 -3.87
N ASP B 283 0.00 -35.51 -3.02
CA ASP B 283 0.58 -34.50 -2.12
C ASP B 283 1.09 -33.35 -2.95
N PRO B 284 0.98 -32.09 -2.47
CA PRO B 284 1.42 -30.92 -3.24
C PRO B 284 2.86 -30.85 -3.74
N SER B 285 3.83 -31.56 -3.13
CA SER B 285 5.26 -31.53 -3.55
C SER B 285 5.43 -32.34 -4.84
N GLU B 286 4.46 -33.20 -5.16
CA GLU B 286 4.57 -34.21 -6.24
C GLU B 286 3.70 -33.79 -7.42
N PHE B 287 3.18 -32.57 -7.39
CA PHE B 287 2.37 -31.95 -8.48
C PHE B 287 3.09 -32.21 -9.82
N THR B 288 4.42 -32.13 -9.82
CA THR B 288 5.26 -32.20 -11.05
C THR B 288 4.97 -33.50 -11.81
N LEU B 289 4.67 -34.58 -11.07
CA LEU B 289 4.55 -35.98 -11.56
C LEU B 289 3.07 -36.35 -11.73
N ALA B 290 2.18 -35.41 -11.43
CA ALA B 290 0.72 -35.61 -11.41
C ALA B 290 0.20 -35.90 -12.82
N PRO B 291 0.76 -35.35 -13.91
CA PRO B 291 0.32 -35.71 -15.25
C PRO B 291 0.39 -37.22 -15.58
N ILE B 292 1.29 -37.92 -14.86
CA ILE B 292 1.54 -39.38 -15.05
C ILE B 292 0.31 -40.13 -14.55
N GLY B 293 -0.13 -39.90 -13.31
CA GLY B 293 -1.40 -40.42 -12.81
C GLY B 293 -2.56 -40.06 -13.74
N ALA B 294 -2.59 -38.83 -14.26
CA ALA B 294 -3.74 -38.30 -15.03
C ALA B 294 -3.91 -39.13 -16.29
N MET B 295 -2.80 -39.41 -16.98
CA MET B 295 -2.83 -40.17 -18.26
C MET B 295 -2.96 -41.66 -17.94
N THR B 296 -2.53 -42.07 -16.74
CA THR B 296 -2.74 -43.46 -16.25
C THR B 296 -4.25 -43.65 -16.08
N ASN B 297 -4.91 -42.79 -15.29
CA ASN B 297 -6.37 -42.87 -14.98
C ASN B 297 -7.15 -42.72 -16.28
N LEU B 298 -6.66 -41.85 -17.18
CA LEU B 298 -7.27 -41.60 -18.49
C LEU B 298 -7.28 -42.91 -19.27
N PHE B 299 -6.09 -43.38 -19.66
CA PHE B 299 -5.87 -44.70 -20.31
C PHE B 299 -6.84 -45.71 -19.69
N ALA B 300 -6.88 -45.72 -18.36
CA ALA B 300 -7.75 -46.58 -17.52
C ALA B 300 -9.22 -46.36 -17.92
N ARG B 301 -9.75 -45.13 -17.83
CA ARG B 301 -11.19 -44.86 -18.16
C ARG B 301 -11.43 -45.12 -19.65
N THR B 302 -10.68 -44.42 -20.51
CA THR B 302 -10.89 -44.33 -21.98
C THR B 302 -10.87 -45.72 -22.64
N GLY B 303 -10.01 -46.62 -22.14
CA GLY B 303 -9.65 -47.87 -22.84
C GLY B 303 -8.33 -47.74 -23.59
N TRP B 304 -8.03 -46.54 -24.09
CA TRP B 304 -6.83 -46.17 -24.90
C TRP B 304 -5.53 -46.59 -24.22
N SER B 305 -4.46 -46.70 -25.02
CA SER B 305 -3.05 -46.88 -24.58
C SER B 305 -2.19 -45.90 -25.39
N LYS B 306 -0.88 -45.84 -25.13
CA LYS B 306 0.01 -44.77 -25.66
C LYS B 306 0.12 -44.89 -27.19
N ASP B 307 0.06 -46.09 -27.75
CA ASP B 307 0.25 -46.32 -29.22
C ASP B 307 -1.05 -45.96 -29.96
N ASP B 308 -2.17 -45.88 -29.24
CA ASP B 308 -3.43 -45.28 -29.75
C ASP B 308 -3.24 -43.76 -29.99
N VAL B 309 -2.47 -43.08 -29.13
CA VAL B 309 -2.35 -41.59 -29.09
C VAL B 309 -1.34 -41.12 -30.15
N ASP B 310 -1.80 -40.46 -31.21
CA ASP B 310 -0.95 -39.94 -32.34
C ASP B 310 -0.10 -38.74 -31.87
N LEU B 311 -0.68 -37.80 -31.11
CA LEU B 311 0.05 -36.63 -30.56
C LEU B 311 -0.42 -36.33 -29.14
N PHE B 312 0.50 -35.86 -28.30
CA PHE B 312 0.27 -35.36 -26.92
C PHE B 312 0.45 -33.84 -26.88
N GLU B 313 -0.32 -33.18 -26.02
CA GLU B 313 -0.04 -31.81 -25.53
C GLU B 313 0.08 -31.89 -24.01
N ILE B 314 1.31 -32.11 -23.55
CA ILE B 314 1.72 -32.17 -22.12
C ILE B 314 2.32 -30.79 -21.76
N ASN B 315 1.49 -29.88 -21.26
CA ASN B 315 1.95 -28.51 -20.94
C ASN B 315 3.22 -28.61 -20.08
N GLU B 316 4.26 -27.87 -20.47
CA GLU B 316 5.62 -27.95 -19.91
C GLU B 316 5.76 -26.83 -18.88
N ALA B 317 5.04 -26.96 -17.76
CA ALA B 317 5.13 -26.04 -16.60
C ALA B 317 6.59 -25.80 -16.30
N PHE B 318 7.39 -26.86 -16.42
CA PHE B 318 8.87 -26.88 -16.55
C PHE B 318 9.24 -28.06 -17.47
N ALA B 319 10.36 -27.96 -18.20
CA ALA B 319 10.85 -28.99 -19.14
C ALA B 319 10.70 -30.38 -18.51
N MET B 320 10.97 -30.46 -17.20
CA MET B 320 11.11 -31.71 -16.43
C MET B 320 9.76 -32.33 -16.12
N VAL B 321 8.65 -31.66 -16.38
CA VAL B 321 7.31 -32.29 -16.29
C VAL B 321 7.14 -33.21 -17.50
N THR B 322 7.10 -32.63 -18.68
CA THR B 322 7.05 -33.32 -20.00
C THR B 322 8.07 -34.47 -20.06
N MET B 323 9.28 -34.22 -19.54
CA MET B 323 10.41 -35.18 -19.61
C MET B 323 10.09 -36.40 -18.73
N LEU B 324 9.88 -36.21 -17.42
CA LEU B 324 9.56 -37.32 -16.47
C LEU B 324 8.26 -37.99 -16.92
N ALA B 325 7.32 -37.20 -17.47
CA ALA B 325 6.06 -37.69 -18.07
C ALA B 325 6.34 -38.57 -19.30
N MET B 326 7.21 -38.13 -20.23
CA MET B 326 7.60 -38.90 -21.45
C MET B 326 8.35 -40.17 -21.05
N ARG B 327 9.34 -40.04 -20.15
CA ARG B 327 10.14 -41.18 -19.60
C ARG B 327 9.15 -42.28 -19.21
N GLU B 328 8.30 -42.01 -18.22
CA GLU B 328 7.46 -42.99 -17.47
C GLU B 328 6.47 -43.72 -18.39
N HIS B 329 5.71 -42.99 -19.21
CA HIS B 329 4.74 -43.52 -20.20
C HIS B 329 5.43 -43.84 -21.54
N GLY B 330 6.75 -43.71 -21.60
CA GLY B 330 7.56 -44.07 -22.77
C GLY B 330 7.04 -43.39 -24.00
N LEU B 331 7.27 -42.07 -24.11
CA LEU B 331 6.81 -41.19 -25.23
C LEU B 331 8.01 -40.62 -25.99
N ASP B 332 7.81 -40.20 -27.24
CA ASP B 332 8.91 -39.69 -28.12
C ASP B 332 8.66 -38.19 -28.41
N HIS B 333 9.53 -37.30 -27.89
CA HIS B 333 9.39 -35.83 -28.06
C HIS B 333 8.97 -35.50 -29.51
N ALA B 334 9.07 -36.43 -30.45
CA ALA B 334 8.63 -36.24 -31.86
C ALA B 334 7.11 -36.35 -31.95
N LYS B 335 6.44 -36.77 -30.87
CA LYS B 335 4.97 -37.03 -30.86
C LYS B 335 4.26 -36.15 -29.82
N VAL B 336 5.01 -35.26 -29.13
CA VAL B 336 4.62 -34.48 -27.91
C VAL B 336 5.00 -33.01 -28.07
N ASN B 337 4.03 -32.08 -28.07
CA ASN B 337 4.23 -30.60 -28.13
C ASN B 337 4.91 -30.23 -29.46
N VAL B 338 4.30 -30.63 -30.57
CA VAL B 338 4.92 -30.60 -31.93
C VAL B 338 5.20 -29.15 -32.36
N TYR B 339 4.68 -28.14 -31.67
CA TYR B 339 4.84 -26.71 -32.07
C TYR B 339 5.51 -25.93 -30.94
N GLY B 340 6.11 -26.63 -29.97
CA GLY B 340 6.72 -26.02 -28.77
C GLY B 340 5.75 -26.06 -27.61
N GLY B 341 6.15 -25.57 -26.44
CA GLY B 341 5.24 -25.42 -25.29
C GLY B 341 5.64 -24.28 -24.37
N ALA B 342 5.04 -24.26 -23.18
CA ALA B 342 5.06 -23.17 -22.18
C ALA B 342 6.42 -22.47 -22.12
N CYS B 343 7.51 -23.23 -22.05
CA CYS B 343 8.89 -22.71 -21.88
C CYS B 343 9.20 -21.71 -22.99
N ALA B 344 8.81 -22.01 -24.23
CA ALA B 344 9.05 -21.17 -25.41
C ALA B 344 7.94 -20.14 -25.54
N GLN B 345 6.67 -20.57 -25.59
CA GLN B 345 5.52 -19.70 -25.95
C GLN B 345 5.06 -18.96 -24.69
N GLY B 346 4.57 -19.66 -23.68
CA GLY B 346 4.22 -19.05 -22.38
C GLY B 346 3.09 -19.78 -21.68
N HIS B 347 2.82 -19.38 -20.44
CA HIS B 347 1.86 -20.06 -19.51
C HIS B 347 0.93 -19.02 -18.88
N PRO B 348 -0.18 -18.63 -19.54
CA PRO B 348 -1.26 -17.90 -18.87
C PRO B 348 -2.04 -18.89 -17.99
N VAL B 349 -1.70 -18.98 -16.71
CA VAL B 349 -2.16 -20.09 -15.80
C VAL B 349 -3.64 -20.46 -16.09
N GLY B 350 -4.59 -19.53 -16.06
CA GLY B 350 -6.01 -19.85 -16.28
C GLY B 350 -6.28 -20.56 -17.62
N SER B 351 -5.45 -20.33 -18.65
CA SER B 351 -5.81 -20.50 -20.09
C SER B 351 -5.17 -21.75 -20.68
N THR B 352 -3.96 -22.10 -20.25
CA THR B 352 -3.13 -23.14 -20.91
C THR B 352 -3.97 -24.41 -21.07
N GLY B 353 -4.65 -24.82 -19.99
CA GLY B 353 -5.56 -25.98 -19.96
C GLY B 353 -6.43 -26.13 -21.20
N SER B 354 -7.13 -25.08 -21.59
CA SER B 354 -8.04 -25.10 -22.76
C SER B 354 -7.20 -24.94 -24.02
N ARG B 355 -6.34 -23.92 -24.02
CA ARG B 355 -5.45 -23.57 -25.15
C ARG B 355 -4.91 -24.86 -25.76
N ILE B 356 -4.34 -25.74 -24.91
CA ILE B 356 -3.50 -26.88 -25.39
C ILE B 356 -4.44 -27.94 -25.97
N ILE B 357 -5.73 -27.94 -25.57
CA ILE B 357 -6.79 -28.77 -26.21
C ILE B 357 -6.92 -28.30 -27.66
N LEU B 358 -6.65 -27.02 -27.89
CA LEU B 358 -6.80 -26.35 -29.20
C LEU B 358 -5.61 -26.72 -30.10
N THR B 359 -4.38 -26.50 -29.61
CA THR B 359 -3.09 -26.77 -30.32
C THR B 359 -3.07 -28.23 -30.74
N LEU B 360 -3.31 -29.14 -29.78
CA LEU B 360 -3.54 -30.61 -29.96
C LEU B 360 -4.43 -30.86 -31.19
N ILE B 361 -5.66 -30.32 -31.19
CA ILE B 361 -6.61 -30.42 -32.32
C ILE B 361 -5.93 -29.86 -33.58
N ASN B 362 -5.64 -28.55 -33.61
CA ASN B 362 -5.00 -27.85 -34.75
C ASN B 362 -3.90 -28.74 -35.33
N ALA B 363 -3.06 -29.29 -34.45
CA ALA B 363 -1.88 -30.11 -34.80
C ALA B 363 -2.34 -31.36 -35.54
N LEU B 364 -3.36 -32.04 -35.02
CA LEU B 364 -3.86 -33.34 -35.56
C LEU B 364 -4.48 -33.15 -36.96
N ARG B 365 -4.84 -31.92 -37.32
CA ARG B 365 -5.47 -31.59 -38.63
C ARG B 365 -4.36 -31.30 -39.66
N GLN B 366 -3.24 -30.76 -39.20
CA GLN B 366 -2.17 -30.18 -40.05
C GLN B 366 -1.05 -31.19 -40.29
N LYS B 367 -0.96 -32.23 -39.45
CA LYS B 367 0.14 -33.24 -39.44
C LYS B 367 -0.41 -34.64 -39.71
N GLY B 368 -1.70 -34.78 -40.06
CA GLY B 368 -2.39 -36.09 -40.22
C GLY B 368 -2.33 -36.94 -38.95
N GLY B 369 -3.49 -37.27 -38.36
CA GLY B 369 -3.59 -37.94 -37.04
C GLY B 369 -4.97 -37.76 -36.45
N LYS B 370 -5.51 -38.80 -35.79
CA LYS B 370 -6.95 -38.86 -35.41
C LYS B 370 -7.13 -38.74 -33.89
N ARG B 371 -6.18 -39.23 -33.08
CA ARG B 371 -6.33 -39.37 -31.61
C ARG B 371 -5.34 -38.47 -30.88
N GLY B 372 -5.80 -37.78 -29.83
CA GLY B 372 -4.99 -36.80 -29.05
C GLY B 372 -5.19 -36.93 -27.55
N VAL B 373 -4.19 -36.51 -26.78
CA VAL B 373 -4.21 -36.48 -25.27
C VAL B 373 -3.60 -35.14 -24.85
N ALA B 374 -4.23 -34.45 -23.91
CA ALA B 374 -3.75 -33.15 -23.42
C ALA B 374 -3.81 -33.17 -21.88
N SER B 375 -2.67 -33.05 -21.22
CA SER B 375 -2.60 -33.08 -19.73
C SER B 375 -1.73 -31.92 -19.26
N LEU B 376 -1.93 -31.47 -18.03
CA LEU B 376 -1.08 -30.42 -17.45
C LEU B 376 -1.07 -30.63 -15.95
N CYS B 377 0.02 -30.20 -15.32
CA CYS B 377 0.23 -30.39 -13.85
C CYS B 377 -0.45 -29.22 -13.15
N ILE B 378 -1.08 -29.47 -12.00
CA ILE B 378 -1.95 -28.49 -11.29
C ILE B 378 -1.35 -28.22 -9.91
N GLY B 379 -1.02 -26.97 -9.62
CA GLY B 379 -0.46 -26.57 -8.32
C GLY B 379 -1.39 -27.11 -7.25
N GLY B 380 -0.84 -27.69 -6.18
CA GLY B 380 -1.64 -28.38 -5.13
C GLY B 380 -1.71 -29.87 -5.38
N GLY B 381 -0.69 -30.44 -5.97
CA GLY B 381 -0.52 -31.90 -6.09
C GLY B 381 -1.46 -32.52 -7.11
N GLU B 382 -2.01 -31.74 -8.03
CA GLU B 382 -3.08 -32.23 -8.93
C GLU B 382 -2.68 -32.19 -10.41
N ALA B 383 -3.57 -32.68 -11.28
CA ALA B 383 -3.36 -32.75 -12.74
C ALA B 383 -4.64 -33.28 -13.38
N THR B 384 -5.07 -32.68 -14.48
CA THR B 384 -6.24 -33.15 -15.27
C THR B 384 -5.71 -33.58 -16.65
N ALA B 385 -6.53 -34.26 -17.46
CA ALA B 385 -6.14 -34.80 -18.78
C ALA B 385 -7.37 -35.14 -19.62
N VAL B 386 -7.44 -34.58 -20.82
CA VAL B 386 -8.54 -34.85 -21.79
C VAL B 386 -8.00 -35.73 -22.89
N ALA B 387 -8.79 -36.69 -23.37
CA ALA B 387 -8.51 -37.49 -24.58
C ALA B 387 -9.58 -37.13 -25.61
N LEU B 388 -9.17 -36.97 -26.87
CA LEU B 388 -10.06 -36.51 -27.97
C LEU B 388 -9.65 -37.06 -29.35
N GLU B 389 -10.66 -37.12 -30.22
CA GLU B 389 -10.69 -37.90 -31.49
C GLU B 389 -11.26 -36.95 -32.54
N LEU B 390 -10.52 -36.69 -33.63
CA LEU B 390 -11.03 -35.84 -34.75
C LEU B 390 -12.26 -36.51 -35.42
N LEU B 391 -12.93 -35.79 -36.30
CA LEU B 391 -14.22 -36.26 -36.88
C LEU B 391 -14.25 -35.98 -38.38
N SER C 2 -29.61 -41.63 -12.80
CA SER C 2 -29.45 -41.61 -11.30
C SER C 2 -30.11 -40.34 -10.74
N ASP C 3 -30.91 -40.49 -9.67
CA ASP C 3 -31.37 -39.36 -8.82
C ASP C 3 -30.27 -39.02 -7.80
N ILE C 4 -30.21 -37.76 -7.36
CA ILE C 4 -29.13 -37.23 -6.47
C ILE C 4 -29.67 -36.99 -5.06
N VAL C 5 -29.07 -37.63 -4.07
CA VAL C 5 -29.47 -37.41 -2.64
C VAL C 5 -28.50 -36.41 -2.01
N ILE C 6 -29.01 -35.58 -1.11
CA ILE C 6 -28.16 -34.87 -0.13
C ILE C 6 -28.10 -35.79 1.09
N VAL C 7 -26.96 -36.43 1.35
CA VAL C 7 -26.81 -37.40 2.47
C VAL C 7 -26.86 -36.63 3.81
N ALA C 8 -26.00 -35.63 3.99
CA ALA C 8 -25.96 -34.77 5.20
C ALA C 8 -25.32 -33.41 4.88
N GLY C 9 -25.21 -32.55 5.90
CA GLY C 9 -24.68 -31.18 5.76
C GLY C 9 -24.24 -30.63 7.10
N ALA C 10 -23.58 -29.49 7.10
CA ALA C 10 -23.25 -28.68 8.30
C ALA C 10 -22.70 -27.34 7.81
N ARG C 11 -22.95 -26.31 8.60
CA ARG C 11 -22.62 -24.90 8.28
C ARG C 11 -22.24 -24.23 9.57
N THR C 12 -21.32 -23.28 9.52
CA THR C 12 -20.77 -22.67 10.74
C THR C 12 -21.85 -21.77 11.32
N PRO C 13 -21.64 -21.17 12.51
CA PRO C 13 -22.37 -19.96 12.84
C PRO C 13 -22.00 -18.96 11.72
N MET C 14 -22.74 -17.85 11.63
CA MET C 14 -22.49 -16.71 10.69
C MET C 14 -22.18 -15.44 11.50
N GLY C 15 -20.88 -15.17 11.72
CA GLY C 15 -20.36 -14.02 12.47
C GLY C 15 -20.56 -12.69 11.74
N GLY C 16 -20.42 -11.57 12.44
CA GLY C 16 -20.54 -10.23 11.83
C GLY C 16 -19.27 -9.89 11.08
N PHE C 17 -19.26 -8.77 10.35
CA PHE C 17 -18.04 -8.09 9.85
C PHE C 17 -17.13 -7.70 11.04
N GLN C 18 -15.85 -8.08 10.94
CA GLN C 18 -14.85 -7.98 12.04
C GLN C 18 -15.54 -8.41 13.36
N GLY C 19 -16.05 -9.65 13.40
CA GLY C 19 -16.82 -10.22 14.53
C GLY C 19 -16.22 -11.52 15.03
N SER C 20 -17.05 -12.50 15.40
CA SER C 20 -16.69 -13.69 16.23
C SER C 20 -15.83 -14.71 15.46
N LEU C 21 -16.05 -14.88 14.16
CA LEU C 21 -15.24 -15.79 13.30
C LEU C 21 -14.30 -14.95 12.40
N ALA C 22 -13.82 -13.82 12.92
CA ALA C 22 -12.77 -12.98 12.28
C ALA C 22 -11.40 -13.60 12.60
N GLY C 23 -11.29 -14.32 13.73
CA GLY C 23 -10.09 -15.06 14.15
C GLY C 23 -9.88 -16.36 13.39
N VAL C 24 -10.78 -16.73 12.49
CA VAL C 24 -10.71 -17.96 11.63
C VAL C 24 -10.68 -17.48 10.17
N SER C 25 -9.78 -18.00 9.34
CA SER C 25 -9.82 -17.79 7.86
C SER C 25 -11.01 -18.53 7.23
N ALA C 26 -11.37 -18.17 6.00
CA ALA C 26 -12.46 -18.80 5.22
C ALA C 26 -12.15 -20.27 4.94
N VAL C 27 -10.88 -20.57 4.71
CA VAL C 27 -10.36 -21.95 4.40
C VAL C 27 -10.62 -22.86 5.61
N ASP C 28 -10.39 -22.33 6.82
CA ASP C 28 -10.62 -23.01 8.12
C ASP C 28 -12.11 -23.20 8.41
N LEU C 29 -12.95 -22.23 8.07
CA LEU C 29 -14.42 -22.34 8.26
C LEU C 29 -14.91 -23.42 7.30
N GLY C 30 -14.59 -23.31 6.01
CA GLY C 30 -14.86 -24.35 5.01
C GLY C 30 -14.51 -25.73 5.56
N ALA C 31 -13.35 -25.82 6.21
CA ALA C 31 -12.82 -27.06 6.82
C ALA C 31 -13.87 -27.58 7.81
N VAL C 32 -14.06 -26.89 8.94
CA VAL C 32 -15.10 -27.15 9.97
C VAL C 32 -16.39 -27.67 9.30
N ALA C 33 -16.86 -26.97 8.26
CA ALA C 33 -18.09 -27.33 7.51
C ALA C 33 -17.92 -28.66 6.79
N ILE C 34 -16.78 -28.91 6.14
CA ILE C 34 -16.56 -30.12 5.26
C ILE C 34 -16.36 -31.37 6.12
N ARG C 35 -15.61 -31.25 7.23
CA ARG C 35 -15.30 -32.33 8.22
C ARG C 35 -16.60 -32.80 8.88
N GLU C 36 -17.40 -31.86 9.38
CA GLU C 36 -18.67 -32.13 10.11
C GLU C 36 -19.73 -32.64 9.14
N ALA C 37 -19.67 -32.27 7.85
CA ALA C 37 -20.55 -32.79 6.79
C ALA C 37 -20.28 -34.28 6.60
N VAL C 38 -19.01 -34.63 6.35
CA VAL C 38 -18.50 -36.02 6.18
C VAL C 38 -18.98 -36.88 7.37
N GLN C 39 -18.49 -36.60 8.59
CA GLN C 39 -18.87 -37.31 9.84
C GLN C 39 -20.38 -37.63 9.84
N ARG C 40 -21.21 -36.63 9.51
CA ARG C 40 -22.70 -36.72 9.53
C ARG C 40 -23.16 -37.67 8.43
N ALA C 41 -22.74 -37.45 7.19
CA ALA C 41 -23.04 -38.34 6.04
C ALA C 41 -22.95 -39.78 6.55
N GLY C 42 -22.01 -40.00 7.49
CA GLY C 42 -21.73 -41.30 8.13
C GLY C 42 -20.76 -42.13 7.31
N ILE C 43 -19.78 -41.48 6.65
CA ILE C 43 -18.76 -42.09 5.74
C ILE C 43 -17.36 -41.66 6.17
N ALA C 44 -16.32 -42.14 5.47
CA ALA C 44 -14.91 -41.83 5.71
C ALA C 44 -14.46 -40.72 4.75
N ALA C 45 -13.61 -39.80 5.21
CA ALA C 45 -12.96 -38.74 4.40
C ALA C 45 -12.48 -39.30 3.03
N GLU C 46 -11.95 -40.51 3.02
CA GLU C 46 -11.42 -41.19 1.81
C GLU C 46 -12.53 -41.45 0.78
N ASP C 47 -13.76 -41.68 1.25
CA ASP C 47 -14.90 -42.13 0.39
C ASP C 47 -15.26 -41.02 -0.61
N VAL C 48 -15.16 -39.76 -0.16
CA VAL C 48 -15.33 -38.49 -0.94
C VAL C 48 -14.31 -38.44 -2.08
N GLN C 49 -14.79 -38.22 -3.31
CA GLN C 49 -13.99 -38.32 -4.56
C GLN C 49 -13.60 -36.94 -5.11
N GLU C 50 -14.42 -35.90 -4.87
CA GLU C 50 -14.21 -34.53 -5.39
C GLU C 50 -14.93 -33.52 -4.49
N VAL C 51 -14.28 -32.38 -4.27
CA VAL C 51 -14.76 -31.22 -3.45
C VAL C 51 -14.88 -30.00 -4.35
N ILE C 52 -16.08 -29.39 -4.46
CA ILE C 52 -16.26 -28.06 -5.13
C ILE C 52 -16.68 -27.03 -4.06
N MET C 53 -16.00 -25.89 -3.99
CA MET C 53 -16.39 -24.82 -3.02
C MET C 53 -16.70 -23.51 -3.75
N GLY C 54 -17.72 -22.81 -3.28
CA GLY C 54 -17.92 -21.39 -3.57
C GLY C 54 -16.92 -20.53 -2.79
N CYS C 55 -16.23 -19.66 -3.50
CA CYS C 55 -15.44 -18.58 -2.92
C CYS C 55 -15.46 -17.40 -3.88
N VAL C 56 -16.09 -16.30 -3.43
CA VAL C 56 -16.25 -15.01 -4.14
C VAL C 56 -14.92 -14.24 -4.08
N LEU C 57 -14.26 -14.29 -2.91
CA LEU C 57 -13.14 -13.38 -2.48
C LEU C 57 -11.87 -14.16 -2.16
N PRO C 58 -11.11 -14.66 -3.16
CA PRO C 58 -10.01 -15.59 -2.92
C PRO C 58 -8.63 -14.95 -2.67
N ALA C 59 -8.52 -13.62 -2.79
CA ALA C 59 -7.34 -12.78 -2.39
C ALA C 59 -6.81 -13.13 -1.00
N GLY C 60 -5.58 -13.67 -0.90
CA GLY C 60 -4.84 -13.88 0.36
C GLY C 60 -5.25 -15.12 1.14
N LEU C 61 -6.05 -16.00 0.54
CA LEU C 61 -6.36 -17.36 1.06
C LEU C 61 -5.30 -18.34 0.55
N LYS C 62 -4.43 -17.87 -0.34
CA LYS C 62 -3.28 -18.61 -0.94
C LYS C 62 -3.81 -19.63 -1.97
N GLN C 63 -2.94 -20.55 -2.40
CA GLN C 63 -3.16 -21.36 -3.63
C GLN C 63 -4.39 -22.23 -3.42
N GLY C 64 -5.20 -22.40 -4.47
CA GLY C 64 -6.41 -23.25 -4.44
C GLY C 64 -7.08 -23.25 -3.07
N PRO C 65 -8.06 -22.35 -2.81
CA PRO C 65 -8.69 -22.25 -1.49
C PRO C 65 -9.54 -23.48 -1.10
N ALA C 66 -10.34 -23.99 -2.03
CA ALA C 66 -11.07 -25.29 -1.97
C ALA C 66 -10.11 -26.44 -1.58
N ARG C 67 -9.00 -26.55 -2.33
CA ARG C 67 -7.94 -27.57 -2.14
C ARG C 67 -7.51 -27.55 -0.67
N GLN C 68 -7.11 -26.39 -0.13
CA GLN C 68 -6.55 -26.25 1.25
C GLN C 68 -7.59 -26.73 2.25
N ALA C 69 -8.85 -26.34 2.02
CA ALA C 69 -9.97 -26.61 2.94
C ALA C 69 -10.18 -28.13 3.00
N ALA C 70 -10.40 -28.78 1.85
CA ALA C 70 -10.46 -30.26 1.70
C ALA C 70 -9.40 -30.93 2.57
N LEU C 71 -8.12 -30.55 2.41
CA LEU C 71 -6.96 -31.14 3.16
C LEU C 71 -7.13 -30.91 4.67
N ALA C 72 -7.36 -29.66 5.12
CA ALA C 72 -7.42 -29.28 6.54
C ALA C 72 -8.64 -29.94 7.20
N ALA C 73 -9.67 -30.23 6.39
CA ALA C 73 -10.91 -30.92 6.81
C ALA C 73 -10.63 -32.40 7.00
N GLY C 74 -9.45 -32.88 6.57
CA GLY C 74 -8.98 -34.24 6.83
C GLY C 74 -9.15 -35.13 5.62
N LEU C 75 -9.68 -34.59 4.52
CA LEU C 75 -9.83 -35.33 3.23
C LEU C 75 -8.43 -35.59 2.70
N PRO C 76 -8.19 -36.72 2.04
CA PRO C 76 -6.84 -37.10 1.63
C PRO C 76 -6.37 -36.22 0.45
N ALA C 77 -5.11 -36.35 0.06
CA ALA C 77 -4.50 -35.59 -1.05
C ALA C 77 -5.06 -36.09 -2.40
N ALA C 78 -5.57 -37.31 -2.46
CA ALA C 78 -6.15 -37.91 -3.69
C ALA C 78 -7.52 -37.30 -4.02
N THR C 79 -8.07 -36.40 -3.20
CA THR C 79 -9.43 -35.83 -3.35
C THR C 79 -9.41 -34.60 -4.28
N GLY C 80 -9.92 -34.73 -5.51
CA GLY C 80 -10.07 -33.61 -6.48
C GLY C 80 -10.59 -32.34 -5.81
N CYS C 81 -10.08 -31.16 -6.20
CA CYS C 81 -10.47 -29.87 -5.59
C CYS C 81 -10.49 -28.78 -6.66
N THR C 82 -11.68 -28.19 -6.87
CA THR C 82 -11.96 -27.01 -7.72
C THR C 82 -12.58 -25.94 -6.82
N THR C 83 -12.24 -24.67 -7.00
CA THR C 83 -12.79 -23.49 -6.26
C THR C 83 -13.55 -22.61 -7.25
N ILE C 84 -14.81 -22.25 -7.00
CA ILE C 84 -15.64 -21.57 -8.04
C ILE C 84 -16.29 -20.31 -7.46
N ASN C 85 -16.61 -19.39 -8.36
CA ASN C 85 -17.25 -18.06 -8.09
C ASN C 85 -18.31 -17.74 -9.17
N LYS C 86 -19.59 -17.85 -8.78
CA LYS C 86 -20.72 -17.18 -9.47
C LYS C 86 -21.41 -16.32 -8.40
N LEU C 87 -20.58 -15.54 -7.70
CA LEU C 87 -20.90 -14.51 -6.66
C LEU C 87 -21.64 -15.16 -5.50
N CYS C 88 -22.81 -14.64 -5.14
CA CYS C 88 -23.57 -15.02 -3.92
C CYS C 88 -24.16 -16.43 -4.17
N GLY C 89 -24.41 -16.75 -5.45
CA GLY C 89 -24.89 -18.07 -5.93
C GLY C 89 -23.78 -19.13 -5.97
N SER C 90 -22.57 -18.79 -5.54
CA SER C 90 -21.39 -19.69 -5.47
C SER C 90 -21.75 -21.03 -4.80
N GLY C 91 -22.24 -20.97 -3.56
CA GLY C 91 -22.56 -22.14 -2.72
C GLY C 91 -23.49 -23.08 -3.47
N MET C 92 -24.52 -22.53 -4.10
CA MET C 92 -25.63 -23.29 -4.74
C MET C 92 -25.22 -23.78 -6.14
N LYS C 93 -24.36 -23.04 -6.83
CA LYS C 93 -23.74 -23.50 -8.11
C LYS C 93 -22.81 -24.68 -7.84
N ALA C 94 -22.04 -24.66 -6.74
CA ALA C 94 -21.17 -25.80 -6.32
C ALA C 94 -21.99 -27.10 -6.21
N VAL C 95 -23.26 -26.98 -5.77
CA VAL C 95 -24.24 -28.08 -5.54
C VAL C 95 -24.94 -28.42 -6.86
N MET C 96 -24.94 -27.49 -7.82
CA MET C 96 -25.52 -27.68 -9.18
C MET C 96 -24.43 -28.21 -10.11
N LEU C 97 -23.15 -27.99 -9.78
CA LEU C 97 -22.01 -28.59 -10.53
C LEU C 97 -21.77 -30.00 -9.98
N ALA C 98 -21.96 -30.17 -8.66
CA ALA C 98 -22.06 -31.48 -7.96
C ALA C 98 -23.16 -32.34 -8.59
N HIS C 99 -24.39 -31.84 -8.68
CA HIS C 99 -25.55 -32.56 -9.28
C HIS C 99 -25.13 -33.08 -10.66
N ASP C 100 -24.55 -32.22 -11.50
CA ASP C 100 -24.32 -32.49 -12.95
C ASP C 100 -23.17 -33.49 -13.12
N LEU C 101 -22.13 -33.41 -12.27
CA LEU C 101 -21.03 -34.41 -12.21
C LEU C 101 -21.65 -35.78 -11.88
N LEU C 102 -22.29 -35.89 -10.70
CA LEU C 102 -22.93 -37.12 -10.15
C LEU C 102 -23.95 -37.69 -11.14
N LYS C 103 -24.50 -36.87 -12.04
CA LYS C 103 -25.47 -37.32 -13.08
C LYS C 103 -24.75 -38.03 -14.21
N ALA C 104 -23.52 -37.65 -14.51
CA ALA C 104 -22.81 -37.98 -15.78
C ALA C 104 -21.73 -39.05 -15.55
N GLY C 105 -21.70 -39.67 -14.36
CA GLY C 105 -20.85 -40.83 -14.06
C GLY C 105 -19.43 -40.46 -13.66
N THR C 106 -19.10 -39.18 -13.61
CA THR C 106 -17.72 -38.68 -13.33
C THR C 106 -17.37 -38.95 -11.86
N ASN C 107 -18.35 -39.09 -10.98
CA ASN C 107 -18.11 -39.42 -9.56
C ASN C 107 -19.36 -40.08 -8.96
N GLN C 108 -19.25 -40.47 -7.68
CA GLN C 108 -20.31 -41.12 -6.87
C GLN C 108 -20.54 -40.33 -5.59
N VAL C 109 -19.47 -39.93 -4.92
CA VAL C 109 -19.49 -39.21 -3.61
C VAL C 109 -18.80 -37.86 -3.80
N MET C 110 -19.56 -36.76 -3.63
CA MET C 110 -19.06 -35.36 -3.74
C MET C 110 -19.37 -34.57 -2.48
N VAL C 111 -18.52 -33.60 -2.17
CA VAL C 111 -18.76 -32.51 -1.20
C VAL C 111 -18.84 -31.22 -2.01
N ALA C 112 -19.83 -30.40 -1.71
CA ALA C 112 -20.09 -29.09 -2.35
C ALA C 112 -20.59 -28.13 -1.29
N GLY C 113 -20.32 -26.85 -1.47
CA GLY C 113 -20.78 -25.79 -0.57
C GLY C 113 -20.06 -24.49 -0.85
N GLY C 114 -19.56 -23.83 0.19
CA GLY C 114 -18.74 -22.62 0.01
C GLY C 114 -18.41 -22.03 1.33
N MET C 115 -17.48 -21.08 1.33
CA MET C 115 -16.88 -20.50 2.56
C MET C 115 -16.49 -19.05 2.25
N GLU C 116 -16.57 -18.19 3.25
CA GLU C 116 -16.29 -16.75 3.07
C GLU C 116 -15.91 -16.13 4.42
N SER C 117 -14.67 -15.70 4.55
CA SER C 117 -14.31 -14.62 5.49
C SER C 117 -14.29 -13.38 4.61
N MET C 118 -15.42 -12.66 4.66
CA MET C 118 -15.55 -11.25 4.23
C MET C 118 -14.76 -10.35 5.20
N SER C 119 -14.66 -10.67 6.49
CA SER C 119 -13.84 -9.90 7.46
C SER C 119 -12.39 -9.80 6.97
N ASN C 120 -11.76 -10.92 6.58
CA ASN C 120 -10.31 -10.97 6.27
C ASN C 120 -10.07 -10.85 4.75
N ALA C 121 -11.05 -10.34 3.99
CA ALA C 121 -10.87 -9.98 2.57
C ALA C 121 -9.92 -8.80 2.53
N PRO C 122 -8.74 -8.93 1.86
CA PRO C 122 -7.74 -7.86 1.87
C PRO C 122 -8.06 -6.66 0.95
N TYR C 123 -7.11 -5.72 0.86
CA TYR C 123 -7.11 -4.55 -0.06
C TYR C 123 -6.10 -4.81 -1.18
N VAL C 124 -6.31 -4.21 -2.35
CA VAL C 124 -5.49 -4.44 -3.58
C VAL C 124 -5.03 -3.08 -4.12
N LEU C 125 -3.84 -3.02 -4.74
CA LEU C 125 -3.33 -1.88 -5.56
C LEU C 125 -3.12 -2.37 -7.00
N GLU C 126 -3.46 -1.55 -8.00
CA GLU C 126 -3.62 -1.98 -9.43
C GLU C 126 -2.48 -1.48 -10.33
N LYS C 127 -1.72 -0.47 -9.91
CA LYS C 127 -0.68 0.17 -10.78
C LYS C 127 0.72 0.03 -10.16
N ALA C 128 0.82 -0.44 -8.91
CA ALA C 128 2.06 -0.50 -8.10
C ALA C 128 3.07 -1.49 -8.68
N ARG C 129 2.64 -2.46 -9.49
CA ARG C 129 3.53 -3.42 -10.20
C ARG C 129 4.30 -2.67 -11.29
N SER C 130 3.56 -1.99 -12.17
CA SER C 130 4.12 -1.14 -13.26
C SER C 130 4.90 0.02 -12.65
N GLY C 131 4.34 0.67 -11.62
CA GLY C 131 4.78 1.95 -10.99
C GLY C 131 3.69 3.02 -11.01
N LEU C 132 3.44 3.68 -9.87
CA LEU C 132 2.47 4.80 -9.73
C LEU C 132 3.01 6.05 -10.43
N ARG C 133 4.34 6.27 -10.37
CA ARG C 133 5.11 7.33 -11.07
C ARG C 133 4.98 8.67 -10.35
N MET C 134 3.78 9.27 -10.40
CA MET C 134 3.52 10.67 -9.98
C MET C 134 2.00 10.85 -9.78
N GLY C 135 1.59 11.46 -8.67
CA GLY C 135 0.17 11.72 -8.39
C GLY C 135 -0.43 10.65 -7.49
N HIS C 136 -1.55 10.94 -6.82
CA HIS C 136 -2.11 10.08 -5.74
C HIS C 136 -2.73 8.84 -6.40
N GLY C 137 -3.23 7.89 -5.61
CA GLY C 137 -3.72 6.59 -6.09
C GLY C 137 -4.76 5.98 -5.17
N GLU C 138 -5.54 5.03 -5.66
CA GLU C 138 -6.58 4.33 -4.86
C GLU C 138 -5.98 3.04 -4.30
N ILE C 139 -6.36 2.70 -3.08
CA ILE C 139 -6.18 1.34 -2.47
C ILE C 139 -7.59 0.76 -2.34
N LYS C 140 -7.96 -0.16 -3.23
CA LYS C 140 -9.34 -0.71 -3.34
C LYS C 140 -9.55 -1.82 -2.31
N ASP C 141 -10.70 -1.82 -1.63
CA ASP C 141 -11.28 -3.00 -0.95
C ASP C 141 -11.59 -4.07 -2.01
N HIS C 142 -11.17 -5.31 -1.74
CA HIS C 142 -11.45 -6.51 -2.58
C HIS C 142 -12.94 -6.85 -2.46
N MET C 143 -13.46 -6.77 -1.23
CA MET C 143 -14.91 -6.96 -0.93
C MET C 143 -15.74 -6.25 -1.99
N PHE C 144 -15.56 -4.93 -2.10
CA PHE C 144 -16.31 -3.98 -2.96
C PHE C 144 -15.94 -4.15 -4.44
N LEU C 145 -14.66 -4.39 -4.77
CA LEU C 145 -14.16 -4.31 -6.18
C LEU C 145 -14.54 -5.56 -6.98
N ASP C 146 -14.59 -6.72 -6.33
CA ASP C 146 -14.78 -8.04 -7.00
C ASP C 146 -16.03 -8.75 -6.44
N GLY C 147 -16.72 -8.16 -5.46
CA GLY C 147 -17.94 -8.73 -4.87
C GLY C 147 -19.16 -7.83 -5.04
N LEU C 148 -19.18 -6.67 -4.38
CA LEU C 148 -20.39 -5.88 -4.06
C LEU C 148 -20.69 -4.79 -5.11
N GLU C 149 -19.70 -4.33 -5.88
CA GLU C 149 -19.92 -3.20 -6.82
C GLU C 149 -20.05 -3.79 -8.21
N ASP C 150 -21.11 -3.42 -8.92
CA ASP C 150 -21.32 -3.78 -10.34
C ASP C 150 -20.04 -3.47 -11.12
N ALA C 151 -19.77 -4.26 -12.16
CA ALA C 151 -18.61 -4.15 -13.09
C ALA C 151 -18.68 -2.86 -13.91
N ARG C 152 -19.76 -2.70 -14.68
CA ARG C 152 -19.86 -1.65 -15.73
C ARG C 152 -19.89 -0.27 -15.06
N THR C 153 -20.51 -0.16 -13.87
CA THR C 153 -20.96 1.12 -13.24
C THR C 153 -20.33 1.34 -11.86
N GLY C 154 -19.49 0.43 -11.37
CA GLY C 154 -18.87 0.58 -10.04
C GLY C 154 -19.87 0.87 -8.92
N ARG C 155 -21.18 0.74 -9.19
CA ARG C 155 -22.28 1.01 -8.22
C ARG C 155 -22.51 -0.21 -7.33
N LEU C 156 -22.61 -0.02 -6.00
CA LEU C 156 -22.87 -1.13 -5.05
C LEU C 156 -24.17 -1.84 -5.46
N MET C 157 -24.51 -2.92 -4.75
CA MET C 157 -25.71 -3.76 -5.06
C MET C 157 -26.94 -3.15 -4.36
N GLY C 158 -26.75 -2.54 -3.18
CA GLY C 158 -27.83 -1.92 -2.39
C GLY C 158 -28.33 -0.67 -3.07
N SER C 159 -27.47 -0.10 -3.91
CA SER C 159 -27.72 1.04 -4.82
C SER C 159 -28.69 0.59 -5.90
N PHE C 160 -28.35 -0.48 -6.64
CA PHE C 160 -29.23 -1.08 -7.68
C PHE C 160 -30.55 -1.53 -7.07
N ALA C 161 -30.54 -1.92 -5.79
CA ALA C 161 -31.72 -2.52 -5.11
C ALA C 161 -32.63 -1.38 -4.58
N GLN C 162 -32.03 -0.32 -4.04
CA GLN C 162 -32.70 0.96 -3.75
C GLN C 162 -33.47 1.42 -5.02
N GLU C 163 -32.85 1.35 -6.19
CA GLU C 163 -33.40 1.80 -7.50
C GLU C 163 -34.58 0.91 -7.89
N THR C 164 -34.42 -0.41 -7.77
CA THR C 164 -35.48 -1.39 -8.11
C THR C 164 -36.67 -1.13 -7.17
N ALA C 165 -36.46 -1.15 -5.85
CA ALA C 165 -37.51 -0.97 -4.82
C ALA C 165 -38.46 0.15 -5.24
N ASP C 166 -37.86 1.21 -5.79
CA ASP C 166 -38.47 2.53 -6.04
C ASP C 166 -39.36 2.43 -7.28
N LYS C 167 -38.82 1.95 -8.38
CA LYS C 167 -39.58 1.67 -9.63
C LYS C 167 -40.75 0.72 -9.32
N TYR C 168 -40.50 -0.32 -8.53
CA TYR C 168 -41.48 -1.37 -8.17
C TYR C 168 -42.22 -0.88 -6.92
N GLY C 169 -41.86 0.31 -6.44
CA GLY C 169 -42.62 1.07 -5.43
C GLY C 169 -42.71 0.26 -4.15
N VAL C 170 -41.62 0.24 -3.38
CA VAL C 170 -41.54 -0.46 -2.07
C VAL C 170 -41.04 0.55 -1.04
N THR C 171 -41.93 0.89 -0.11
CA THR C 171 -41.78 1.93 0.94
C THR C 171 -40.87 1.42 2.06
N ARG C 172 -40.31 2.34 2.84
CA ARG C 172 -39.53 2.09 4.10
C ARG C 172 -40.35 1.24 5.05
N GLU C 173 -41.65 1.54 5.15
CA GLU C 173 -42.62 0.86 6.07
C GLU C 173 -42.68 -0.63 5.69
N GLU C 174 -43.30 -0.96 4.56
CA GLU C 174 -43.34 -2.32 3.99
C GLU C 174 -42.08 -3.08 4.40
N MET C 175 -40.91 -2.54 4.05
CA MET C 175 -39.57 -3.19 4.22
C MET C 175 -39.29 -3.36 5.72
N ASP C 176 -39.19 -2.28 6.50
CA ASP C 176 -38.89 -2.35 7.96
C ASP C 176 -39.78 -3.39 8.68
N ALA C 177 -41.03 -3.56 8.23
CA ALA C 177 -41.95 -4.63 8.69
C ALA C 177 -41.34 -6.01 8.40
N TYR C 178 -41.11 -6.35 7.13
CA TYR C 178 -40.51 -7.65 6.74
C TYR C 178 -39.30 -7.92 7.63
N ALA C 179 -38.41 -6.94 7.72
CA ALA C 179 -37.18 -6.98 8.54
C ALA C 179 -37.50 -7.37 9.99
N ILE C 180 -38.58 -6.84 10.57
CA ILE C 180 -38.97 -7.05 12.01
C ILE C 180 -39.37 -8.52 12.24
N GLU C 181 -40.22 -9.07 11.36
CA GLU C 181 -40.67 -10.49 11.36
C GLU C 181 -39.44 -11.42 11.20
N SER C 182 -38.58 -11.18 10.20
CA SER C 182 -37.24 -11.82 10.05
C SER C 182 -36.52 -11.93 11.41
N LEU C 183 -36.17 -10.79 12.02
CA LEU C 183 -35.32 -10.71 13.25
C LEU C 183 -36.00 -11.46 14.40
N LYS C 184 -37.35 -11.48 14.44
CA LYS C 184 -38.12 -12.27 15.44
C LYS C 184 -37.89 -13.76 15.18
N ARG C 185 -38.24 -14.23 13.98
CA ARG C 185 -38.12 -15.65 13.55
C ARG C 185 -36.69 -16.13 13.79
N ALA C 186 -35.71 -15.28 13.48
CA ALA C 186 -34.29 -15.49 13.82
C ALA C 186 -34.13 -15.58 15.35
N GLN C 187 -34.46 -14.54 16.14
CA GLN C 187 -34.30 -14.53 17.62
C GLN C 187 -35.02 -15.72 18.27
N ALA C 188 -36.15 -16.13 17.69
CA ALA C 188 -36.99 -17.26 18.14
C ALA C 188 -36.24 -18.58 17.93
N ALA C 189 -35.70 -18.81 16.74
CA ALA C 189 -35.04 -20.08 16.36
C ALA C 189 -33.86 -20.35 17.31
N ILE C 190 -33.17 -19.29 17.74
CA ILE C 190 -31.95 -19.38 18.62
C ILE C 190 -32.35 -19.91 20.00
N ALA C 191 -33.29 -19.23 20.67
CA ALA C 191 -33.87 -19.64 21.98
C ALA C 191 -34.45 -21.06 21.89
N ASP C 192 -35.08 -21.42 20.75
CA ASP C 192 -35.76 -22.72 20.52
C ASP C 192 -34.74 -23.83 20.20
N GLY C 193 -33.59 -23.47 19.64
CA GLY C 193 -32.56 -24.42 19.15
C GLY C 193 -32.90 -25.00 17.78
N SER C 194 -33.76 -24.32 17.01
CA SER C 194 -34.26 -24.79 15.68
C SER C 194 -33.11 -24.94 14.68
N LEU C 195 -31.94 -24.36 14.95
CA LEU C 195 -30.80 -24.31 13.99
C LEU C 195 -29.62 -25.16 14.48
N ALA C 196 -29.74 -25.85 15.62
CA ALA C 196 -28.64 -26.64 16.24
C ALA C 196 -28.24 -27.81 15.33
N ALA C 197 -29.24 -28.49 14.75
CA ALA C 197 -29.10 -29.55 13.72
C ALA C 197 -28.27 -29.07 12.52
N GLU C 198 -28.63 -27.98 11.84
CA GLU C 198 -27.87 -27.52 10.64
C GLU C 198 -26.49 -26.98 11.08
N ILE C 199 -26.37 -26.32 12.25
CA ILE C 199 -25.14 -25.59 12.68
C ILE C 199 -24.12 -26.60 13.18
N VAL C 200 -22.83 -26.29 13.01
CA VAL C 200 -21.67 -26.95 13.69
C VAL C 200 -20.86 -25.89 14.43
N PRO C 201 -20.80 -25.92 15.77
CA PRO C 201 -20.04 -24.92 16.52
C PRO C 201 -18.57 -24.78 16.06
N VAL C 202 -18.00 -23.57 16.20
CA VAL C 202 -16.57 -23.26 15.90
C VAL C 202 -15.88 -22.87 17.22
N THR C 203 -14.66 -23.36 17.43
CA THR C 203 -13.80 -23.08 18.62
C THR C 203 -12.73 -22.06 18.23
N VAL C 204 -12.93 -20.80 18.59
CA VAL C 204 -11.95 -19.71 18.32
C VAL C 204 -11.01 -19.63 19.53
N THR C 205 -9.74 -19.34 19.26
CA THR C 205 -8.63 -19.34 20.25
C THR C 205 -7.98 -17.96 20.22
N SER C 206 -8.14 -17.17 21.29
CA SER C 206 -7.60 -15.80 21.44
C SER C 206 -6.97 -15.62 22.84
N GLY C 209 -8.18 -16.92 25.69
CA GLY C 209 -8.20 -18.41 25.67
C GLY C 209 -8.87 -18.97 24.42
N GLU C 210 -9.92 -19.78 24.59
CA GLU C 210 -10.73 -20.32 23.48
C GLU C 210 -12.21 -20.40 23.91
N SER C 211 -13.13 -20.16 22.96
CA SER C 211 -14.61 -20.17 23.16
C SER C 211 -15.30 -20.76 21.92
N VAL C 212 -16.55 -21.21 22.08
CA VAL C 212 -17.33 -21.91 21.02
C VAL C 212 -18.47 -20.99 20.55
N VAL C 213 -18.44 -20.57 19.29
CA VAL C 213 -19.58 -19.88 18.62
C VAL C 213 -20.55 -20.96 18.14
N LYS C 214 -21.84 -20.85 18.50
CA LYS C 214 -22.89 -21.88 18.28
C LYS C 214 -24.11 -21.24 17.60
N ASP C 215 -24.42 -20.00 17.95
CA ASP C 215 -25.59 -19.21 17.42
C ASP C 215 -25.06 -18.19 16.41
N ASP C 216 -25.84 -17.88 15.37
CA ASP C 216 -25.52 -16.76 14.45
C ASP C 216 -25.28 -15.55 15.38
N GLU C 217 -24.57 -14.51 14.93
CA GLU C 217 -24.12 -13.42 15.83
C GLU C 217 -25.00 -12.17 15.71
N GLN C 218 -25.35 -11.76 14.48
CA GLN C 218 -26.19 -10.56 14.23
C GLN C 218 -27.41 -10.59 15.16
N PRO C 219 -28.29 -11.61 15.07
CA PRO C 219 -29.54 -11.60 15.81
C PRO C 219 -29.41 -11.49 17.34
N LEU C 220 -28.19 -11.53 17.88
CA LEU C 220 -27.92 -11.37 19.34
C LEU C 220 -27.57 -9.92 19.65
N THR C 221 -27.29 -9.13 18.62
CA THR C 221 -26.76 -7.74 18.74
C THR C 221 -27.56 -6.78 17.82
N ALA C 222 -28.73 -7.22 17.36
CA ALA C 222 -29.67 -6.42 16.54
C ALA C 222 -30.89 -6.06 17.40
N ASN C 223 -30.98 -4.81 17.87
CA ASN C 223 -32.16 -4.27 18.61
C ASN C 223 -33.37 -4.29 17.68
N LEU C 224 -34.48 -4.91 18.10
CA LEU C 224 -35.77 -4.96 17.36
C LEU C 224 -36.39 -3.55 17.34
N GLU C 225 -36.26 -2.83 18.47
CA GLU C 225 -36.78 -1.47 18.75
C GLU C 225 -36.41 -0.48 17.64
N LYS C 226 -35.19 -0.54 17.12
CA LYS C 226 -34.51 0.62 16.46
C LYS C 226 -34.58 0.52 14.93
N ILE C 227 -35.40 -0.39 14.38
CA ILE C 227 -35.50 -0.68 12.93
C ILE C 227 -36.10 0.54 12.20
N PRO C 228 -37.24 1.08 12.69
CA PRO C 228 -37.78 2.33 12.14
C PRO C 228 -36.85 3.56 12.31
N SER C 229 -35.78 3.47 13.12
CA SER C 229 -34.85 4.59 13.47
C SER C 229 -33.44 4.39 12.86
N LEU C 230 -33.25 3.44 11.94
CA LEU C 230 -31.94 3.29 11.23
C LEU C 230 -31.92 4.24 10.03
N ARG C 231 -30.78 4.87 9.77
CA ARG C 231 -30.55 5.79 8.63
C ARG C 231 -30.31 4.94 7.38
N PRO C 232 -30.72 5.40 6.18
CA PRO C 232 -30.44 4.65 4.95
C PRO C 232 -28.97 4.22 4.81
N ALA C 233 -28.56 3.66 3.67
CA ALA C 233 -27.18 3.13 3.46
C ALA C 233 -26.65 3.26 2.02
N PHE C 234 -27.44 3.76 1.05
CA PHE C 234 -27.14 3.69 -0.42
C PHE C 234 -27.55 4.96 -1.17
N ARG C 235 -28.11 5.95 -0.46
CA ARG C 235 -28.71 7.20 -1.01
C ARG C 235 -29.31 7.97 0.16
N LYS C 236 -29.04 9.27 0.27
CA LYS C 236 -29.46 10.14 1.42
C LYS C 236 -30.97 9.98 1.69
N ASP C 237 -31.79 9.99 0.62
CA ASP C 237 -33.27 9.91 0.72
C ASP C 237 -33.70 8.45 0.54
N GLY C 238 -33.11 7.54 1.33
CA GLY C 238 -33.18 6.09 1.08
C GLY C 238 -34.27 5.39 1.88
N THR C 239 -34.69 4.21 1.43
CA THR C 239 -35.64 3.29 2.10
C THR C 239 -34.93 1.99 2.52
N ILE C 240 -33.63 1.86 2.29
CA ILE C 240 -32.83 0.64 2.60
C ILE C 240 -31.80 0.98 3.70
N THR C 241 -31.76 0.15 4.73
CA THR C 241 -31.02 0.33 6.02
C THR C 241 -30.30 -0.97 6.39
N ALA C 242 -29.52 -0.95 7.48
CA ALA C 242 -28.75 -2.11 7.99
C ALA C 242 -29.72 -3.29 8.20
N ALA C 243 -30.99 -2.95 8.46
CA ALA C 243 -32.05 -3.87 8.94
C ALA C 243 -32.71 -4.63 7.79
N ASN C 244 -32.88 -3.98 6.63
CA ASN C 244 -33.62 -4.56 5.49
C ASN C 244 -32.64 -4.96 4.38
N ALA C 245 -31.33 -4.69 4.55
CA ALA C 245 -30.25 -5.18 3.65
C ALA C 245 -29.40 -6.22 4.38
N SER C 246 -29.01 -7.31 3.69
CA SER C 246 -28.19 -8.41 4.25
C SER C 246 -26.91 -7.83 4.86
N SER C 247 -26.46 -8.35 6.01
CA SER C 247 -25.22 -7.90 6.70
C SER C 247 -24.03 -8.77 6.25
N ILE C 248 -22.83 -8.24 6.47
CA ILE C 248 -21.56 -8.81 5.96
C ILE C 248 -21.04 -9.77 7.03
N SER C 249 -20.66 -10.98 6.62
CA SER C 249 -20.59 -12.18 7.49
C SER C 249 -19.43 -13.10 7.14
N ASP C 250 -18.72 -13.53 8.19
CA ASP C 250 -17.88 -14.76 8.20
C ASP C 250 -18.87 -15.93 8.23
N GLY C 251 -18.48 -17.09 7.70
CA GLY C 251 -19.31 -18.32 7.68
C GLY C 251 -19.00 -19.25 6.51
N ALA C 252 -19.31 -20.53 6.68
CA ALA C 252 -19.07 -21.60 5.69
C ALA C 252 -20.15 -22.65 5.81
N SER C 253 -20.36 -23.38 4.71
CA SER C 253 -21.42 -24.39 4.50
C SER C 253 -20.95 -25.43 3.46
N ALA C 254 -21.22 -26.71 3.75
CA ALA C 254 -20.88 -27.89 2.92
C ALA C 254 -21.97 -28.94 3.09
N LEU C 255 -22.02 -29.85 2.11
CA LEU C 255 -23.19 -30.69 1.75
C LEU C 255 -22.70 -31.93 0.99
N VAL C 256 -22.85 -33.13 1.54
CA VAL C 256 -22.39 -34.41 0.90
C VAL C 256 -23.50 -34.94 -0.01
N LEU C 257 -23.31 -34.79 -1.34
CA LEU C 257 -24.24 -35.29 -2.39
C LEU C 257 -23.74 -36.65 -2.83
N MET C 258 -24.65 -37.60 -3.10
CA MET C 258 -24.34 -38.88 -3.79
C MET C 258 -25.34 -39.06 -4.93
N THR C 259 -25.06 -39.99 -5.86
CA THR C 259 -26.11 -40.68 -6.66
C THR C 259 -26.88 -41.59 -5.70
N ALA C 260 -28.18 -41.75 -5.94
CA ALA C 260 -29.09 -42.55 -5.08
C ALA C 260 -28.51 -43.95 -4.91
N GLU C 261 -27.89 -44.49 -5.97
CA GLU C 261 -27.35 -45.87 -6.00
C GLU C 261 -26.29 -45.96 -4.89
N GLU C 262 -25.32 -45.03 -4.86
CA GLU C 262 -24.20 -45.07 -3.88
C GLU C 262 -24.74 -44.85 -2.46
N ALA C 263 -25.82 -44.06 -2.31
CA ALA C 263 -26.51 -43.81 -1.03
C ALA C 263 -27.01 -45.12 -0.40
N GLN C 264 -27.86 -45.85 -1.14
CA GLN C 264 -28.35 -47.24 -0.87
C GLN C 264 -27.16 -48.16 -0.59
N ARG C 265 -26.26 -48.24 -1.57
CA ARG C 265 -25.13 -49.20 -1.60
C ARG C 265 -24.13 -48.92 -0.46
N ARG C 266 -24.40 -47.98 0.45
CA ARG C 266 -23.58 -47.69 1.67
C ARG C 266 -24.47 -47.79 2.93
N GLY C 267 -25.73 -48.19 2.77
CA GLY C 267 -26.70 -48.35 3.86
C GLY C 267 -27.01 -47.03 4.56
N LEU C 268 -26.74 -45.89 3.91
CA LEU C 268 -27.02 -44.53 4.45
C LEU C 268 -28.49 -44.19 4.23
N LYS C 269 -29.08 -43.42 5.14
CA LYS C 269 -30.46 -42.88 4.99
C LYS C 269 -30.34 -41.37 4.76
N PRO C 270 -30.45 -40.91 3.49
CA PRO C 270 -30.20 -39.51 3.14
C PRO C 270 -31.34 -38.55 3.55
N LEU C 271 -31.05 -37.24 3.66
CA LEU C 271 -32.00 -36.21 4.17
C LEU C 271 -33.01 -35.83 3.09
N ALA C 272 -32.56 -35.58 1.85
CA ALA C 272 -33.40 -35.02 0.76
C ALA C 272 -32.93 -35.51 -0.63
N ARG C 273 -33.82 -35.47 -1.61
CA ARG C 273 -33.49 -35.73 -3.04
C ARG C 273 -33.49 -34.39 -3.77
N ILE C 274 -32.58 -34.22 -4.74
CA ILE C 274 -32.53 -33.00 -5.61
C ILE C 274 -33.36 -33.27 -6.86
N VAL C 275 -34.60 -32.76 -6.89
CA VAL C 275 -35.61 -33.01 -7.95
C VAL C 275 -35.23 -32.27 -9.23
N GLY C 276 -34.57 -31.11 -9.12
CA GLY C 276 -34.17 -30.29 -10.29
C GLY C 276 -33.47 -28.99 -9.88
N HIS C 277 -33.09 -28.17 -10.87
CA HIS C 277 -32.43 -26.86 -10.63
C HIS C 277 -32.57 -25.99 -11.87
N ALA C 278 -32.50 -24.67 -11.70
CA ALA C 278 -32.54 -23.67 -12.78
C ALA C 278 -31.68 -22.43 -12.45
N THR C 279 -31.19 -21.81 -13.52
CA THR C 279 -30.43 -20.54 -13.53
C THR C 279 -31.27 -19.54 -14.32
N GLN C 280 -31.27 -18.28 -13.87
CA GLN C 280 -31.93 -17.15 -14.60
C GLN C 280 -30.84 -16.09 -14.76
N SER C 281 -30.67 -15.61 -16.00
CA SER C 281 -29.65 -14.60 -16.39
C SER C 281 -30.29 -13.43 -17.15
N GLN C 282 -30.10 -12.20 -16.67
CA GLN C 282 -30.72 -10.96 -17.23
C GLN C 282 -29.78 -9.77 -16.91
N ASP C 283 -30.30 -8.54 -17.09
CA ASP C 283 -29.55 -7.27 -17.01
C ASP C 283 -29.06 -6.99 -15.58
N PRO C 284 -27.73 -6.79 -15.38
CA PRO C 284 -27.17 -6.55 -14.04
C PRO C 284 -27.91 -5.59 -13.10
N SER C 285 -28.63 -4.58 -13.61
CA SER C 285 -29.47 -3.63 -12.82
C SER C 285 -30.67 -4.35 -12.20
N GLU C 286 -31.15 -5.42 -12.86
CA GLU C 286 -32.35 -6.23 -12.52
C GLU C 286 -31.99 -7.52 -11.77
N PHE C 287 -30.91 -7.49 -10.99
CA PHE C 287 -30.39 -8.64 -10.20
C PHE C 287 -31.39 -8.96 -9.09
N THR C 288 -32.03 -7.96 -8.50
CA THR C 288 -33.02 -8.13 -7.39
C THR C 288 -34.26 -8.89 -7.87
N LEU C 289 -34.52 -8.93 -9.18
CA LEU C 289 -35.72 -9.52 -9.82
C LEU C 289 -35.40 -10.89 -10.47
N ALA C 290 -34.14 -11.33 -10.48
CA ALA C 290 -33.77 -12.59 -11.16
C ALA C 290 -34.39 -13.80 -10.46
N PRO C 291 -34.47 -13.87 -9.10
CA PRO C 291 -35.15 -14.99 -8.42
C PRO C 291 -36.48 -15.36 -9.09
N ILE C 292 -37.30 -14.37 -9.41
CA ILE C 292 -38.65 -14.51 -10.05
C ILE C 292 -38.51 -15.37 -11.32
N GLY C 293 -37.51 -15.09 -12.15
CA GLY C 293 -37.20 -15.90 -13.34
C GLY C 293 -36.69 -17.24 -12.89
N ALA C 294 -35.77 -17.24 -11.94
CA ALA C 294 -35.09 -18.47 -11.49
C ALA C 294 -36.16 -19.54 -11.27
N MET C 295 -37.12 -19.23 -10.42
CA MET C 295 -38.15 -20.17 -9.90
C MET C 295 -39.16 -20.49 -11.01
N THR C 296 -39.43 -19.51 -11.89
CA THR C 296 -40.30 -19.65 -13.09
C THR C 296 -39.72 -20.76 -14.01
N ASN C 297 -38.41 -20.73 -14.25
CA ASN C 297 -37.72 -21.77 -15.05
C ASN C 297 -37.75 -23.09 -14.29
N LEU C 298 -37.60 -23.05 -12.97
CA LEU C 298 -37.53 -24.23 -12.06
C LEU C 298 -38.88 -24.96 -12.09
N PHE C 299 -39.98 -24.20 -12.19
CA PHE C 299 -41.37 -24.71 -12.34
C PHE C 299 -41.53 -25.27 -13.77
N ALA C 300 -41.13 -24.53 -14.80
CA ALA C 300 -41.14 -24.98 -16.21
C ALA C 300 -40.42 -26.33 -16.33
N ARG C 301 -39.37 -26.54 -15.52
CA ARG C 301 -38.51 -27.75 -15.61
C ARG C 301 -39.10 -28.87 -14.74
N THR C 302 -39.21 -28.66 -13.43
CA THR C 302 -39.69 -29.68 -12.47
C THR C 302 -41.11 -30.14 -12.88
N GLY C 303 -41.93 -29.23 -13.40
CA GLY C 303 -43.37 -29.46 -13.66
C GLY C 303 -44.24 -29.04 -12.48
N TRP C 304 -43.62 -28.50 -11.42
CA TRP C 304 -44.28 -28.00 -10.17
C TRP C 304 -45.01 -26.67 -10.43
N SER C 305 -45.85 -26.27 -9.46
CA SER C 305 -46.37 -24.89 -9.23
C SER C 305 -46.08 -24.52 -7.76
N LYS C 306 -46.24 -23.24 -7.38
CA LYS C 306 -45.94 -22.78 -6.00
C LYS C 306 -46.78 -23.63 -5.04
N ASP C 307 -47.84 -24.27 -5.56
CA ASP C 307 -48.84 -25.10 -4.81
C ASP C 307 -48.18 -26.27 -4.09
N ASP C 308 -47.37 -27.07 -4.80
CA ASP C 308 -46.69 -28.27 -4.24
C ASP C 308 -45.61 -27.89 -3.22
N VAL C 309 -45.20 -26.60 -3.13
CA VAL C 309 -44.14 -26.15 -2.18
C VAL C 309 -44.78 -25.98 -0.80
N ASP C 310 -44.13 -26.51 0.24
CA ASP C 310 -44.58 -26.41 1.65
C ASP C 310 -43.79 -25.30 2.37
N LEU C 311 -42.53 -25.07 1.98
CA LEU C 311 -41.62 -24.03 2.54
C LEU C 311 -40.58 -23.58 1.50
N PHE C 312 -40.41 -22.28 1.28
CA PHE C 312 -39.34 -21.72 0.43
C PHE C 312 -38.22 -21.11 1.29
N GLU C 313 -36.98 -21.22 0.80
CA GLU C 313 -35.81 -20.42 1.24
C GLU C 313 -35.34 -19.53 0.06
N ILE C 314 -35.92 -18.32 -0.05
CA ILE C 314 -35.53 -17.21 -0.96
C ILE C 314 -34.68 -16.19 -0.16
N ASN C 315 -33.35 -16.32 -0.27
CA ASN C 315 -32.34 -15.55 0.52
C ASN C 315 -32.78 -14.09 0.66
N GLU C 316 -32.56 -13.48 1.84
CA GLU C 316 -32.83 -12.05 2.14
C GLU C 316 -31.57 -11.22 1.87
N ALA C 317 -31.10 -11.18 0.60
CA ALA C 317 -30.01 -10.31 0.10
C ALA C 317 -30.34 -8.85 0.42
N PHE C 318 -31.57 -8.46 0.04
CA PHE C 318 -32.30 -7.26 0.52
C PHE C 318 -33.74 -7.69 0.78
N ALA C 319 -34.25 -7.44 1.99
CA ALA C 319 -35.68 -7.52 2.36
C ALA C 319 -36.57 -7.53 1.10
N MET C 320 -36.31 -6.62 0.16
CA MET C 320 -37.17 -6.37 -1.03
C MET C 320 -37.09 -7.52 -2.04
N VAL C 321 -35.99 -8.25 -2.10
CA VAL C 321 -35.79 -9.32 -3.13
C VAL C 321 -36.82 -10.43 -2.86
N THR C 322 -36.97 -10.83 -1.60
CA THR C 322 -37.97 -11.85 -1.15
C THR C 322 -39.36 -11.26 -1.27
N MET C 323 -39.51 -9.98 -0.90
CA MET C 323 -40.80 -9.24 -0.89
C MET C 323 -41.35 -9.10 -2.32
N LEU C 324 -40.50 -9.06 -3.35
CA LEU C 324 -40.95 -8.94 -4.77
C LEU C 324 -41.21 -10.33 -5.38
N ALA C 325 -40.40 -11.32 -5.04
CA ALA C 325 -40.66 -12.73 -5.40
C ALA C 325 -41.99 -13.17 -4.75
N MET C 326 -42.19 -12.81 -3.48
CA MET C 326 -43.40 -13.18 -2.69
C MET C 326 -44.66 -12.62 -3.38
N ARG C 327 -44.59 -11.38 -3.90
CA ARG C 327 -45.63 -10.73 -4.74
C ARG C 327 -45.88 -11.55 -6.01
N GLU C 328 -44.83 -11.72 -6.82
CA GLU C 328 -44.91 -12.09 -8.26
C GLU C 328 -45.14 -13.60 -8.44
N HIS C 329 -44.84 -14.42 -7.42
CA HIS C 329 -45.12 -15.88 -7.41
C HIS C 329 -46.38 -16.17 -6.58
N GLY C 330 -46.84 -15.20 -5.78
CA GLY C 330 -48.03 -15.34 -4.93
C GLY C 330 -47.72 -16.17 -3.68
N LEU C 331 -46.57 -15.93 -3.07
CA LEU C 331 -46.06 -16.80 -1.97
C LEU C 331 -46.53 -16.26 -0.61
N ASP C 332 -46.74 -17.17 0.33
CA ASP C 332 -47.23 -16.87 1.71
C ASP C 332 -46.03 -16.57 2.61
N HIS C 333 -45.93 -15.37 3.19
CA HIS C 333 -44.82 -15.02 4.13
C HIS C 333 -44.68 -16.12 5.18
N ALA C 334 -45.76 -16.85 5.48
CA ALA C 334 -45.83 -17.96 6.47
C ALA C 334 -45.06 -19.20 5.97
N LYS C 335 -44.73 -19.24 4.68
CA LYS C 335 -44.14 -20.44 4.01
C LYS C 335 -42.82 -20.03 3.34
N VAL C 336 -42.17 -18.97 3.85
CA VAL C 336 -40.86 -18.49 3.29
C VAL C 336 -39.93 -18.02 4.43
N ASN C 337 -38.70 -18.52 4.43
CA ASN C 337 -37.64 -18.07 5.37
C ASN C 337 -38.22 -18.12 6.78
N VAL C 338 -38.59 -19.32 7.23
CA VAL C 338 -39.41 -19.54 8.46
C VAL C 338 -38.61 -19.20 9.74
N TYR C 339 -37.30 -19.51 9.79
CA TYR C 339 -36.42 -19.28 10.96
C TYR C 339 -35.65 -17.96 10.80
N GLY C 340 -35.95 -17.20 9.75
CA GLY C 340 -35.31 -15.91 9.41
C GLY C 340 -34.73 -15.92 8.01
N GLY C 341 -33.89 -14.93 7.69
CA GLY C 341 -33.06 -14.89 6.47
C GLY C 341 -31.83 -14.01 6.65
N ALA C 342 -31.12 -13.74 5.55
CA ALA C 342 -29.83 -13.02 5.55
C ALA C 342 -29.92 -11.73 6.38
N CYS C 343 -31.01 -10.96 6.25
CA CYS C 343 -31.17 -9.62 6.88
C CYS C 343 -30.78 -9.66 8.35
N ALA C 344 -31.14 -10.76 9.03
CA ALA C 344 -31.05 -10.94 10.48
C ALA C 344 -29.89 -11.86 10.88
N GLN C 345 -29.71 -12.97 10.15
CA GLN C 345 -28.75 -14.06 10.51
C GLN C 345 -27.32 -13.66 10.09
N GLY C 346 -27.15 -13.39 8.79
CA GLY C 346 -25.90 -13.03 8.10
C GLY C 346 -25.97 -13.44 6.65
N HIS C 347 -24.91 -13.16 5.88
CA HIS C 347 -24.77 -13.48 4.43
C HIS C 347 -23.28 -13.48 4.06
N PRO C 348 -22.51 -14.53 4.42
CA PRO C 348 -21.15 -14.74 3.92
C PRO C 348 -21.25 -15.20 2.45
N VAL C 349 -20.91 -14.32 1.51
CA VAL C 349 -21.51 -14.34 0.14
C VAL C 349 -21.32 -15.72 -0.51
N GLY C 350 -20.11 -16.29 -0.45
CA GLY C 350 -19.80 -17.56 -1.14
C GLY C 350 -20.63 -18.71 -0.59
N SER C 351 -20.84 -18.71 0.74
CA SER C 351 -21.39 -19.81 1.59
C SER C 351 -22.90 -19.96 1.39
N THR C 352 -23.66 -18.87 1.37
CA THR C 352 -25.14 -18.84 1.54
C THR C 352 -25.83 -19.76 0.51
N GLY C 353 -25.36 -19.80 -0.73
CA GLY C 353 -25.99 -20.63 -1.79
C GLY C 353 -26.30 -22.04 -1.33
N SER C 354 -25.41 -22.65 -0.52
CA SER C 354 -25.56 -24.01 0.05
C SER C 354 -26.31 -23.94 1.38
N ARG C 355 -25.98 -22.97 2.22
CA ARG C 355 -26.56 -22.84 3.59
C ARG C 355 -28.09 -22.95 3.53
N ILE C 356 -28.74 -22.17 2.69
CA ILE C 356 -30.23 -22.11 2.59
C ILE C 356 -30.74 -23.50 2.18
N ILE C 357 -30.01 -24.20 1.31
CA ILE C 357 -30.41 -25.58 0.87
C ILE C 357 -30.52 -26.42 2.14
N LEU C 358 -29.59 -26.20 3.08
CA LEU C 358 -29.45 -26.94 4.36
C LEU C 358 -30.54 -26.49 5.36
N THR C 359 -30.71 -25.18 5.57
CA THR C 359 -31.77 -24.65 6.47
C THR C 359 -33.13 -25.14 5.99
N LEU C 360 -33.47 -24.86 4.73
CA LEU C 360 -34.68 -25.38 4.05
C LEU C 360 -34.95 -26.82 4.49
N ILE C 361 -33.92 -27.69 4.49
CA ILE C 361 -34.06 -29.15 4.78
C ILE C 361 -34.29 -29.40 6.28
N ASN C 362 -33.67 -28.60 7.15
CA ASN C 362 -33.81 -28.68 8.64
C ASN C 362 -35.26 -28.28 8.96
N ALA C 363 -35.73 -27.17 8.40
CA ALA C 363 -37.13 -26.68 8.54
C ALA C 363 -38.09 -27.78 8.05
N LEU C 364 -38.28 -27.94 6.73
CA LEU C 364 -39.08 -29.01 6.07
C LEU C 364 -39.25 -30.23 6.99
N ARG C 365 -38.19 -30.64 7.67
CA ARG C 365 -38.24 -31.70 8.71
C ARG C 365 -38.98 -31.17 9.94
N GLN C 366 -38.30 -30.39 10.79
CA GLN C 366 -38.82 -29.94 12.12
C GLN C 366 -40.25 -29.42 11.96
N LYS C 367 -40.58 -28.73 10.86
CA LYS C 367 -41.90 -28.07 10.64
C LYS C 367 -42.88 -29.02 9.93
N GLY C 368 -42.47 -30.25 9.62
CA GLY C 368 -43.26 -31.17 8.78
C GLY C 368 -43.42 -30.58 7.40
N GLY C 369 -43.17 -31.36 6.35
CA GLY C 369 -43.19 -30.88 4.96
C GLY C 369 -42.24 -31.68 4.10
N LYS C 370 -42.61 -31.88 2.83
CA LYS C 370 -41.96 -32.80 1.87
C LYS C 370 -41.14 -32.01 0.84
N ARG C 371 -41.78 -31.08 0.14
CA ARG C 371 -41.21 -30.35 -1.02
C ARG C 371 -40.78 -28.94 -0.59
N GLY C 372 -39.53 -28.57 -0.88
CA GLY C 372 -38.94 -27.25 -0.59
C GLY C 372 -38.32 -26.63 -1.83
N VAL C 373 -38.12 -25.31 -1.83
CA VAL C 373 -37.47 -24.58 -2.96
C VAL C 373 -36.51 -23.51 -2.40
N ALA C 374 -35.28 -23.49 -2.93
CA ALA C 374 -34.18 -22.57 -2.58
C ALA C 374 -33.89 -21.66 -3.78
N SER C 375 -33.86 -20.34 -3.58
CA SER C 375 -33.43 -19.33 -4.60
C SER C 375 -32.80 -18.10 -3.93
N LEU C 376 -31.66 -17.63 -4.49
CA LEU C 376 -30.96 -16.39 -4.07
C LEU C 376 -30.54 -15.64 -5.33
N CYS C 377 -30.42 -14.31 -5.20
CA CYS C 377 -30.16 -13.34 -6.30
C CYS C 377 -28.64 -13.20 -6.48
N ILE C 378 -28.21 -12.89 -7.71
CA ILE C 378 -26.76 -12.90 -8.10
C ILE C 378 -26.43 -11.69 -8.98
N GLY C 379 -25.36 -10.96 -8.61
CA GLY C 379 -24.81 -9.82 -9.38
C GLY C 379 -24.35 -10.21 -10.77
N GLY C 380 -24.41 -9.27 -11.71
CA GLY C 380 -24.26 -9.53 -13.15
C GLY C 380 -25.60 -9.88 -13.78
N GLY C 381 -26.63 -10.04 -12.93
CA GLY C 381 -28.06 -9.99 -13.31
C GLY C 381 -28.68 -11.37 -13.33
N GLU C 382 -28.38 -12.16 -12.30
CA GLU C 382 -28.58 -13.63 -12.35
C GLU C 382 -29.22 -14.12 -11.06
N ALA C 383 -29.74 -15.33 -11.11
CA ALA C 383 -30.06 -16.14 -9.91
C ALA C 383 -30.10 -17.61 -10.32
N THR C 384 -29.93 -18.46 -9.31
CA THR C 384 -30.16 -19.91 -9.37
C THR C 384 -31.31 -20.26 -8.42
N ALA C 385 -31.95 -21.39 -8.69
CA ALA C 385 -32.96 -22.03 -7.83
C ALA C 385 -32.73 -23.53 -7.83
N VAL C 386 -32.91 -24.12 -6.66
CA VAL C 386 -32.85 -25.58 -6.43
C VAL C 386 -34.26 -26.00 -5.99
N ALA C 387 -34.67 -27.21 -6.37
CA ALA C 387 -35.95 -27.84 -5.99
C ALA C 387 -35.64 -29.20 -5.35
N LEU C 388 -35.89 -29.34 -4.05
CA LEU C 388 -35.50 -30.56 -3.30
C LEU C 388 -36.71 -31.11 -2.60
N GLU C 389 -36.72 -32.41 -2.31
CA GLU C 389 -37.82 -33.20 -1.69
C GLU C 389 -37.27 -34.10 -0.57
N LEU C 390 -37.92 -34.16 0.59
CA LEU C 390 -37.48 -35.01 1.74
C LEU C 390 -37.77 -36.49 1.44
N LEU C 391 -37.08 -37.43 2.10
CA LEU C 391 -37.18 -38.89 1.85
C LEU C 391 -37.75 -39.64 3.07
N SER D 2 23.85 40.34 23.79
CA SER D 2 22.36 40.32 24.02
C SER D 2 21.95 39.07 24.82
N ASP D 3 21.57 39.25 26.09
CA ASP D 3 21.12 38.17 27.00
C ASP D 3 19.74 37.67 26.55
N ILE D 4 19.61 36.37 26.26
CA ILE D 4 18.33 35.77 25.77
C ILE D 4 17.53 35.25 26.97
N VAL D 5 16.19 35.40 26.93
CA VAL D 5 15.25 35.06 28.04
C VAL D 5 14.05 34.28 27.48
N ILE D 6 13.49 33.38 28.29
CA ILE D 6 12.28 32.57 27.93
C ILE D 6 11.05 33.23 28.59
N VAL D 7 10.32 34.05 27.83
CA VAL D 7 9.19 34.85 28.38
C VAL D 7 8.14 33.89 28.96
N ALA D 8 7.43 33.16 28.10
CA ALA D 8 6.33 32.25 28.48
C ALA D 8 6.60 30.85 27.91
N GLY D 9 5.81 29.86 28.36
CA GLY D 9 5.87 28.47 27.85
C GLY D 9 4.61 27.67 28.14
N ALA D 10 4.16 26.86 27.17
CA ALA D 10 3.01 25.93 27.28
C ALA D 10 3.32 24.63 26.51
N ARG D 11 2.56 23.55 26.77
CA ARG D 11 2.78 22.20 26.17
C ARG D 11 1.52 21.34 26.34
N THR D 12 1.27 20.38 25.43
CA THR D 12 0.05 19.53 25.44
C THR D 12 0.24 18.40 26.43
N PRO D 13 -0.85 17.70 26.86
CA PRO D 13 -0.72 16.40 27.54
C PRO D 13 -0.02 15.38 26.64
N MET D 14 0.65 14.38 27.22
CA MET D 14 1.45 13.40 26.45
C MET D 14 0.68 12.09 26.27
N GLY D 15 -0.26 12.11 25.30
CA GLY D 15 -1.13 10.99 24.86
C GLY D 15 -0.39 9.83 24.23
N GLY D 16 -0.46 8.64 24.83
CA GLY D 16 0.24 7.42 24.40
C GLY D 16 -0.28 6.83 23.10
N PHE D 17 0.40 5.81 22.60
CA PHE D 17 0.23 5.36 21.20
C PHE D 17 -1.23 4.97 20.93
N GLN D 18 -1.85 5.58 19.91
CA GLN D 18 -3.29 5.48 19.53
C GLN D 18 -4.19 5.73 20.76
N GLY D 19 -3.74 6.59 21.70
CA GLY D 19 -4.43 6.95 22.95
C GLY D 19 -5.26 8.22 22.81
N SER D 20 -5.27 9.05 23.87
CA SER D 20 -6.19 10.22 24.07
C SER D 20 -6.17 11.16 22.84
N LEU D 21 -5.00 11.48 22.30
CA LEU D 21 -4.88 12.59 21.30
C LEU D 21 -4.71 12.01 19.90
N ALA D 22 -5.13 10.78 19.66
CA ALA D 22 -5.03 10.07 18.36
C ALA D 22 -5.77 10.84 17.26
N GLY D 23 -6.97 11.34 17.56
CA GLY D 23 -7.83 12.08 16.61
C GLY D 23 -7.41 13.53 16.43
N VAL D 24 -6.21 13.92 16.88
CA VAL D 24 -5.60 15.27 16.68
C VAL D 24 -4.40 15.11 15.74
N SER D 25 -4.25 15.98 14.74
CA SER D 25 -3.03 15.99 13.88
C SER D 25 -1.93 16.70 14.66
N ALA D 26 -0.68 16.33 14.43
CA ALA D 26 0.50 16.93 15.09
C ALA D 26 0.40 18.46 15.01
N VAL D 27 0.09 19.00 13.81
CA VAL D 27 -0.03 20.47 13.57
C VAL D 27 -0.99 21.04 14.61
N ASP D 28 -2.22 20.50 14.63
CA ASP D 28 -3.32 20.91 15.55
C ASP D 28 -2.79 20.93 16.99
N LEU D 29 -1.87 20.02 17.34
CA LEU D 29 -1.27 19.95 18.70
C LEU D 29 -0.22 21.04 18.86
N GLY D 30 0.44 21.42 17.75
CA GLY D 30 1.47 22.47 17.69
C GLY D 30 0.85 23.84 17.93
N ALA D 31 -0.24 24.13 17.23
CA ALA D 31 -1.12 25.29 17.51
C ALA D 31 -1.39 25.40 19.02
N VAL D 32 -2.07 24.42 19.62
CA VAL D 32 -2.55 24.51 21.04
C VAL D 32 -1.37 24.96 21.91
N ALA D 33 -0.17 24.45 21.63
CA ALA D 33 1.05 24.82 22.35
C ALA D 33 1.38 26.29 22.04
N ILE D 34 1.52 26.63 20.74
CA ILE D 34 1.92 28.00 20.28
C ILE D 34 0.86 28.98 20.82
N ARG D 35 -0.39 28.80 20.34
CA ARG D 35 -1.55 29.70 20.59
C ARG D 35 -1.55 30.16 22.06
N GLU D 36 -1.15 29.28 22.98
CA GLU D 36 -1.16 29.50 24.46
C GLU D 36 0.22 29.97 24.94
N ALA D 37 1.28 29.68 24.21
CA ALA D 37 2.62 30.20 24.55
C ALA D 37 2.61 31.71 24.34
N VAL D 38 1.95 32.16 23.27
CA VAL D 38 1.78 33.62 22.97
C VAL D 38 0.94 34.26 24.09
N GLN D 39 -0.31 33.82 24.29
CA GLN D 39 -1.29 34.41 25.26
C GLN D 39 -0.68 34.52 26.67
N ARG D 40 0.21 33.60 27.05
CA ARG D 40 0.82 33.50 28.41
C ARG D 40 2.01 34.45 28.49
N ALA D 41 2.47 34.95 27.35
CA ALA D 41 3.64 35.85 27.21
C ALA D 41 3.23 37.29 27.53
N GLY D 42 2.09 37.72 27.00
CA GLY D 42 1.54 39.08 27.15
C GLY D 42 1.66 39.85 25.85
N ILE D 43 2.34 39.27 24.87
CA ILE D 43 2.45 39.80 23.47
C ILE D 43 1.18 39.45 22.71
N ALA D 44 1.06 40.04 21.52
CA ALA D 44 0.08 39.66 20.48
C ALA D 44 0.79 38.81 19.42
N ALA D 45 -0.01 38.03 18.67
CA ALA D 45 0.33 37.17 17.51
C ALA D 45 1.03 37.99 16.42
N GLU D 46 0.47 39.16 16.11
CA GLU D 46 1.06 40.19 15.21
C GLU D 46 2.57 40.23 15.47
N ASP D 47 2.96 40.39 16.74
CA ASP D 47 4.32 40.75 17.24
C ASP D 47 5.25 39.53 17.44
N VAL D 48 4.98 38.41 16.75
CA VAL D 48 5.92 37.25 16.56
C VAL D 48 6.52 37.31 15.15
N GLN D 49 7.86 37.26 15.08
CA GLN D 49 8.61 37.49 13.82
C GLN D 49 8.89 36.16 13.14
N GLU D 50 9.34 35.14 13.89
CA GLU D 50 9.81 33.82 13.37
C GLU D 50 9.56 32.67 14.37
N VAL D 51 8.96 31.59 13.85
CA VAL D 51 8.70 30.27 14.50
C VAL D 51 9.80 29.30 14.05
N ILE D 52 10.17 28.35 14.91
CA ILE D 52 11.06 27.17 14.62
C ILE D 52 10.51 25.97 15.42
N MET D 53 9.93 24.99 14.72
CA MET D 53 9.30 23.79 15.35
C MET D 53 10.04 22.51 14.93
N GLY D 54 10.55 21.75 15.91
CA GLY D 54 10.99 20.36 15.77
C GLY D 54 9.86 19.46 15.30
N CYS D 55 10.12 18.55 14.37
CA CYS D 55 9.11 17.58 13.85
C CYS D 55 9.81 16.49 13.03
N VAL D 56 9.87 15.31 13.66
CA VAL D 56 10.68 14.11 13.27
C VAL D 56 9.93 13.30 12.19
N LEU D 57 8.60 13.21 12.30
CA LEU D 57 7.73 12.43 11.38
C LEU D 57 6.72 13.36 10.71
N PRO D 58 7.15 14.14 9.69
CA PRO D 58 6.27 15.07 8.99
C PRO D 58 5.63 14.48 7.71
N ALA D 59 5.79 13.18 7.48
CA ALA D 59 5.06 12.41 6.44
C ALA D 59 3.56 12.47 6.76
N GLY D 60 2.73 12.89 5.81
CA GLY D 60 1.26 12.96 5.97
C GLY D 60 0.78 14.18 6.73
N LEU D 61 1.70 15.05 7.18
CA LEU D 61 1.40 16.33 7.87
C LEU D 61 1.05 17.44 6.87
N LYS D 62 1.13 17.16 5.57
CA LYS D 62 0.92 18.14 4.47
C LYS D 62 2.04 19.18 4.51
N GLN D 63 2.00 20.16 3.59
CA GLN D 63 3.08 21.14 3.27
C GLN D 63 3.41 22.11 4.44
N GLY D 64 4.72 22.28 4.71
CA GLY D 64 5.28 23.21 5.69
C GLY D 64 4.65 23.02 7.07
N PRO D 65 4.90 21.88 7.74
CA PRO D 65 4.26 21.55 9.01
C PRO D 65 4.21 22.68 10.05
N ALA D 66 5.34 23.35 10.34
CA ALA D 66 5.45 24.53 11.26
C ALA D 66 4.70 25.77 10.72
N ARG D 67 4.67 26.00 9.41
CA ARG D 67 3.80 27.04 8.77
C ARG D 67 2.34 26.84 9.21
N GLN D 68 1.79 25.62 9.09
CA GLN D 68 0.38 25.29 9.42
C GLN D 68 0.13 25.51 10.91
N ALA D 69 1.02 25.00 11.77
CA ALA D 69 0.93 25.10 13.25
C ALA D 69 0.79 26.57 13.63
N ALA D 70 1.57 27.45 12.98
CA ALA D 70 1.62 28.90 13.20
C ALA D 70 0.28 29.59 12.82
N LEU D 71 -0.19 29.39 11.59
CA LEU D 71 -1.47 29.96 11.06
C LEU D 71 -2.66 29.54 11.94
N ALA D 72 -2.64 28.32 12.49
CA ALA D 72 -3.71 27.77 13.35
C ALA D 72 -3.63 28.40 14.74
N ALA D 73 -2.41 28.60 15.25
CA ALA D 73 -2.10 29.19 16.58
C ALA D 73 -2.60 30.64 16.62
N GLY D 74 -3.00 31.17 15.46
CA GLY D 74 -3.60 32.50 15.26
C GLY D 74 -2.62 33.48 14.63
N LEU D 75 -1.38 33.04 14.34
CA LEU D 75 -0.29 33.98 13.94
C LEU D 75 -0.58 34.53 12.54
N PRO D 76 -0.14 35.77 12.22
CA PRO D 76 -0.33 36.33 10.88
C PRO D 76 0.56 35.62 9.83
N ALA D 77 0.24 35.80 8.54
CA ALA D 77 1.01 35.20 7.43
C ALA D 77 2.33 35.95 7.27
N ALA D 78 2.51 37.10 7.95
CA ALA D 78 3.76 37.91 7.99
C ALA D 78 4.87 37.17 8.73
N THR D 79 4.48 36.34 9.69
CA THR D 79 5.38 35.50 10.54
C THR D 79 6.04 34.43 9.69
N GLY D 80 7.37 34.32 9.72
CA GLY D 80 8.13 33.25 9.05
C GLY D 80 8.23 31.99 9.91
N CYS D 81 8.15 30.80 9.28
CA CYS D 81 8.15 29.48 9.97
C CYS D 81 9.22 28.53 9.37
N THR D 82 9.81 27.67 10.22
CA THR D 82 10.73 26.57 9.79
C THR D 82 10.57 25.34 10.70
N THR D 83 10.29 24.20 10.03
CA THR D 83 10.29 22.83 10.57
C THR D 83 11.75 22.34 10.50
N ILE D 84 12.26 21.82 11.61
CA ILE D 84 13.63 21.22 11.72
C ILE D 84 13.49 19.77 12.24
N ASN D 85 14.51 18.93 11.96
CA ASN D 85 14.65 17.56 12.51
C ASN D 85 16.08 17.33 13.03
N LYS D 86 16.26 17.40 14.35
CA LYS D 86 17.49 16.94 15.04
C LYS D 86 17.06 15.74 15.88
N LEU D 87 16.12 14.97 15.33
CA LEU D 87 15.47 13.76 15.92
C LEU D 87 14.91 14.14 17.30
N CYS D 88 15.33 13.45 18.37
CA CYS D 88 14.77 13.60 19.73
C CYS D 88 15.25 14.93 20.38
N GLY D 89 16.20 15.64 19.77
CA GLY D 89 16.66 16.98 20.20
C GLY D 89 16.05 18.14 19.39
N SER D 90 15.34 17.83 18.30
CA SER D 90 14.58 18.76 17.42
C SER D 90 13.95 19.91 18.22
N GLY D 91 13.34 19.62 19.37
CA GLY D 91 12.70 20.62 20.27
C GLY D 91 13.72 21.50 20.98
N MET D 92 14.85 20.94 21.39
CA MET D 92 15.89 21.73 22.10
C MET D 92 16.78 22.38 21.05
N LYS D 93 16.79 21.87 19.81
CA LYS D 93 17.56 22.53 18.74
C LYS D 93 16.80 23.76 18.25
N ALA D 94 15.48 23.67 18.15
CA ALA D 94 14.58 24.82 17.86
C ALA D 94 14.91 26.01 18.79
N VAL D 95 14.98 25.77 20.10
CA VAL D 95 15.34 26.78 21.15
C VAL D 95 16.75 27.35 20.92
N MET D 96 17.68 26.56 20.40
CA MET D 96 19.10 26.96 20.27
C MET D 96 19.28 27.76 18.98
N LEU D 97 18.59 27.38 17.90
CA LEU D 97 18.51 28.15 16.65
C LEU D 97 17.94 29.52 16.98
N ALA D 98 16.78 29.56 17.62
CA ALA D 98 16.15 30.80 18.12
C ALA D 98 17.21 31.61 18.91
N HIS D 99 17.70 31.04 20.01
CA HIS D 99 18.58 31.72 20.99
C HIS D 99 19.71 32.43 20.25
N ASP D 100 20.21 31.84 19.16
CA ASP D 100 21.40 32.34 18.40
C ASP D 100 20.96 33.46 17.43
N LEU D 101 19.89 33.23 16.67
CA LEU D 101 19.25 34.27 15.80
C LEU D 101 19.05 35.55 16.61
N LEU D 102 18.58 35.43 17.86
CA LEU D 102 18.31 36.59 18.80
C LEU D 102 19.62 37.22 19.26
N LYS D 103 20.69 36.44 19.47
CA LYS D 103 22.05 36.96 19.77
C LYS D 103 22.64 37.69 18.55
N ALA D 104 22.16 37.37 17.34
CA ALA D 104 22.71 37.85 16.04
C ALA D 104 21.85 38.95 15.44
N GLY D 105 20.81 39.40 16.17
CA GLY D 105 19.99 40.57 15.85
C GLY D 105 19.09 40.35 14.64
N THR D 106 18.84 39.10 14.26
CA THR D 106 18.06 38.74 13.05
C THR D 106 16.54 38.88 13.34
N ASN D 107 16.14 38.69 14.61
CA ASN D 107 14.78 38.97 15.14
C ASN D 107 14.94 39.43 16.59
N GLN D 108 13.83 39.85 17.22
CA GLN D 108 13.75 40.28 18.65
C GLN D 108 12.71 39.44 19.42
N VAL D 109 11.78 38.80 18.70
CA VAL D 109 10.68 37.97 19.28
C VAL D 109 10.54 36.74 18.37
N MET D 110 10.65 35.54 18.97
CA MET D 110 10.51 34.23 18.30
C MET D 110 9.85 33.20 19.22
N VAL D 111 9.20 32.21 18.60
CA VAL D 111 8.67 30.98 19.25
C VAL D 111 9.51 29.80 18.76
N ALA D 112 9.68 28.80 19.62
CA ALA D 112 10.59 27.66 19.39
C ALA D 112 10.11 26.49 20.24
N GLY D 113 9.30 25.62 19.64
CA GLY D 113 8.69 24.43 20.28
C GLY D 113 8.96 23.14 19.52
N GLY D 114 8.19 22.10 19.80
CA GLY D 114 8.22 20.79 19.09
C GLY D 114 6.81 20.27 18.87
N MET D 115 6.65 19.22 18.05
CA MET D 115 5.32 18.62 17.81
C MET D 115 5.46 17.22 17.19
N GLU D 116 4.67 16.25 17.70
CA GLU D 116 4.59 14.87 17.17
C GLU D 116 3.24 14.24 17.50
N SER D 117 2.61 13.61 16.49
CA SER D 117 1.50 12.65 16.64
C SER D 117 1.96 11.32 16.05
N MET D 118 2.75 10.61 16.83
CA MET D 118 3.31 9.28 16.45
C MET D 118 2.13 8.37 16.05
N SER D 119 0.96 8.55 16.64
CA SER D 119 -0.28 7.78 16.36
C SER D 119 -0.59 7.78 14.86
N ASN D 120 -0.47 8.93 14.19
CA ASN D 120 -0.89 9.09 12.77
C ASN D 120 0.34 9.35 11.91
N ALA D 121 1.53 8.96 12.38
CA ALA D 121 2.71 8.73 11.51
C ALA D 121 2.28 7.68 10.50
N PRO D 122 2.35 7.96 9.17
CA PRO D 122 1.80 7.04 8.17
C PRO D 122 2.63 5.77 7.94
N TYR D 123 2.35 5.09 6.83
CA TYR D 123 3.13 3.95 6.26
C TYR D 123 3.65 4.37 4.88
N VAL D 124 4.75 3.76 4.39
CA VAL D 124 5.53 4.21 3.19
C VAL D 124 5.80 3.01 2.28
N LEU D 125 5.65 3.18 0.96
CA LEU D 125 5.99 2.19 -0.09
C LEU D 125 7.16 2.73 -0.91
N GLU D 126 8.28 2.01 -0.93
CA GLU D 126 9.60 2.54 -1.39
C GLU D 126 9.78 2.34 -2.89
N LYS D 127 9.15 1.31 -3.48
CA LYS D 127 9.39 0.91 -4.88
C LYS D 127 8.12 1.07 -5.72
N ALA D 128 7.02 1.51 -5.11
CA ALA D 128 5.67 1.61 -5.71
C ALA D 128 5.65 2.69 -6.80
N ARG D 129 6.50 3.71 -6.69
CA ARG D 129 6.66 4.84 -7.65
C ARG D 129 7.22 4.32 -8.98
N SER D 130 8.28 3.52 -8.90
CA SER D 130 9.03 2.92 -10.04
C SER D 130 8.29 1.67 -10.54
N GLY D 131 7.76 0.89 -9.61
CA GLY D 131 7.03 -0.36 -9.84
C GLY D 131 7.68 -1.50 -9.08
N LEU D 132 6.91 -2.26 -8.30
CA LEU D 132 7.42 -3.45 -7.56
C LEU D 132 7.73 -4.62 -8.51
N ARG D 133 7.20 -4.60 -9.74
CA ARG D 133 7.48 -5.59 -10.84
C ARG D 133 7.08 -7.01 -10.44
N MET D 134 7.71 -7.61 -9.42
CA MET D 134 7.47 -9.03 -9.04
C MET D 134 7.91 -9.29 -7.59
N GLY D 135 7.39 -10.36 -7.00
CA GLY D 135 7.75 -10.79 -5.64
C GLY D 135 7.03 -9.94 -4.61
N HIS D 136 6.94 -10.42 -3.38
CA HIS D 136 6.37 -9.65 -2.23
C HIS D 136 7.32 -8.47 -1.96
N GLY D 137 6.99 -7.62 -0.99
CA GLY D 137 7.73 -6.41 -0.63
C GLY D 137 7.47 -5.98 0.80
N GLU D 138 8.31 -5.07 1.33
CA GLU D 138 8.07 -4.40 2.64
C GLU D 138 7.12 -3.20 2.44
N ILE D 139 6.37 -2.92 3.49
CA ILE D 139 5.65 -1.64 3.72
C ILE D 139 6.12 -1.18 5.10
N LYS D 140 6.79 -0.03 5.15
CA LYS D 140 7.61 0.43 6.31
C LYS D 140 6.81 1.37 7.22
N ASP D 141 6.77 1.04 8.51
CA ASP D 141 6.40 1.99 9.60
C ASP D 141 7.35 3.17 9.50
N HIS D 142 6.82 4.34 9.16
CA HIS D 142 7.60 5.59 9.02
C HIS D 142 8.11 6.02 10.40
N MET D 143 7.31 5.84 11.44
CA MET D 143 7.73 6.07 12.85
C MET D 143 9.05 5.35 13.07
N PHE D 144 9.12 4.09 12.61
CA PHE D 144 10.25 3.14 12.83
C PHE D 144 11.39 3.46 11.87
N LEU D 145 11.06 3.45 10.57
CA LEU D 145 11.98 3.61 9.41
C LEU D 145 12.74 4.92 9.54
N ASP D 146 12.05 6.05 9.68
CA ASP D 146 12.71 7.39 9.68
C ASP D 146 12.82 7.96 11.11
N GLY D 147 12.71 7.16 12.17
CA GLY D 147 12.60 7.71 13.54
C GLY D 147 13.36 6.91 14.59
N LEU D 148 13.02 5.63 14.75
CA LEU D 148 13.48 4.82 15.90
C LEU D 148 14.63 3.89 15.50
N GLU D 149 14.88 3.69 14.20
CA GLU D 149 15.86 2.64 13.83
C GLU D 149 17.05 3.34 13.16
N ASP D 150 18.26 2.88 13.47
CA ASP D 150 19.55 3.48 13.02
C ASP D 150 19.66 3.34 11.50
N ALA D 151 20.25 4.30 10.80
CA ALA D 151 20.25 4.33 9.31
C ALA D 151 21.12 3.18 8.81
N ARG D 152 22.32 3.05 9.37
CA ARG D 152 23.34 2.04 8.98
C ARG D 152 22.80 0.64 9.29
N THR D 153 22.44 0.38 10.55
CA THR D 153 22.15 -0.98 11.10
C THR D 153 20.66 -1.32 11.05
N GLY D 154 19.76 -0.35 10.89
CA GLY D 154 18.31 -0.59 11.03
C GLY D 154 17.92 -1.10 12.42
N ARG D 155 18.84 -1.05 13.40
CA ARG D 155 18.61 -1.54 14.78
C ARG D 155 17.80 -0.50 15.54
N LEU D 156 16.92 -0.95 16.43
CA LEU D 156 16.05 -0.08 17.26
C LEU D 156 16.93 0.68 18.27
N MET D 157 16.56 1.93 18.54
CA MET D 157 17.20 2.80 19.56
C MET D 157 17.31 1.99 20.84
N GLY D 158 16.28 1.17 21.10
CA GLY D 158 16.20 0.22 22.22
C GLY D 158 17.24 -0.87 22.11
N SER D 159 17.34 -1.54 20.97
CA SER D 159 18.37 -2.57 20.68
C SER D 159 19.75 -2.05 21.17
N PHE D 160 20.06 -0.79 20.89
CA PHE D 160 21.37 -0.14 21.22
C PHE D 160 21.45 0.10 22.73
N ALA D 161 20.37 0.62 23.33
CA ALA D 161 20.19 0.82 24.79
C ALA D 161 20.53 -0.48 25.53
N GLN D 162 19.97 -1.59 25.05
CA GLN D 162 20.18 -2.98 25.55
C GLN D 162 21.70 -3.30 25.60
N GLU D 163 22.39 -3.28 24.44
CA GLU D 163 23.86 -3.49 24.29
C GLU D 163 24.63 -2.60 25.27
N THR D 164 24.42 -1.28 25.20
CA THR D 164 25.10 -0.25 26.03
C THR D 164 24.89 -0.58 27.51
N ALA D 165 23.67 -1.01 27.89
CA ALA D 165 23.22 -1.22 29.29
C ALA D 165 24.08 -2.30 29.95
N ASP D 166 23.82 -3.57 29.63
CA ASP D 166 24.74 -4.72 29.82
C ASP D 166 26.18 -4.21 29.96
N LYS D 167 26.76 -3.71 28.86
CA LYS D 167 28.17 -3.27 28.74
C LYS D 167 28.58 -2.40 29.93
N TYR D 168 27.65 -1.65 30.54
CA TYR D 168 27.92 -0.76 31.70
C TYR D 168 27.41 -1.39 33.00
N GLY D 169 26.62 -2.46 32.91
CA GLY D 169 26.38 -3.45 33.98
C GLY D 169 24.94 -3.47 34.50
N VAL D 170 23.99 -2.88 33.78
CA VAL D 170 22.68 -2.41 34.33
C VAL D 170 21.67 -3.57 34.39
N THR D 171 21.40 -4.03 35.61
CA THR D 171 20.59 -5.22 35.94
C THR D 171 19.10 -4.84 35.97
N ARG D 172 18.24 -5.79 35.56
CA ARG D 172 16.76 -5.69 35.58
C ARG D 172 16.32 -4.91 36.82
N GLU D 173 16.84 -5.28 38.00
CA GLU D 173 16.46 -4.74 39.34
C GLU D 173 16.81 -3.24 39.49
N GLU D 174 18.04 -2.80 39.22
CA GLU D 174 18.42 -1.35 39.30
C GLU D 174 17.56 -0.51 38.32
N MET D 175 17.30 -1.03 37.11
CA MET D 175 16.56 -0.33 36.00
C MET D 175 15.07 -0.28 36.35
N ASP D 176 14.62 -1.19 37.23
CA ASP D 176 13.22 -1.27 37.74
C ASP D 176 13.06 -0.32 38.93
N ALA D 177 14.11 -0.13 39.75
CA ALA D 177 14.17 0.86 40.85
C ALA D 177 13.85 2.25 40.29
N TYR D 178 14.45 2.60 39.14
CA TYR D 178 14.33 3.93 38.48
C TYR D 178 12.92 4.10 37.91
N ALA D 179 12.49 3.21 37.01
CA ALA D 179 11.19 3.25 36.29
C ALA D 179 9.99 3.16 37.25
N ILE D 180 10.17 2.55 38.43
CA ILE D 180 9.15 2.43 39.52
C ILE D 180 8.92 3.82 40.16
N GLU D 181 9.98 4.54 40.54
CA GLU D 181 9.83 5.88 41.19
C GLU D 181 9.29 6.91 40.18
N SER D 182 9.64 6.81 38.89
CA SER D 182 9.13 7.69 37.79
C SER D 182 7.60 7.61 37.72
N LEU D 183 7.03 6.42 37.91
CA LEU D 183 5.56 6.22 37.84
C LEU D 183 4.90 6.92 39.03
N LYS D 184 5.53 6.89 40.21
CA LYS D 184 5.00 7.51 41.46
C LYS D 184 5.16 9.03 41.38
N ARG D 185 6.33 9.53 40.98
CA ARG D 185 6.63 10.98 40.80
C ARG D 185 5.72 11.60 39.71
N ALA D 186 5.56 10.94 38.55
CA ALA D 186 4.61 11.32 37.46
C ALA D 186 3.22 10.75 37.74
N GLN D 187 2.88 10.72 39.03
CA GLN D 187 1.53 10.47 39.61
C GLN D 187 1.39 11.32 40.90
N ALA D 188 2.52 11.60 41.58
CA ALA D 188 2.66 12.53 42.74
C ALA D 188 2.45 13.98 42.30
N ALA D 189 2.75 14.27 41.01
CA ALA D 189 2.63 15.60 40.37
C ALA D 189 1.27 15.75 39.70
N ILE D 190 0.75 14.66 39.10
CA ILE D 190 -0.62 14.60 38.50
C ILE D 190 -1.66 14.61 39.63
N ALA D 191 -1.22 14.34 40.87
CA ALA D 191 -2.00 14.45 42.11
C ALA D 191 -1.88 15.88 42.68
N ASP D 192 -0.68 16.27 43.15
CA ASP D 192 -0.40 17.63 43.68
C ASP D 192 -0.69 18.70 42.58
N GLY D 193 -1.16 18.28 41.40
CA GLY D 193 -1.52 19.15 40.27
C GLY D 193 -0.36 20.03 39.84
N SER D 194 0.89 19.54 39.94
CA SER D 194 2.14 20.34 39.80
C SER D 194 2.48 20.54 38.31
N LEU D 195 1.69 19.95 37.40
CA LEU D 195 1.93 19.95 35.93
C LEU D 195 0.87 20.77 35.19
N ALA D 196 -0.28 21.05 35.82
CA ALA D 196 -1.36 21.93 35.31
C ALA D 196 -0.81 23.30 34.88
N ALA D 197 0.23 23.80 35.57
CA ALA D 197 0.94 25.08 35.28
C ALA D 197 1.57 25.03 33.88
N GLU D 198 2.51 24.09 33.67
CA GLU D 198 3.26 23.95 32.40
C GLU D 198 2.29 23.60 31.26
N ILE D 199 1.16 22.93 31.56
CA ILE D 199 0.27 22.26 30.55
C ILE D 199 -0.87 23.20 30.13
N VAL D 200 -1.47 22.91 28.97
CA VAL D 200 -2.76 23.49 28.48
C VAL D 200 -3.66 22.35 27.98
N PRO D 201 -4.83 22.13 28.61
CA PRO D 201 -5.70 21.03 28.22
C PRO D 201 -6.14 21.14 26.75
N VAL D 202 -6.88 20.14 26.27
CA VAL D 202 -7.06 19.89 24.82
C VAL D 202 -8.47 19.36 24.57
N THR D 203 -9.21 20.08 23.73
CA THR D 203 -10.60 19.77 23.30
C THR D 203 -10.53 18.83 22.08
N VAL D 204 -10.88 17.57 22.28
CA VAL D 204 -10.83 16.51 21.24
C VAL D 204 -12.28 16.19 20.86
N THR D 205 -12.52 15.83 19.60
CA THR D 205 -13.86 15.49 19.05
C THR D 205 -14.15 14.02 19.39
N SER D 206 -14.63 13.21 18.42
CA SER D 206 -14.85 11.73 18.50
C SER D 206 -16.35 11.43 18.27
N ARG D 207 -16.69 10.15 18.10
CA ARG D 207 -18.10 9.66 18.04
C ARG D 207 -18.74 9.81 19.43
N LYS D 208 -18.04 9.38 20.49
CA LYS D 208 -18.47 9.50 21.92
C LYS D 208 -18.39 10.97 22.35
N GLY D 209 -19.18 11.83 21.69
CA GLY D 209 -19.22 13.29 21.91
C GLY D 209 -17.84 13.92 21.84
N GLU D 210 -17.60 14.97 22.64
CA GLU D 210 -16.29 15.67 22.75
C GLU D 210 -15.81 15.54 24.21
N SER D 211 -14.52 15.78 24.46
CA SER D 211 -13.85 15.55 25.77
C SER D 211 -12.68 16.54 25.97
N VAL D 212 -12.45 16.96 27.22
CA VAL D 212 -11.24 17.71 27.66
C VAL D 212 -10.17 16.70 28.08
N VAL D 213 -8.91 16.96 27.72
CA VAL D 213 -7.69 16.18 28.12
C VAL D 213 -6.71 17.13 28.81
N LYS D 214 -6.48 16.97 30.11
CA LYS D 214 -5.65 17.90 30.93
C LYS D 214 -4.49 17.18 31.64
N ASP D 215 -4.42 15.84 31.58
CA ASP D 215 -3.50 14.98 32.38
C ASP D 215 -2.63 14.11 31.42
N ASP D 216 -1.43 13.74 31.87
CA ASP D 216 -0.49 12.84 31.13
C ASP D 216 -1.06 11.41 31.08
N GLU D 217 -1.27 10.85 29.89
CA GLU D 217 -2.07 9.60 29.68
C GLU D 217 -1.36 8.36 30.21
N GLN D 218 -0.10 8.16 29.83
CA GLN D 218 0.63 6.90 30.10
C GLN D 218 0.50 6.54 31.59
N PRO D 219 0.79 7.44 32.56
CA PRO D 219 0.82 7.06 33.97
C PRO D 219 -0.54 6.62 34.55
N LEU D 220 -1.67 7.17 34.08
CA LEU D 220 -3.01 6.83 34.64
C LEU D 220 -3.51 5.51 34.06
N THR D 221 -2.92 5.01 32.96
CA THR D 221 -3.23 3.67 32.36
C THR D 221 -2.01 2.75 32.44
N ALA D 222 -1.38 2.67 33.62
CA ALA D 222 -0.21 1.81 33.94
C ALA D 222 -0.49 0.94 35.20
N ASN D 223 0.43 0.01 35.50
CA ASN D 223 0.45 -0.82 36.74
C ASN D 223 1.88 -0.86 37.30
N LEU D 224 2.06 -0.45 38.57
CA LEU D 224 3.38 -0.33 39.25
C LEU D 224 3.81 -1.68 39.84
N GLU D 225 2.87 -2.59 40.08
CA GLU D 225 3.17 -3.92 40.66
C GLU D 225 3.58 -4.88 39.54
N LYS D 226 2.92 -4.80 38.37
CA LYS D 226 3.15 -5.67 37.17
C LYS D 226 4.60 -5.60 36.67
N ILE D 227 5.45 -4.72 37.24
CA ILE D 227 6.71 -4.24 36.61
C ILE D 227 7.72 -5.39 36.51
N PRO D 228 8.22 -5.97 37.63
CA PRO D 228 9.29 -6.96 37.56
C PRO D 228 8.90 -8.30 36.91
N SER D 229 7.77 -8.35 36.20
CA SER D 229 7.27 -9.52 35.42
C SER D 229 7.10 -9.16 33.93
N LEU D 230 7.14 -7.88 33.59
CA LEU D 230 7.02 -7.39 32.18
C LEU D 230 8.10 -8.07 31.33
N ARG D 231 7.67 -8.72 30.25
CA ARG D 231 8.56 -9.44 29.30
C ARG D 231 9.54 -8.44 28.69
N PRO D 232 10.78 -8.85 28.36
CA PRO D 232 11.75 -8.00 27.67
C PRO D 232 11.30 -7.49 26.29
N ALA D 233 11.74 -6.29 25.90
CA ALA D 233 11.20 -5.49 24.79
C ALA D 233 12.10 -5.49 23.54
N PHE D 234 13.42 -5.71 23.66
CA PHE D 234 14.39 -5.56 22.53
C PHE D 234 15.43 -6.70 22.45
N ARG D 235 15.12 -7.89 22.99
CA ARG D 235 16.00 -9.09 23.04
C ARG D 235 15.33 -10.14 23.93
N LYS D 236 15.21 -11.39 23.47
CA LYS D 236 14.46 -12.45 24.18
C LYS D 236 14.81 -12.44 25.68
N ASP D 237 16.10 -12.55 26.03
CA ASP D 237 16.57 -12.64 27.44
C ASP D 237 17.07 -11.26 27.89
N GLY D 238 16.29 -10.21 27.55
CA GLY D 238 16.69 -8.79 27.65
C GLY D 238 16.30 -8.17 28.97
N THR D 239 17.05 -7.16 29.42
CA THR D 239 16.86 -6.43 30.71
C THR D 239 15.92 -5.23 30.50
N ILE D 240 15.72 -4.79 29.25
CA ILE D 240 14.91 -3.58 28.93
C ILE D 240 13.49 -4.00 28.55
N THR D 241 12.49 -3.35 29.15
CA THR D 241 11.03 -3.57 28.98
C THR D 241 10.33 -2.20 28.95
N ALA D 242 9.04 -2.15 28.60
CA ALA D 242 8.26 -0.91 28.36
C ALA D 242 8.21 0.00 29.60
N ALA D 243 8.47 -0.55 30.78
CA ALA D 243 8.51 0.18 32.08
C ALA D 243 9.68 1.18 32.11
N ASN D 244 10.85 0.72 31.66
CA ASN D 244 12.16 1.40 31.80
C ASN D 244 12.58 2.04 30.46
N ALA D 245 11.77 1.83 29.40
CA ALA D 245 11.85 2.45 28.06
C ALA D 245 10.72 3.48 27.89
N SER D 246 11.07 4.70 27.47
CA SER D 246 10.12 5.79 27.13
C SER D 246 9.06 5.23 26.19
N SER D 247 7.87 5.81 26.27
CA SER D 247 6.64 5.39 25.56
C SER D 247 6.61 6.01 24.15
N ILE D 248 5.93 5.36 23.20
CA ILE D 248 5.47 6.02 21.94
C ILE D 248 4.22 6.83 22.34
N SER D 249 4.27 8.17 22.13
CA SER D 249 3.24 9.12 22.60
C SER D 249 3.06 10.28 21.60
N ASP D 250 2.02 11.09 21.84
CA ASP D 250 1.58 12.23 21.00
C ASP D 250 1.64 13.52 21.85
N GLY D 251 2.11 14.63 21.26
CA GLY D 251 2.00 15.96 21.87
C GLY D 251 2.79 17.03 21.13
N ALA D 252 2.78 18.24 21.69
CA ALA D 252 3.55 19.44 21.26
C ALA D 252 3.93 20.31 22.47
N SER D 253 4.67 21.37 22.22
CA SER D 253 5.07 22.38 23.21
C SER D 253 5.71 23.56 22.49
N ALA D 254 5.64 24.75 23.10
CA ALA D 254 6.17 26.02 22.56
C ALA D 254 6.73 26.89 23.70
N LEU D 255 7.72 27.69 23.35
CA LEU D 255 8.30 28.78 24.17
C LEU D 255 8.33 30.05 23.31
N VAL D 256 7.94 31.20 23.88
CA VAL D 256 8.29 32.55 23.34
C VAL D 256 9.67 32.93 23.89
N LEU D 257 10.57 33.30 22.97
CA LEU D 257 11.96 33.74 23.21
C LEU D 257 12.10 35.16 22.66
N MET D 258 12.67 36.06 23.47
CA MET D 258 13.08 37.45 23.14
C MET D 258 14.44 37.71 23.76
N THR D 259 15.05 38.83 23.36
CA THR D 259 16.26 39.43 23.99
C THR D 259 15.83 40.00 25.33
N ALA D 260 16.79 40.30 26.22
CA ALA D 260 16.56 40.91 27.57
C ALA D 260 15.77 42.22 27.41
N GLU D 261 16.30 43.07 26.53
CA GLU D 261 15.84 44.47 26.23
C GLU D 261 14.41 44.42 25.69
N GLU D 262 14.18 43.70 24.58
CA GLU D 262 12.84 43.58 23.94
C GLU D 262 11.78 43.23 25.01
N ALA D 263 12.14 42.45 26.03
CA ALA D 263 11.24 42.07 27.14
C ALA D 263 11.18 43.20 28.20
N GLN D 264 12.30 43.88 28.49
CA GLN D 264 12.40 45.05 29.43
C GLN D 264 11.81 46.32 28.80
N ARG D 265 11.39 46.27 27.53
CA ARG D 265 10.90 47.41 26.71
C ARG D 265 9.38 47.26 26.47
N ARG D 266 8.86 46.04 26.61
CA ARG D 266 7.42 45.71 26.60
C ARG D 266 6.93 45.52 28.05
N GLY D 267 7.77 45.85 29.04
CA GLY D 267 7.50 45.60 30.46
C GLY D 267 6.84 44.24 30.65
N LEU D 268 7.44 43.21 30.02
CA LEU D 268 7.19 41.76 30.24
C LEU D 268 8.22 41.23 31.24
N LYS D 269 7.84 40.25 32.06
CA LYS D 269 8.71 39.65 33.12
C LYS D 269 9.00 38.19 32.74
N PRO D 270 9.98 37.94 31.83
CA PRO D 270 10.25 36.58 31.35
C PRO D 270 10.53 35.60 32.50
N LEU D 271 10.04 34.37 32.37
CA LEU D 271 10.25 33.27 33.34
C LEU D 271 11.74 33.05 33.58
N ALA D 272 12.56 32.90 32.53
CA ALA D 272 13.98 32.52 32.64
C ALA D 272 14.86 33.21 31.58
N ARG D 273 16.19 33.17 31.81
CA ARG D 273 17.29 33.55 30.88
C ARG D 273 18.14 32.33 30.52
N ILE D 274 18.48 32.16 29.23
CA ILE D 274 19.34 31.05 28.70
C ILE D 274 20.81 31.44 28.88
N VAL D 275 21.54 30.67 29.71
CA VAL D 275 22.96 30.91 30.12
C VAL D 275 23.89 30.32 29.05
N GLY D 276 23.46 29.28 28.34
CA GLY D 276 24.26 28.60 27.30
C GLY D 276 23.60 27.33 26.76
N HIS D 277 24.06 26.86 25.60
CA HIS D 277 23.75 25.52 25.05
C HIS D 277 25.06 24.85 24.61
N ALA D 278 25.01 23.54 24.40
CA ALA D 278 26.16 22.68 23.99
C ALA D 278 25.63 21.48 23.24
N THR D 279 26.37 21.05 22.22
CA THR D 279 26.06 19.84 21.42
C THR D 279 27.16 18.82 21.72
N GLN D 280 26.77 17.59 22.07
CA GLN D 280 27.68 16.42 22.08
C GLN D 280 27.36 15.55 20.86
N SER D 281 28.39 15.01 20.24
CA SER D 281 28.27 14.17 19.03
C SER D 281 29.34 13.06 19.08
N GLN D 282 28.92 11.81 18.94
CA GLN D 282 29.83 10.64 18.87
C GLN D 282 29.11 9.55 18.06
N ASP D 283 29.47 8.28 18.26
CA ASP D 283 29.11 7.19 17.32
C ASP D 283 27.67 6.81 17.60
N PRO D 284 26.86 6.60 16.53
CA PRO D 284 25.46 6.21 16.67
C PRO D 284 25.18 5.22 17.82
N SER D 285 26.04 4.21 17.99
CA SER D 285 25.86 3.09 18.94
C SER D 285 25.91 3.60 20.38
N GLU D 286 26.53 4.77 20.60
CA GLU D 286 26.75 5.42 21.94
C GLU D 286 25.76 6.59 22.14
N PHE D 287 24.65 6.62 21.41
CA PHE D 287 23.61 7.67 21.51
C PHE D 287 23.21 7.81 22.98
N THR D 288 22.99 6.67 23.65
CA THR D 288 22.57 6.55 25.08
C THR D 288 23.55 7.24 26.04
N LEU D 289 24.75 7.63 25.60
CA LEU D 289 25.81 8.17 26.50
C LEU D 289 26.13 9.62 26.13
N ALA D 290 25.69 10.09 24.96
CA ALA D 290 26.00 11.45 24.47
C ALA D 290 25.67 12.50 25.55
N PRO D 291 24.55 12.33 26.30
CA PRO D 291 24.21 13.26 27.39
C PRO D 291 25.38 13.57 28.34
N ILE D 292 26.18 12.57 28.68
CA ILE D 292 27.33 12.76 29.61
C ILE D 292 28.17 13.92 29.08
N GLY D 293 28.62 13.85 27.83
CA GLY D 293 29.55 14.82 27.23
C GLY D 293 28.86 16.11 26.84
N ALA D 294 27.54 16.07 26.61
CA ALA D 294 26.75 17.27 26.21
C ALA D 294 26.79 18.27 27.35
N MET D 295 26.55 17.79 28.57
CA MET D 295 26.63 18.56 29.83
C MET D 295 28.09 18.93 30.08
N THR D 296 28.99 17.94 30.06
CA THR D 296 30.45 18.13 30.20
C THR D 296 30.92 19.28 29.30
N ASN D 297 30.24 19.55 28.17
CA ASN D 297 30.52 20.72 27.28
C ASN D 297 29.84 21.99 27.81
N LEU D 298 28.61 21.87 28.30
CA LEU D 298 27.78 23.00 28.81
C LEU D 298 28.43 23.53 30.10
N PHE D 299 28.65 22.65 31.08
CA PHE D 299 29.52 22.86 32.27
C PHE D 299 30.83 23.54 31.86
N ALA D 300 31.35 23.20 30.68
CA ALA D 300 32.56 23.83 30.11
C ALA D 300 32.26 25.28 29.69
N ARG D 301 31.46 25.49 28.63
CA ARG D 301 31.16 26.83 28.02
C ARG D 301 30.59 27.81 29.07
N THR D 302 29.78 27.32 30.03
CA THR D 302 29.00 28.17 30.98
C THR D 302 29.79 28.45 32.27
N GLY D 303 30.80 27.64 32.61
CA GLY D 303 31.59 27.77 33.86
C GLY D 303 30.90 27.10 35.06
N TRP D 304 29.81 26.36 34.83
CA TRP D 304 29.00 25.69 35.87
C TRP D 304 29.53 24.27 36.14
N SER D 305 29.18 23.72 37.29
CA SER D 305 29.40 22.31 37.71
C SER D 305 28.07 21.73 38.21
N LYS D 306 27.96 20.41 38.31
CA LYS D 306 26.74 19.73 38.83
C LYS D 306 26.31 20.47 40.11
N ASP D 307 27.26 20.81 40.98
CA ASP D 307 27.06 21.29 42.38
C ASP D 307 26.28 22.61 42.36
N ASP D 308 26.58 23.49 41.40
CA ASP D 308 25.94 24.82 41.21
C ASP D 308 24.57 24.67 40.54
N VAL D 309 24.21 23.47 40.09
CA VAL D 309 22.87 23.16 39.51
C VAL D 309 21.93 22.69 40.64
N ASP D 310 20.70 23.21 40.64
CA ASP D 310 19.64 22.85 41.61
C ASP D 310 18.92 21.61 41.06
N LEU D 311 18.25 21.72 39.88
CA LEU D 311 17.53 20.61 39.19
C LEU D 311 18.13 20.34 37.80
N PHE D 312 17.85 19.15 37.23
CA PHE D 312 18.14 18.73 35.83
C PHE D 312 16.91 18.03 35.23
N GLU D 313 16.45 18.43 34.05
CA GLU D 313 15.52 17.55 33.26
C GLU D 313 16.35 16.80 32.21
N ILE D 314 16.61 15.52 32.47
CA ILE D 314 17.44 14.63 31.63
C ILE D 314 16.53 13.53 31.06
N ASN D 315 16.13 13.64 29.79
CA ASN D 315 15.08 12.78 29.18
C ASN D 315 15.36 11.29 29.44
N GLU D 316 14.35 10.55 29.89
CA GLU D 316 14.40 9.07 30.03
C GLU D 316 13.87 8.45 28.73
N ALA D 317 14.66 8.52 27.67
CA ALA D 317 14.49 7.70 26.45
C ALA D 317 14.59 6.23 26.91
N PHE D 318 15.40 6.00 27.96
CA PHE D 318 15.72 4.69 28.58
C PHE D 318 16.29 4.94 29.98
N ALA D 319 15.60 4.47 31.03
CA ALA D 319 15.96 4.69 32.45
C ALA D 319 17.49 4.77 32.61
N MET D 320 18.22 3.84 31.95
CA MET D 320 19.73 3.72 31.97
C MET D 320 20.41 4.99 31.46
N VAL D 321 19.85 5.68 30.44
CA VAL D 321 20.37 6.97 29.89
C VAL D 321 20.58 7.93 31.09
N THR D 322 19.50 8.20 31.82
CA THR D 322 19.46 9.13 32.97
C THR D 322 20.33 8.55 34.10
N MET D 323 20.21 7.24 34.32
CA MET D 323 20.98 6.50 35.35
C MET D 323 22.47 6.69 35.08
N LEU D 324 22.94 6.26 33.91
CA LEU D 324 24.39 6.29 33.57
C LEU D 324 24.87 7.74 33.55
N ALA D 325 24.01 8.66 33.09
CA ALA D 325 24.27 10.11 33.07
C ALA D 325 24.37 10.60 34.52
N MET D 326 23.41 10.20 35.37
CA MET D 326 23.43 10.45 36.85
C MET D 326 24.67 9.80 37.46
N ARG D 327 24.83 8.49 37.30
CA ARG D 327 26.05 7.71 37.71
C ARG D 327 27.30 8.51 37.35
N GLU D 328 27.55 8.75 36.05
CA GLU D 328 28.83 9.25 35.49
C GLU D 328 29.12 10.67 35.98
N HIS D 329 28.10 11.54 36.04
CA HIS D 329 28.23 12.97 36.43
C HIS D 329 28.05 13.16 37.94
N GLY D 330 27.63 12.12 38.69
CA GLY D 330 27.50 12.09 40.16
C GLY D 330 26.31 12.91 40.65
N LEU D 331 25.12 12.69 40.07
CA LEU D 331 23.89 13.48 40.31
C LEU D 331 22.96 12.71 41.26
N ASP D 332 22.60 13.32 42.39
CA ASP D 332 21.56 12.85 43.36
C ASP D 332 20.20 12.75 42.64
N HIS D 333 19.54 11.58 42.74
CA HIS D 333 18.27 11.25 42.02
C HIS D 333 17.11 12.15 42.48
N ALA D 334 17.21 12.77 43.67
CA ALA D 334 16.16 13.65 44.23
C ALA D 334 16.15 15.00 43.51
N LYS D 335 17.15 15.27 42.64
CA LYS D 335 17.32 16.54 41.87
C LYS D 335 17.28 16.30 40.35
N VAL D 336 16.55 15.27 39.88
CA VAL D 336 16.51 14.84 38.46
C VAL D 336 15.12 14.24 38.12
N ASN D 337 14.32 14.98 37.34
CA ASN D 337 12.96 14.57 36.86
C ASN D 337 12.03 14.39 38.06
N VAL D 338 11.94 15.44 38.90
CA VAL D 338 11.26 15.40 40.24
C VAL D 338 9.75 15.19 40.08
N TYR D 339 9.17 15.51 38.90
CA TYR D 339 7.78 15.15 38.53
C TYR D 339 7.78 13.90 37.65
N GLY D 340 8.94 13.29 37.44
CA GLY D 340 9.06 12.02 36.68
C GLY D 340 9.28 12.22 35.18
N GLY D 341 9.96 11.25 34.56
CA GLY D 341 10.34 11.30 33.13
C GLY D 341 9.40 10.51 32.26
N ALA D 342 9.73 10.44 30.98
CA ALA D 342 8.88 9.99 29.83
C ALA D 342 8.59 8.47 29.89
N CYS D 343 9.40 7.69 30.61
CA CYS D 343 9.14 6.26 30.96
C CYS D 343 7.84 6.11 31.76
N ALA D 344 7.28 7.23 32.23
CA ALA D 344 5.96 7.35 32.89
C ALA D 344 4.99 8.18 32.01
N GLN D 345 5.48 9.29 31.43
CA GLN D 345 4.67 10.39 30.80
C GLN D 345 4.52 10.17 29.28
N GLY D 346 5.57 9.69 28.62
CA GLY D 346 5.62 9.56 27.15
C GLY D 346 6.73 10.42 26.58
N HIS D 347 7.00 10.28 25.28
CA HIS D 347 8.06 11.00 24.53
C HIS D 347 7.66 11.13 23.06
N PRO D 348 6.84 12.14 22.73
CA PRO D 348 6.59 12.52 21.33
C PRO D 348 7.83 13.12 20.66
N VAL D 349 8.69 12.25 20.10
CA VAL D 349 10.12 12.54 19.75
C VAL D 349 10.34 14.04 19.46
N GLY D 350 9.55 14.62 18.56
CA GLY D 350 9.75 16.01 18.09
C GLY D 350 9.67 17.04 19.20
N SER D 351 8.88 16.79 20.25
CA SER D 351 8.43 17.81 21.24
C SER D 351 9.31 17.84 22.49
N THR D 352 9.78 16.69 22.97
CA THR D 352 10.36 16.55 24.33
C THR D 352 11.44 17.62 24.56
N GLY D 353 12.44 17.74 23.69
CA GLY D 353 13.52 18.72 23.84
C GLY D 353 13.06 20.01 24.49
N SER D 354 11.90 20.53 24.06
CA SER D 354 11.35 21.84 24.46
C SER D 354 10.49 21.68 25.71
N ARG D 355 9.70 20.61 25.80
CA ARG D 355 8.88 20.30 27.01
C ARG D 355 9.79 20.34 28.25
N ILE D 356 10.83 19.51 28.29
CA ILE D 356 11.73 19.33 29.47
C ILE D 356 12.38 20.66 29.86
N ILE D 357 12.46 21.63 28.95
CA ILE D 357 12.97 23.00 29.24
C ILE D 357 11.91 23.74 30.05
N LEU D 358 10.66 23.65 29.61
CA LEU D 358 9.46 24.23 30.25
C LEU D 358 9.28 23.56 31.63
N THR D 359 9.36 22.23 31.68
CA THR D 359 9.16 21.39 32.89
C THR D 359 10.24 21.73 33.93
N LEU D 360 11.51 21.75 33.49
CA LEU D 360 12.69 22.25 34.26
C LEU D 360 12.36 23.63 34.82
N ILE D 361 12.18 24.62 33.94
CA ILE D 361 11.78 26.00 34.34
C ILE D 361 10.77 25.87 35.46
N ASN D 362 9.63 25.22 35.17
CA ASN D 362 8.40 25.20 36.00
C ASN D 362 8.65 24.43 37.31
N ALA D 363 9.77 23.72 37.44
CA ALA D 363 10.17 22.98 38.65
C ALA D 363 10.99 23.90 39.56
N LEU D 364 11.93 24.63 38.96
CA LEU D 364 12.73 25.68 39.63
C LEU D 364 11.76 26.63 40.35
N ARG D 365 10.52 26.76 39.84
CA ARG D 365 9.47 27.64 40.41
C ARG D 365 8.86 27.00 41.67
N GLN D 366 8.11 25.89 41.50
CA GLN D 366 7.35 25.21 42.59
C GLN D 366 8.31 24.64 43.66
N LYS D 367 9.60 24.43 43.35
CA LYS D 367 10.63 23.98 44.31
C LYS D 367 11.48 25.18 44.77
N GLY D 368 11.06 26.40 44.37
CA GLY D 368 11.77 27.66 44.65
C GLY D 368 13.27 27.56 44.36
N GLY D 369 13.65 26.78 43.35
CA GLY D 369 15.04 26.65 42.86
C GLY D 369 15.37 27.74 41.87
N LYS D 370 16.58 27.71 41.26
CA LYS D 370 17.05 28.72 40.27
C LYS D 370 17.77 28.04 39.09
N ARG D 371 19.08 27.75 39.21
CA ARG D 371 19.94 27.30 38.08
C ARG D 371 19.55 25.88 37.66
N GLY D 372 19.29 25.64 36.37
CA GLY D 372 18.78 24.35 35.83
C GLY D 372 19.54 23.86 34.61
N VAL D 373 19.50 22.56 34.33
CA VAL D 373 20.12 21.95 33.11
C VAL D 373 19.21 20.84 32.57
N ALA D 374 18.69 21.01 31.35
CA ALA D 374 18.00 19.95 30.58
C ALA D 374 18.97 19.38 29.56
N SER D 375 19.04 18.05 29.44
CA SER D 375 19.75 17.31 28.37
C SER D 375 18.93 16.11 27.91
N LEU D 376 19.00 15.82 26.61
CA LEU D 376 18.41 14.57 26.06
C LEU D 376 19.37 13.95 25.02
N CYS D 377 19.20 12.66 24.74
CA CYS D 377 20.04 11.88 23.81
C CYS D 377 19.39 11.89 22.44
N ILE D 378 20.16 11.64 21.38
CA ILE D 378 19.73 11.81 19.97
C ILE D 378 20.17 10.61 19.13
N GLY D 379 19.22 9.79 18.73
CA GLY D 379 19.43 8.71 17.74
C GLY D 379 20.24 9.25 16.59
N GLY D 380 21.34 8.58 16.24
CA GLY D 380 22.39 9.12 15.37
C GLY D 380 23.59 9.56 16.19
N GLY D 381 23.48 9.40 17.50
CA GLY D 381 24.63 9.43 18.42
C GLY D 381 25.00 10.83 18.83
N GLU D 382 24.02 11.62 19.26
CA GLU D 382 24.21 13.02 19.70
C GLU D 382 23.42 13.27 20.98
N ALA D 383 23.80 14.35 21.66
CA ALA D 383 23.05 14.96 22.76
C ALA D 383 22.97 16.48 22.57
N THR D 384 21.98 17.11 23.17
CA THR D 384 21.90 18.59 23.28
C THR D 384 21.64 18.93 24.74
N ALA D 385 22.47 19.81 25.29
CA ALA D 385 22.41 20.27 26.69
C ALA D 385 22.04 21.76 26.72
N VAL D 386 20.95 22.13 27.41
CA VAL D 386 20.58 23.58 27.63
C VAL D 386 20.75 23.93 29.11
N ALA D 387 21.23 25.14 29.42
CA ALA D 387 21.42 25.63 30.80
C ALA D 387 20.78 27.02 30.97
N LEU D 388 19.78 27.13 31.87
CA LEU D 388 19.01 28.38 32.08
C LEU D 388 18.93 28.75 33.58
N GLU D 389 18.42 29.96 33.87
CA GLU D 389 18.27 30.56 35.23
C GLU D 389 16.90 31.27 35.37
N LEU D 390 16.16 30.97 36.43
CA LEU D 390 14.86 31.65 36.75
C LEU D 390 15.06 33.14 37.00
N LEU D 391 14.10 33.95 36.53
CA LEU D 391 14.08 35.43 36.72
C LEU D 391 12.81 35.80 37.50
N1A COA E . 12.35 23.63 -22.70
C2A COA E . 11.76 22.77 -23.55
N3A COA E . 11.12 21.64 -23.28
C4A COA E . 11.13 21.39 -21.97
C5A COA E . 11.69 22.16 -20.97
C6A COA E . 12.34 23.35 -21.37
N6A COA E . 12.94 24.19 -20.53
N7A COA E . 11.50 21.57 -19.72
C8A COA E . 10.82 20.46 -19.99
N9A COA E . 10.56 20.31 -21.34
C1B COA E . 9.89 19.23 -22.02
C2B COA E . 10.13 17.87 -21.39
O2B COA E . 11.45 17.50 -21.70
C3B COA E . 8.94 17.13 -22.03
O3B COA E . 9.01 16.96 -23.45
P3B COA E . 7.95 15.84 -24.03
O7A COA E . 6.56 16.25 -23.58
O8A COA E . 8.39 14.53 -23.35
O9A COA E . 8.04 15.77 -25.57
C4B COA E . 7.84 18.14 -21.71
O4B COA E . 8.49 19.41 -21.94
C5B COA E . 7.28 18.13 -20.30
O5B COA E . 7.30 16.80 -19.73
P1A COA E . 8.26 16.44 -18.50
O1A COA E . 8.90 17.67 -17.97
O2A COA E . 9.16 15.32 -18.89
O3A COA E . 7.20 15.90 -17.43
P2A COA E . 5.79 16.44 -16.91
O4A COA E . 5.05 17.01 -18.09
O5A COA E . 5.14 15.45 -16.00
O6A COA E . 6.26 17.59 -15.91
CBP COA E . 5.37 19.57 -14.82
CCP COA E . 5.85 18.97 -16.13
CDP COA E . 5.19 21.08 -15.03
CEP COA E . 4.03 18.93 -14.42
CAP COA E . 6.40 19.36 -13.69
OAP COA E . 7.64 19.90 -14.11
C9P COA E . 5.96 20.01 -12.38
O9P COA E . 4.88 19.70 -11.87
N8P COA E . 6.77 20.91 -11.86
C7P COA E . 6.82 21.17 -10.43
C6P COA E . 7.10 22.58 -10.13
C5P COA E . 7.16 22.75 -8.63
O5P COA E . 6.22 22.39 -7.93
N4P COA E . 8.25 23.29 -8.09
C3P COA E . 8.25 23.93 -6.79
C2P COA E . 7.88 25.39 -6.89
S1P COA E . 8.03 26.27 -5.31
N1A COA F . 14.85 -19.23 -24.78
C2A COA F . 15.83 -18.32 -24.59
N3A COA F . 15.95 -17.40 -23.63
C4A COA F . 14.92 -17.45 -22.78
C5A COA F . 13.85 -18.30 -22.84
C6A COA F . 13.83 -19.25 -23.90
N6A COA F . 12.87 -20.15 -24.10
N7A COA F . 12.98 -18.04 -21.78
C8A COA F . 13.52 -17.04 -21.13
N9A COA F . 14.73 -16.65 -21.69
C1B COA F . 15.59 -15.57 -21.26
C2B COA F . 14.93 -14.20 -21.41
O2B COA F . 14.89 -13.82 -22.77
C3B COA F . 15.87 -13.37 -20.52
O3B COA F . 17.02 -12.95 -21.23
P3B COA F . 17.45 -11.41 -20.97
O7A COA F . 18.38 -11.42 -19.74
O8A COA F . 16.20 -10.55 -20.74
O9A COA F . 18.17 -11.02 -22.26
C4B COA F . 16.25 -14.34 -19.40
O4B COA F . 15.86 -15.66 -19.88
C5B COA F . 15.56 -14.07 -18.08
O5B COA F . 14.18 -14.49 -18.16
P1A COA F . 12.93 -13.48 -18.17
O1A COA F . 12.07 -13.78 -19.35
O2A COA F . 13.41 -12.09 -17.95
O3A COA F . 12.18 -13.91 -16.84
P2A COA F . 12.64 -13.68 -15.33
O4A COA F . 14.05 -14.16 -15.16
O5A COA F . 12.31 -12.28 -14.93
O6A COA F . 11.68 -14.71 -14.55
CBP COA F . 11.00 -17.00 -13.99
CCP COA F . 12.13 -16.09 -14.45
CDP COA F . 11.63 -18.37 -13.68
CEP COA F . 10.39 -16.44 -12.69
CAP COA F . 9.92 -17.13 -15.09
OAP COA F . 10.40 -17.57 -16.37
C9P COA F . 8.73 -18.01 -14.76
O9P COA F . 7.95 -18.25 -15.68
N8P COA F . 8.59 -18.53 -13.53
C7P COA F . 7.31 -18.99 -13.00
C6P COA F . 6.84 -20.29 -13.62
C5P COA F . 5.33 -20.46 -13.63
O5P COA F . 4.64 -19.92 -14.50
N4P COA F . 4.80 -21.23 -12.67
C3P COA F . 3.64 -22.09 -12.90
C2P COA F . 4.05 -23.49 -13.30
S1P COA F . 3.19 -24.81 -12.42
N1A COA G . -32.22 -5.48 13.10
C2A COA G . -31.80 -4.59 14.02
N3A COA G . -30.69 -3.86 14.04
C4A COA G . -29.93 -4.12 12.96
C5A COA G . -30.21 -5.01 11.95
C6A COA G . -31.41 -5.74 12.03
N6A COA G . -31.83 -6.62 11.13
N7A COA G . -29.18 -5.00 11.01
C8A COA G . -28.33 -4.11 11.46
N9A COA G . -28.74 -3.57 12.65
C1B COA G . -28.07 -2.55 13.44
C2B COA G . -26.67 -2.95 13.84
O2B COA G . -26.72 -3.91 14.86
C3B COA G . -26.15 -1.58 14.22
O3B COA G . -26.68 -1.21 15.50
P3B COA G . -25.76 -0.09 16.22
O7A COA G . -24.59 -0.89 16.77
O8A COA G . -26.60 0.53 17.32
O9A COA G . -25.32 0.94 15.18
C4B COA G . -26.71 -0.70 13.11
O4B COA G . -27.92 -1.38 12.68
C5B COA G . -25.80 -0.48 11.94
O5B COA G . -25.45 -1.76 11.30
P1A COA G . -23.91 -2.13 11.12
O1A COA G . -23.76 -3.45 10.45
O2A COA G . -23.19 -1.92 12.41
O3A COA G . -23.45 -0.98 10.11
P2A COA G . -22.95 -0.99 8.60
O4A COA G . -23.05 0.40 8.06
O5A COA G . -21.66 -1.71 8.49
O6A COA G . -24.10 -1.89 7.95
CBP COA G . -24.29 -2.97 5.82
CCP COA G . -24.50 -1.67 6.59
CDP COA G . -22.79 -3.29 5.75
CEP COA G . -25.01 -4.13 6.53
CAP COA G . -24.88 -2.73 4.43
OAP COA G . -24.43 -1.48 3.92
C9P COA G . -24.56 -3.87 3.47
O9P COA G . -25.30 -4.85 3.43
N8P COA G . -23.51 -3.75 2.67
C7P COA G . -23.12 -4.86 1.81
C6P COA G . -24.03 -5.06 0.59
C5P COA G . -24.54 -6.47 0.43
O5P COA G . -24.98 -7.07 1.40
N4P COA G . -24.51 -7.02 -0.79
C3P COA G . -24.70 -8.45 -1.02
C2P COA G . -26.14 -8.80 -1.34
S1P COA G . -26.50 -9.16 -3.08
N1A COA H . 5.23 1.15 34.47
C2A COA H . 4.53 0.01 34.49
N3A COA H . 3.96 -0.64 33.48
C4A COA H . 4.15 0.01 32.33
C5A COA H . 4.85 1.18 32.16
C6A COA H . 5.41 1.78 33.30
N6A COA H . 6.10 2.91 33.29
N7A COA H . 4.84 1.54 30.81
C8A COA H . 4.16 0.60 30.21
N9A COA H . 3.72 -0.36 31.08
C1B COA H . 2.97 -1.54 30.76
C2B COA H . 1.60 -1.32 30.15
O2B COA H . 0.67 -0.96 31.17
C3B COA H . 1.34 -2.67 29.47
O3B COA H . 0.76 -3.63 30.37
P3B COA H . -0.06 -4.87 29.69
O7A COA H . -1.42 -4.35 29.26
O8A COA H . 0.73 -5.42 28.52
O9A COA H . -0.20 -5.90 30.82
C4B COA H . 2.75 -3.11 29.07
O4B COA H . 3.67 -2.23 29.75
C5B COA H . 3.06 -3.09 27.58
O5B COA H . 2.14 -2.23 26.86
P1A COA H . 2.75 -0.91 26.20
O1A COA H . 3.36 -0.09 27.30
O2A COA H . 1.74 -0.30 25.29
O3A COA H . 3.93 -1.47 25.27
P2A COA H . 4.08 -1.68 23.69
O4A COA H . 3.09 -0.83 22.95
O5A COA H . 4.10 -3.15 23.41
O6A COA H . 5.55 -1.13 23.37
CBP COA H . 7.93 -0.78 23.66
CCP COA H . 6.63 -1.25 24.33
CDP COA H . 9.00 -0.59 24.75
CEP COA H . 8.40 -1.87 22.69
CAP COA H . 7.73 0.53 22.87
OAP COA H . 7.21 1.53 23.76
C9P COA H . 8.93 1.11 22.15
O9P COA H . 9.16 0.76 20.98
N8P COA H . 9.66 2.02 22.78
C7P COA H . 9.99 3.31 22.17
C6P COA H . 11.34 3.85 22.61
C5P COA H . 12.20 4.23 21.43
O5P COA H . 12.86 3.38 20.82
N4P COA H . 12.29 5.52 21.11
C3P COA H . 12.82 6.54 22.01
C2P COA H . 13.81 7.45 21.32
S1P COA H . 15.48 7.37 22.02
#